data_3MLE
#
_entry.id   3MLE
#
_cell.length_a   79.773
_cell.length_b   131.905
_cell.length_c   133.099
_cell.angle_alpha   90.00
_cell.angle_beta   90.00
_cell.angle_gamma   90.00
#
_symmetry.space_group_name_H-M   'P 21 21 21'
#
loop_
_entity.id
_entity.type
_entity.pdbx_description
1 polymer 'Dethiobiotin synthetase'
2 non-polymer 'PHOSPHATE ION'
3 non-polymer 'MAGNESIUM ION'
4 non-polymer 'NITRATE ION'
5 non-polymer 'CHLORIDE ION'
6 non-polymer '8-aminooctanoic acid'
7 non-polymer "ADENOSINE-5'-DIPHOSPHATE"
8 water water
#
_entity_poly.entity_id   1
_entity_poly.type   'polypeptide(L)'
_entity_poly.pdbx_seq_one_letter_code
;MGSSHHHHHHSSGRENLYFQGHMLFISATNTNAGKTTCARLLAQYCNACGVKTILLKPIETGVNDAINHSSDAHLFLQDN
RLLDRSLTLKDISFYRYHKVSAPLIAQQEEDPNAPIDTDNLTQRLHNFTKTYDLVIVEGAGGLCVPITLEENMLDFALKL
KAKMLLISHDNLGLINDCLLNDFLLKSHQLDYKIAINLKGNNTAFHSISLPYIELFNTRSNNPIVIFQQSLKVLMSFALK
GS
;
_entity_poly.pdbx_strand_id   A,B,C,D,E,F
#
loop_
_chem_comp.id
_chem_comp.type
_chem_comp.name
_chem_comp.formula
8AC non-polymer '8-aminooctanoic acid' 'C8 H17 N O2'
ADP non-polymer ADENOSINE-5'-DIPHOSPHATE 'C10 H15 N5 O10 P2'
CL non-polymer 'CHLORIDE ION' 'Cl -1'
MG non-polymer 'MAGNESIUM ION' 'Mg 2'
NO3 non-polymer 'NITRATE ION' 'N O3 -1'
PO4 non-polymer 'PHOSPHATE ION' 'O4 P -3'
#
# COMPACT_ATOMS: atom_id res chain seq x y z
N GLY A 21 15.97 -22.82 -30.55
CA GLY A 21 16.11 -22.11 -29.24
C GLY A 21 15.12 -22.62 -28.18
N HIS A 22 15.28 -22.09 -26.98
CA HIS A 22 14.46 -22.47 -25.86
C HIS A 22 13.56 -21.33 -25.49
N MET A 23 12.43 -21.64 -24.91
CA MET A 23 11.47 -20.62 -24.53
C MET A 23 11.04 -20.75 -23.06
N LEU A 24 11.20 -19.62 -22.35
CA LEU A 24 10.86 -19.51 -20.93
C LEU A 24 9.72 -18.54 -20.79
N PHE A 25 8.61 -19.05 -20.28
CA PHE A 25 7.50 -18.19 -19.91
C PHE A 25 7.68 -17.72 -18.46
N ILE A 26 7.44 -16.43 -18.25
CA ILE A 26 7.54 -15.85 -16.92
C ILE A 26 6.20 -15.31 -16.48
N SER A 27 5.73 -15.86 -15.38
CA SER A 27 4.49 -15.44 -14.76
C SER A 27 4.74 -15.17 -13.28
N ALA A 28 3.67 -14.92 -12.54
CA ALA A 28 3.86 -14.53 -11.13
C ALA A 28 2.69 -14.90 -10.25
N THR A 29 2.90 -14.71 -8.95
CA THR A 29 1.88 -14.98 -7.95
C THR A 29 0.72 -14.05 -8.23
N ASN A 30 1.08 -12.85 -8.60
CA ASN A 30 0.13 -11.88 -9.16
C ASN A 30 0.84 -10.75 -9.95
N THR A 31 0.06 -9.76 -10.36
CA THR A 31 0.65 -8.56 -10.90
C THR A 31 1.48 -7.83 -9.87
N ASN A 32 2.43 -7.06 -10.36
CA ASN A 32 3.29 -6.21 -9.49
C ASN A 32 4.15 -7.04 -8.50
N ALA A 33 4.56 -8.22 -8.95
CA ALA A 33 5.29 -9.19 -8.15
C ALA A 33 6.78 -9.19 -8.45
N GLY A 34 7.12 -8.74 -9.64
CA GLY A 34 8.52 -8.67 -10.09
C GLY A 34 8.84 -9.35 -11.41
N LYS A 35 7.82 -9.75 -12.14
CA LYS A 35 8.06 -10.45 -13.42
C LYS A 35 9.09 -9.70 -14.26
N THR A 36 8.77 -8.43 -14.53
CA THR A 36 9.58 -7.59 -15.41
C THR A 36 11.01 -7.43 -14.90
N THR A 37 11.16 -7.07 -13.63
CA THR A 37 12.50 -6.89 -13.07
C THR A 37 13.35 -8.17 -13.15
N CYS A 38 12.75 -9.28 -12.72
CA CYS A 38 13.46 -10.56 -12.68
C CYS A 38 13.79 -11.01 -14.10
N ALA A 39 12.83 -10.83 -15.00
CA ALA A 39 13.02 -11.19 -16.38
C ALA A 39 14.28 -10.48 -16.92
N ARG A 40 14.38 -9.19 -16.65
CA ARG A 40 15.53 -8.42 -17.12
C ARG A 40 16.82 -8.91 -16.47
N LEU A 41 16.79 -9.08 -15.17
CA LEU A 41 17.96 -9.59 -14.46
C LEU A 41 18.47 -10.94 -15.04
N LEU A 42 17.54 -11.82 -15.35
CA LEU A 42 17.87 -13.14 -15.93
C LEU A 42 18.44 -13.01 -17.36
N ALA A 43 17.78 -12.19 -18.18
CA ALA A 43 18.25 -11.96 -19.56
C ALA A 43 19.67 -11.37 -19.52
N GLN A 44 19.84 -10.40 -18.63
CA GLN A 44 21.12 -9.72 -18.45
C GLN A 44 22.21 -10.74 -18.19
N TYR A 45 21.92 -11.66 -17.26
CA TYR A 45 22.87 -12.69 -16.87
C TYR A 45 23.18 -13.58 -18.07
N CYS A 46 22.12 -14.06 -18.71
CA CYS A 46 22.24 -14.94 -19.85
C CYS A 46 23.08 -14.35 -20.95
N ASN A 47 22.71 -13.14 -21.33
CA ASN A 47 23.41 -12.44 -22.43
C ASN A 47 24.89 -12.21 -22.08
N ALA A 48 25.17 -11.99 -20.81
CA ALA A 48 26.54 -11.82 -20.34
C ALA A 48 27.33 -13.11 -20.52
N CYS A 49 26.66 -14.24 -20.28
CA CYS A 49 27.27 -15.59 -20.41
C CYS A 49 27.34 -16.07 -21.85
N GLY A 50 27.00 -15.20 -22.78
CA GLY A 50 27.03 -15.56 -24.19
C GLY A 50 25.81 -16.34 -24.65
N VAL A 51 24.78 -16.37 -23.82
CA VAL A 51 23.48 -16.97 -24.20
C VAL A 51 22.52 -15.91 -24.77
N LYS A 52 22.39 -15.93 -26.09
CA LYS A 52 21.68 -14.85 -26.80
C LYS A 52 20.20 -14.86 -26.42
N THR A 53 19.81 -13.87 -25.63
CA THR A 53 18.46 -13.84 -25.04
C THR A 53 17.63 -12.59 -25.30
N ILE A 54 16.47 -12.82 -25.90
CA ILE A 54 15.51 -11.76 -26.18
C ILE A 54 14.38 -11.75 -25.20
N LEU A 55 13.83 -10.55 -24.97
CA LEU A 55 12.76 -10.34 -23.97
C LEU A 55 11.48 -9.90 -24.66
N LEU A 56 10.42 -10.66 -24.46
CA LEU A 56 9.12 -10.36 -25.09
C LEU A 56 7.95 -10.15 -24.12
N LYS A 57 7.15 -9.13 -24.42
CA LYS A 57 5.93 -8.87 -23.66
C LYS A 57 4.79 -8.87 -24.65
N PRO A 58 4.31 -10.06 -25.04
CA PRO A 58 3.33 -10.17 -26.14
C PRO A 58 2.03 -9.45 -25.88
N ILE A 59 1.54 -9.57 -24.65
CA ILE A 59 0.31 -8.92 -24.24
C ILE A 59 0.62 -8.01 -23.09
N GLU A 60 0.20 -6.76 -23.20
CA GLU A 60 0.35 -5.79 -22.13
C GLU A 60 -0.86 -4.86 -21.97
N THR A 61 -1.23 -4.57 -20.74
CA THR A 61 -2.37 -3.69 -20.45
C THR A 61 -1.96 -2.62 -19.46
N GLY A 62 -2.81 -1.61 -19.35
CA GLY A 62 -2.54 -0.45 -18.53
C GLY A 62 -1.50 0.49 -19.12
N VAL A 63 -1.35 0.49 -20.44
CA VAL A 63 -0.35 1.33 -21.08
C VAL A 63 -0.91 2.45 -21.96
N ASN A 64 -0.16 3.53 -22.08
CA ASN A 64 -0.47 4.59 -23.00
C ASN A 64 0.81 5.05 -23.68
N ASP A 65 1.07 4.49 -24.85
CA ASP A 65 2.37 4.62 -25.48
C ASP A 65 2.69 6.03 -26.03
N ALA A 66 1.67 6.85 -26.21
CA ALA A 66 1.85 8.24 -26.58
C ALA A 66 2.52 9.03 -25.45
N ILE A 67 2.21 8.68 -24.21
CA ILE A 67 2.53 9.51 -23.05
C ILE A 67 3.69 8.93 -22.21
N ASN A 68 3.62 7.63 -21.99
CA ASN A 68 4.52 6.96 -21.07
C ASN A 68 5.39 5.95 -21.81
N HIS A 69 6.70 6.04 -21.60
CA HIS A 69 7.63 5.17 -22.28
C HIS A 69 8.34 4.22 -21.30
N SER A 70 7.62 3.82 -20.28
CA SER A 70 8.23 2.97 -19.26
C SER A 70 7.54 1.66 -19.11
N SER A 71 6.73 1.29 -20.09
CA SER A 71 6.03 0.05 -20.04
C SER A 71 7.04 -1.06 -20.07
N ASP A 72 6.57 -2.25 -19.67
CA ASP A 72 7.41 -3.42 -19.66
C ASP A 72 8.02 -3.60 -21.02
N ALA A 73 7.20 -3.40 -22.05
CA ALA A 73 7.67 -3.60 -23.41
C ALA A 73 8.83 -2.64 -23.67
N HIS A 74 8.70 -1.40 -23.20
CA HIS A 74 9.72 -0.36 -23.48
C HIS A 74 11.03 -0.72 -22.82
N LEU A 75 10.96 -1.17 -21.58
CA LEU A 75 12.15 -1.58 -20.88
C LEU A 75 12.78 -2.74 -21.66
N PHE A 76 11.97 -3.68 -22.09
CA PHE A 76 12.47 -4.84 -22.82
C PHE A 76 13.13 -4.40 -24.09
N LEU A 77 12.48 -3.48 -24.78
CA LEU A 77 12.97 -2.98 -26.08
C LEU A 77 14.40 -2.44 -26.01
N GLN A 78 14.64 -1.63 -24.97
CA GLN A 78 15.94 -1.03 -24.81
CA GLN A 78 15.94 -1.02 -24.76
C GLN A 78 17.00 -2.07 -24.42
N ASP A 79 16.59 -3.16 -23.76
CA ASP A 79 17.55 -4.22 -23.48
C ASP A 79 17.84 -4.97 -24.78
N ASN A 80 16.77 -5.27 -25.50
CA ASN A 80 16.84 -6.07 -26.71
C ASN A 80 17.68 -5.42 -27.78
N ARG A 81 17.71 -4.10 -27.75
CA ARG A 81 18.42 -3.33 -28.77
C ARG A 81 19.92 -3.45 -28.67
N LEU A 82 20.41 -3.89 -27.54
CA LEU A 82 21.83 -4.20 -27.36
C LEU A 82 22.23 -5.39 -28.23
N LEU A 83 21.24 -6.21 -28.58
CA LEU A 83 21.43 -7.37 -29.44
C LEU A 83 21.07 -7.03 -30.87
N ASP A 84 19.92 -6.39 -31.05
CA ASP A 84 19.44 -6.02 -32.37
C ASP A 84 18.86 -4.63 -32.35
N ARG A 85 19.66 -3.68 -32.79
CA ARG A 85 19.28 -2.27 -32.80
C ARG A 85 18.00 -1.94 -33.65
N SER A 86 17.78 -2.70 -34.71
CA SER A 86 16.67 -2.44 -35.60
C SER A 86 15.28 -2.66 -34.95
N LEU A 87 15.27 -3.33 -33.79
CA LEU A 87 14.01 -3.76 -33.18
C LEU A 87 13.15 -2.58 -32.73
N THR A 88 11.84 -2.78 -32.82
CA THR A 88 10.86 -1.75 -32.44
C THR A 88 9.79 -2.34 -31.53
N LEU A 89 9.07 -1.46 -30.84
CA LEU A 89 8.10 -1.89 -29.79
C LEU A 89 7.16 -2.96 -30.36
N LYS A 90 6.63 -2.65 -31.55
CA LYS A 90 5.62 -3.51 -32.20
CA LYS A 90 5.62 -3.49 -32.21
C LYS A 90 6.18 -4.90 -32.56
N ASP A 91 7.51 -5.00 -32.68
CA ASP A 91 8.21 -6.30 -32.91
C ASP A 91 8.17 -7.26 -31.72
N ILE A 92 8.10 -6.72 -30.51
CA ILE A 92 8.21 -7.55 -29.27
C ILE A 92 6.98 -7.48 -28.37
N SER A 93 6.01 -6.67 -28.77
CA SER A 93 4.73 -6.57 -28.05
C SER A 93 3.64 -6.33 -29.06
N PHE A 94 2.57 -7.12 -28.95
CA PHE A 94 1.58 -7.25 -30.02
C PHE A 94 0.14 -6.84 -29.69
N TYR A 95 -0.28 -7.10 -28.47
CA TYR A 95 -1.58 -6.65 -28.00
C TYR A 95 -1.39 -5.73 -26.82
N ARG A 96 -1.78 -4.48 -26.99
CA ARG A 96 -1.50 -3.41 -26.02
C ARG A 96 -2.74 -2.55 -25.80
N TYR A 97 -3.09 -2.37 -24.54
CA TYR A 97 -4.34 -1.66 -24.21
C TYR A 97 -4.16 -0.63 -23.09
N HIS A 98 -5.00 0.41 -23.12
CA HIS A 98 -4.98 1.48 -22.08
C HIS A 98 -5.53 1.03 -20.72
N LYS A 99 -6.56 0.21 -20.78
CA LYS A 99 -7.28 -0.20 -19.59
C LYS A 99 -6.39 -1.00 -18.61
N VAL A 100 -6.45 -0.65 -17.33
CA VAL A 100 -5.66 -1.33 -16.32
C VAL A 100 -6.42 -2.57 -15.83
N SER A 101 -6.37 -3.61 -16.64
CA SER A 101 -7.22 -4.78 -16.42
C SER A 101 -6.68 -6.03 -17.06
N ALA A 102 -7.36 -7.14 -16.81
CA ALA A 102 -7.06 -8.36 -17.53
C ALA A 102 -7.21 -8.06 -19.00
N PRO A 103 -6.39 -8.67 -19.84
CA PRO A 103 -6.42 -8.42 -21.27
C PRO A 103 -7.78 -8.66 -21.92
N LEU A 104 -8.45 -9.75 -21.56
CA LEU A 104 -9.75 -10.06 -22.18
C LEU A 104 -10.71 -8.88 -22.02
N ILE A 105 -10.75 -8.33 -20.82
CA ILE A 105 -11.63 -7.19 -20.52
C ILE A 105 -11.24 -5.94 -21.28
N ALA A 106 -9.94 -5.67 -21.28
CA ALA A 106 -9.36 -4.58 -22.08
C ALA A 106 -9.70 -4.73 -23.57
N GLN A 107 -9.44 -5.89 -24.12
CA GLN A 107 -9.70 -6.19 -25.56
C GLN A 107 -11.18 -5.89 -25.91
N GLN A 108 -12.09 -6.56 -25.21
CA GLN A 108 -13.54 -6.42 -25.45
C GLN A 108 -14.01 -4.97 -25.47
N GLU A 109 -13.47 -4.17 -24.58
CA GLU A 109 -13.82 -2.74 -24.46
C GLU A 109 -13.14 -1.85 -25.52
N GLU A 110 -11.88 -2.11 -25.80
CA GLU A 110 -11.09 -1.19 -26.63
C GLU A 110 -10.94 -1.62 -28.08
N ASP A 111 -11.06 -2.92 -28.32
CA ASP A 111 -10.90 -3.52 -29.64
C ASP A 111 -11.84 -4.72 -29.79
N PRO A 112 -13.16 -4.48 -29.73
CA PRO A 112 -14.17 -5.54 -29.71
C PRO A 112 -14.07 -6.49 -30.90
N ASN A 113 -13.71 -5.94 -32.05
CA ASN A 113 -13.66 -6.73 -33.28
C ASN A 113 -12.39 -7.53 -33.50
N ALA A 114 -11.53 -7.59 -32.48
CA ALA A 114 -10.20 -8.23 -32.61
C ALA A 114 -9.81 -9.02 -31.37
N PRO A 115 -10.42 -10.20 -31.21
CA PRO A 115 -10.02 -11.02 -30.08
C PRO A 115 -8.54 -11.35 -30.17
N ILE A 116 -7.92 -11.59 -29.06
CA ILE A 116 -6.51 -11.93 -29.04
C ILE A 116 -6.34 -13.30 -29.67
N ASP A 117 -5.42 -13.40 -30.60
CA ASP A 117 -5.16 -14.64 -31.32
C ASP A 117 -3.90 -15.34 -30.76
N THR A 118 -4.13 -16.36 -29.96
CA THR A 118 -3.01 -17.09 -29.35
C THR A 118 -2.23 -17.94 -30.36
N ASP A 119 -2.92 -18.40 -31.41
CA ASP A 119 -2.25 -19.13 -32.52
C ASP A 119 -1.23 -18.21 -33.23
N ASN A 120 -1.69 -17.03 -33.61
CA ASN A 120 -0.80 -15.96 -34.08
C ASN A 120 0.36 -15.70 -33.14
N LEU A 121 0.04 -15.39 -31.89
CA LEU A 121 1.06 -15.08 -30.91
C LEU A 121 2.09 -16.20 -30.85
N THR A 122 1.63 -17.45 -30.87
CA THR A 122 2.53 -18.60 -30.77
C THR A 122 3.53 -18.60 -31.92
N GLN A 123 3.04 -18.38 -33.14
CA GLN A 123 3.91 -18.34 -34.33
CA GLN A 123 3.92 -18.36 -34.32
C GLN A 123 5.02 -17.34 -34.10
N ARG A 124 4.60 -16.13 -33.72
CA ARG A 124 5.46 -14.97 -33.58
C ARG A 124 6.49 -15.18 -32.52
N LEU A 125 6.11 -15.84 -31.43
CA LEU A 125 7.06 -16.09 -30.37
C LEU A 125 8.08 -17.14 -30.81
N HIS A 126 7.55 -18.23 -31.33
CA HIS A 126 8.38 -19.38 -31.77
C HIS A 126 9.41 -18.92 -32.81
N ASN A 127 8.94 -18.05 -33.70
CA ASN A 127 9.78 -17.41 -34.71
C ASN A 127 11.10 -16.89 -34.17
N PHE A 128 11.03 -16.26 -33.00
CA PHE A 128 12.24 -15.73 -32.35
C PHE A 128 13.23 -16.82 -31.94
N THR A 129 12.72 -18.02 -31.64
CA THR A 129 13.61 -19.16 -31.27
C THR A 129 14.51 -19.57 -32.43
N LYS A 130 14.14 -19.19 -33.63
CA LYS A 130 14.97 -19.44 -34.81
C LYS A 130 16.30 -18.69 -34.71
N THR A 131 16.29 -17.49 -34.12
CA THR A 131 17.48 -16.61 -34.11
C THR A 131 18.04 -16.27 -32.74
N TYR A 132 17.36 -16.70 -31.69
CA TYR A 132 17.82 -16.50 -30.31
C TYR A 132 18.01 -17.82 -29.52
N ASP A 133 19.10 -17.91 -28.80
CA ASP A 133 19.35 -19.03 -27.88
C ASP A 133 18.24 -19.25 -26.86
N LEU A 134 17.69 -18.15 -26.35
CA LEU A 134 16.61 -18.15 -25.33
C LEU A 134 15.59 -17.02 -25.55
N VAL A 135 14.32 -17.40 -25.57
CA VAL A 135 13.25 -16.43 -25.75
C VAL A 135 12.46 -16.34 -24.46
N ILE A 136 12.61 -15.23 -23.76
CA ILE A 136 11.85 -15.02 -22.50
C ILE A 136 10.55 -14.27 -22.77
N VAL A 137 9.45 -14.83 -22.29
CA VAL A 137 8.10 -14.30 -22.54
C VAL A 137 7.43 -13.91 -21.25
N GLU A 138 7.23 -12.60 -21.04
CA GLU A 138 6.51 -12.13 -19.83
C GLU A 138 5.03 -12.22 -20.13
N GLY A 139 4.32 -12.90 -19.24
CA GLY A 139 2.87 -12.88 -19.26
C GLY A 139 2.34 -11.56 -18.74
N ALA A 140 1.07 -11.53 -18.36
CA ALA A 140 0.48 -10.35 -17.70
C ALA A 140 -0.25 -10.84 -16.47
N GLY A 141 -0.01 -10.16 -15.36
CA GLY A 141 -0.59 -10.54 -14.09
C GLY A 141 -0.20 -11.98 -13.77
N GLY A 142 -1.14 -12.76 -13.29
CA GLY A 142 -0.89 -14.17 -12.91
C GLY A 142 -1.34 -15.21 -13.95
N LEU A 143 -1.37 -16.46 -13.50
CA LEU A 143 -1.59 -17.63 -14.35
C LEU A 143 -3.02 -17.78 -14.83
N CYS A 144 -3.98 -17.44 -13.98
CA CYS A 144 -5.41 -17.59 -14.33
C CYS A 144 -6.01 -16.34 -14.94
N VAL A 145 -5.16 -15.37 -15.27
CA VAL A 145 -5.58 -14.14 -15.92
C VAL A 145 -6.09 -14.45 -17.32
N PRO A 146 -7.33 -14.06 -17.63
CA PRO A 146 -7.91 -14.42 -18.90
C PRO A 146 -7.46 -13.55 -20.07
N ILE A 147 -7.13 -14.23 -21.15
CA ILE A 147 -6.71 -13.59 -22.39
C ILE A 147 -7.87 -13.56 -23.39
N THR A 148 -8.51 -14.72 -23.56
CA THR A 148 -9.69 -14.85 -24.41
C THR A 148 -10.82 -15.56 -23.68
N LEU A 149 -11.99 -15.59 -24.30
CA LEU A 149 -13.15 -16.30 -23.77
C LEU A 149 -12.78 -17.72 -23.31
N GLU A 150 -11.89 -18.37 -24.05
CA GLU A 150 -11.54 -19.78 -23.81
C GLU A 150 -10.22 -20.00 -23.11
N GLU A 151 -9.38 -18.98 -23.05
CA GLU A 151 -7.95 -19.15 -22.65
C GLU A 151 -7.39 -18.13 -21.68
N ASN A 152 -6.59 -18.64 -20.76
CA ASN A 152 -5.87 -17.81 -19.82
C ASN A 152 -4.35 -17.93 -20.02
N MET A 153 -3.59 -17.21 -19.21
CA MET A 153 -2.13 -17.15 -19.35
C MET A 153 -1.48 -18.53 -19.22
N LEU A 154 -1.98 -19.35 -18.30
CA LEU A 154 -1.44 -20.70 -18.17
C LEU A 154 -1.65 -21.49 -19.49
N ASP A 155 -2.88 -21.39 -20.02
CA ASP A 155 -3.25 -22.06 -21.26
C ASP A 155 -2.27 -21.71 -22.38
N PHE A 156 -2.04 -20.42 -22.45
CA PHE A 156 -1.14 -19.82 -23.42
C PHE A 156 0.26 -20.42 -23.28
N ALA A 157 0.78 -20.43 -22.06
CA ALA A 157 2.12 -20.99 -21.76
C ALA A 157 2.23 -22.47 -22.17
N LEU A 158 1.12 -23.18 -22.02
CA LEU A 158 1.07 -24.60 -22.42
C LEU A 158 1.08 -24.73 -23.95
N LYS A 159 0.28 -23.89 -24.60
CA LYS A 159 0.21 -23.87 -26.06
C LYS A 159 1.58 -23.60 -26.67
N LEU A 160 2.31 -22.69 -26.01
CA LEU A 160 3.69 -22.37 -26.42
C LEU A 160 4.66 -23.51 -26.16
N LYS A 161 4.20 -24.53 -25.47
CA LYS A 161 5.06 -25.63 -25.03
C LYS A 161 6.32 -25.09 -24.31
N ALA A 162 6.17 -23.94 -23.68
CA ALA A 162 7.29 -23.29 -23.00
C ALA A 162 7.47 -23.82 -21.59
N LYS A 163 8.65 -23.51 -21.07
CA LYS A 163 8.95 -23.75 -19.67
C LYS A 163 8.48 -22.57 -18.86
N MET A 164 8.16 -22.83 -17.60
CA MET A 164 7.53 -21.84 -16.73
C MET A 164 8.40 -21.43 -15.57
N LEU A 165 8.57 -20.13 -15.47
CA LEU A 165 9.18 -19.52 -14.29
C LEU A 165 8.15 -18.63 -13.65
N LEU A 166 7.73 -19.03 -12.46
CA LEU A 166 6.72 -18.28 -11.70
C LEU A 166 7.34 -17.48 -10.57
N ILE A 167 7.22 -16.15 -10.66
CA ILE A 167 7.84 -15.25 -9.69
C ILE A 167 6.88 -14.99 -8.56
N SER A 168 7.40 -15.02 -7.34
CA SER A 168 6.60 -14.71 -6.16
C SER A 168 7.12 -13.48 -5.45
N HIS A 169 6.19 -12.77 -4.83
CA HIS A 169 6.57 -11.65 -3.96
C HIS A 169 7.22 -12.25 -2.72
N ASP A 170 7.82 -11.39 -1.92
CA ASP A 170 8.60 -11.80 -0.74
C ASP A 170 7.96 -11.43 0.61
N ASN A 171 6.66 -11.15 0.60
CA ASN A 171 5.96 -10.62 1.79
C ASN A 171 5.17 -11.66 2.51
N LEU A 172 4.73 -11.29 3.71
CA LEU A 172 3.76 -12.06 4.45
C LEU A 172 2.63 -12.43 3.52
N GLY A 173 2.35 -13.73 3.43
CA GLY A 173 1.32 -14.24 2.50
C GLY A 173 1.86 -15.01 1.32
N LEU A 174 3.19 -14.98 1.17
CA LEU A 174 3.82 -15.62 0.00
C LEU A 174 3.66 -17.15 0.01
N ILE A 175 3.67 -17.72 1.21
CA ILE A 175 3.53 -19.17 1.34
C ILE A 175 2.25 -19.61 0.64
N ASN A 176 1.13 -19.00 1.05
CA ASN A 176 -0.17 -19.35 0.50
C ASN A 176 -0.19 -19.23 -1.02
N ASP A 177 0.33 -18.10 -1.49
CA ASP A 177 0.35 -17.77 -2.91
C ASP A 177 1.24 -18.71 -3.69
N CYS A 178 2.41 -18.99 -3.15
CA CYS A 178 3.30 -19.96 -3.78
C CYS A 178 2.62 -21.32 -3.90
N LEU A 179 2.04 -21.79 -2.81
CA LEU A 179 1.46 -23.16 -2.77
C LEU A 179 0.23 -23.28 -3.65
N LEU A 180 -0.57 -22.25 -3.67
CA LEU A 180 -1.73 -22.25 -4.55
C LEU A 180 -1.29 -22.47 -6.00
N ASN A 181 -0.29 -21.72 -6.38
CA ASN A 181 0.25 -21.79 -7.73
C ASN A 181 0.94 -23.13 -7.97
N ASP A 182 1.66 -23.60 -6.96
CA ASP A 182 2.31 -24.91 -7.06
C ASP A 182 1.25 -25.92 -7.38
N PHE A 183 0.13 -25.84 -6.69
CA PHE A 183 -0.92 -26.83 -6.84
C PHE A 183 -1.44 -26.86 -8.26
N LEU A 184 -1.64 -25.68 -8.80
CA LEU A 184 -2.19 -25.56 -10.14
C LEU A 184 -1.18 -26.07 -11.19
N LEU A 185 0.08 -25.65 -11.02
CA LEU A 185 1.15 -25.99 -11.98
C LEU A 185 1.39 -27.50 -12.02
N LYS A 186 1.59 -28.08 -10.83
CA LYS A 186 1.86 -29.52 -10.70
C LYS A 186 0.72 -30.36 -11.25
N SER A 187 -0.45 -29.76 -11.39
CA SER A 187 -1.61 -30.41 -12.02
C SER A 187 -1.60 -30.37 -13.53
N HIS A 188 -0.54 -29.82 -14.12
CA HIS A 188 -0.46 -29.75 -15.58
C HIS A 188 0.90 -30.25 -16.11
N GLN A 189 0.91 -30.66 -17.37
CA GLN A 189 2.10 -31.23 -18.00
C GLN A 189 3.08 -30.15 -18.52
N LEU A 190 3.81 -29.55 -17.58
CA LEU A 190 4.87 -28.59 -17.93
C LEU A 190 5.93 -28.52 -16.85
N ASP A 191 7.14 -28.18 -17.24
CA ASP A 191 8.21 -28.01 -16.29
C ASP A 191 8.14 -26.60 -15.77
N TYR A 192 8.24 -26.46 -14.47
CA TYR A 192 8.16 -25.14 -13.88
C TYR A 192 9.07 -25.00 -12.70
N LYS A 193 9.37 -23.76 -12.39
CA LYS A 193 10.03 -23.43 -11.15
C LYS A 193 9.43 -22.21 -10.53
N ILE A 194 9.35 -22.18 -9.21
CA ILE A 194 8.85 -21.04 -8.48
C ILE A 194 10.01 -20.34 -7.79
N ALA A 195 10.18 -19.06 -8.09
CA ALA A 195 11.28 -18.26 -7.56
C ALA A 195 10.75 -17.09 -6.78
N ILE A 196 11.25 -16.90 -5.57
CA ILE A 196 10.90 -15.74 -4.78
C ILE A 196 11.76 -14.54 -5.13
N ASN A 197 11.10 -13.43 -5.49
CA ASN A 197 11.73 -12.14 -5.75
C ASN A 197 11.99 -11.41 -4.43
N LEU A 198 13.16 -11.69 -3.87
CA LEU A 198 13.52 -11.21 -2.55
C LEU A 198 14.26 -9.88 -2.62
N LYS A 199 13.66 -8.86 -2.01
CA LYS A 199 14.25 -7.55 -1.91
C LYS A 199 15.45 -7.68 -1.02
N GLY A 200 16.47 -6.88 -1.28
CA GLY A 200 17.74 -6.98 -0.58
C GLY A 200 17.63 -6.51 0.84
N ASN A 201 16.76 -5.53 1.07
CA ASN A 201 16.58 -4.96 2.40
C ASN A 201 15.56 -5.71 3.25
N ASN A 202 15.08 -6.85 2.77
CA ASN A 202 14.02 -7.61 3.45
C ASN A 202 14.60 -8.58 4.49
N THR A 203 14.83 -8.04 5.69
CA THR A 203 15.34 -8.84 6.79
C THR A 203 14.28 -9.79 7.33
N ALA A 204 13.02 -9.33 7.36
CA ALA A 204 11.91 -10.10 7.96
C ALA A 204 11.65 -11.45 7.32
N PHE A 205 11.83 -11.53 6.01
CA PHE A 205 11.58 -12.75 5.20
C PHE A 205 12.24 -13.99 5.74
N HIS A 206 13.49 -13.82 6.17
CA HIS A 206 14.33 -14.94 6.63
C HIS A 206 13.79 -15.61 7.88
N SER A 207 13.11 -14.86 8.75
CA SER A 207 12.48 -15.46 9.98
C SER A 207 10.96 -15.72 9.88
N ILE A 208 10.30 -15.02 8.97
CA ILE A 208 8.82 -15.08 8.85
C ILE A 208 8.30 -16.14 7.87
N SER A 209 8.94 -16.23 6.71
CA SER A 209 8.52 -17.13 5.60
C SER A 209 9.53 -18.24 5.28
N LEU A 210 10.83 -17.90 5.26
CA LEU A 210 11.90 -18.84 4.83
C LEU A 210 11.85 -20.20 5.51
N PRO A 211 11.59 -20.24 6.81
CA PRO A 211 11.54 -21.54 7.48
C PRO A 211 10.56 -22.51 6.80
N TYR A 212 9.37 -22.06 6.49
CA TYR A 212 8.42 -22.95 5.84
C TYR A 212 8.84 -23.37 4.45
N ILE A 213 9.45 -22.46 3.73
CA ILE A 213 9.98 -22.78 2.42
C ILE A 213 11.04 -23.91 2.55
N GLU A 214 11.97 -23.74 3.46
CA GLU A 214 13.00 -24.75 3.65
C GLU A 214 12.34 -26.08 3.90
N LEU A 215 11.39 -26.09 4.83
CA LEU A 215 10.65 -27.29 5.20
C LEU A 215 9.93 -27.89 4.02
N PHE A 216 9.17 -27.05 3.31
CA PHE A 216 8.51 -27.46 2.08
C PHE A 216 9.45 -28.12 1.09
N ASN A 217 10.64 -27.55 0.98
CA ASN A 217 11.63 -28.02 0.01
C ASN A 217 12.18 -29.40 0.36
N THR A 218 12.24 -29.70 1.63
CA THR A 218 12.74 -31.01 2.04
C THR A 218 11.79 -32.10 1.56
N ARG A 219 10.52 -31.75 1.32
CA ARG A 219 9.47 -32.73 1.04
C ARG A 219 8.91 -32.63 -0.36
N SER A 220 9.45 -31.73 -1.18
CA SER A 220 8.95 -31.55 -2.53
C SER A 220 10.05 -31.84 -3.56
N ASN A 221 9.67 -32.46 -4.67
CA ASN A 221 10.63 -32.68 -5.77
C ASN A 221 10.74 -31.48 -6.68
N ASN A 222 10.02 -30.40 -6.35
CA ASN A 222 10.12 -29.15 -7.13
C ASN A 222 10.37 -27.92 -6.22
N PRO A 223 11.56 -27.87 -5.60
CA PRO A 223 11.81 -26.86 -4.58
C PRO A 223 11.62 -25.44 -5.04
N ILE A 224 11.20 -24.61 -4.09
CA ILE A 224 11.08 -23.17 -4.26
C ILE A 224 12.43 -22.52 -3.98
N VAL A 225 12.92 -21.74 -4.94
CA VAL A 225 14.22 -21.11 -4.83
C VAL A 225 14.04 -19.64 -4.59
N ILE A 226 15.13 -18.97 -4.25
CA ILE A 226 15.17 -17.50 -4.17
C ILE A 226 15.82 -16.99 -5.45
N PHE A 227 15.03 -16.31 -6.26
CA PHE A 227 15.48 -15.81 -7.56
C PHE A 227 16.88 -15.18 -7.60
N GLN A 228 17.13 -14.22 -6.71
CA GLN A 228 18.38 -13.44 -6.73
C GLN A 228 19.60 -14.31 -6.47
N GLN A 229 19.36 -15.47 -5.84
CA GLN A 229 20.41 -16.44 -5.56
C GLN A 229 20.52 -17.57 -6.59
N SER A 230 19.74 -17.51 -7.65
CA SER A 230 19.52 -18.67 -8.52
C SER A 230 19.69 -18.38 -10.04
N LEU A 231 20.39 -17.30 -10.39
CA LEU A 231 20.57 -16.94 -11.77
C LEU A 231 21.17 -18.09 -12.61
N LYS A 232 22.30 -18.63 -12.14
CA LYS A 232 22.98 -19.75 -12.83
C LYS A 232 22.03 -20.94 -12.90
N VAL A 233 21.42 -21.27 -11.77
CA VAL A 233 20.51 -22.40 -11.76
C VAL A 233 19.37 -22.21 -12.74
N LEU A 234 18.82 -21.01 -12.77
CA LEU A 234 17.65 -20.70 -13.60
C LEU A 234 18.00 -20.64 -15.08
N MET A 235 19.20 -20.19 -15.38
CA MET A 235 19.65 -20.23 -16.76
C MET A 235 19.70 -21.68 -17.24
N SER A 236 20.30 -22.54 -16.44
CA SER A 236 20.39 -23.97 -16.74
C SER A 236 19.03 -24.55 -16.97
N PHE A 237 18.11 -24.29 -16.04
CA PHE A 237 16.73 -24.73 -16.15
C PHE A 237 16.10 -24.32 -17.50
N ALA A 238 16.28 -23.05 -17.82
CA ALA A 238 15.73 -22.46 -19.01
C ALA A 238 16.25 -23.08 -20.31
N LEU A 239 17.51 -23.51 -20.29
CA LEU A 239 18.19 -24.12 -21.46
C LEU A 239 18.21 -25.66 -21.47
N LYS A 240 17.79 -26.30 -20.38
CA LYS A 240 17.72 -27.78 -20.31
C LYS A 240 16.78 -28.35 -21.39
N GLY A 241 17.07 -29.54 -21.86
CA GLY A 241 16.21 -30.23 -22.84
C GLY A 241 15.14 -31.04 -22.11
N PHE B 19 34.61 1.02 0.81
CA PHE B 19 35.86 0.86 0.00
C PHE B 19 36.03 1.98 -1.04
N GLN B 20 36.73 1.65 -2.11
CA GLN B 20 36.73 2.50 -3.25
C GLN B 20 36.51 1.68 -4.49
N GLY B 21 35.55 2.12 -5.29
CA GLY B 21 35.40 1.59 -6.61
C GLY B 21 36.33 2.30 -7.57
N HIS B 22 36.34 1.75 -8.78
CA HIS B 22 37.13 2.24 -9.88
C HIS B 22 36.27 3.06 -10.80
N MET B 23 36.91 3.94 -11.56
CA MET B 23 36.16 4.81 -12.48
C MET B 23 36.64 4.73 -13.93
N LEU B 24 35.70 4.46 -14.83
CA LEU B 24 35.98 4.36 -16.26
C LEU B 24 35.26 5.47 -17.01
N PHE B 25 36.03 6.36 -17.62
CA PHE B 25 35.43 7.33 -18.49
C PHE B 25 35.32 6.72 -19.86
N ILE B 26 34.18 6.98 -20.50
CA ILE B 26 33.94 6.51 -21.86
C ILE B 26 33.70 7.65 -22.79
N SER B 27 34.56 7.73 -23.79
CA SER B 27 34.50 8.79 -24.80
C SER B 27 34.55 8.13 -26.16
N ALA B 28 34.63 8.93 -27.22
CA ALA B 28 34.57 8.35 -28.56
C ALA B 28 35.32 9.13 -29.61
N THR B 29 35.45 8.53 -30.78
CA THR B 29 36.08 9.22 -31.92
C THR B 29 35.29 10.46 -32.27
N ASN B 30 33.98 10.31 -32.17
CA ASN B 30 33.07 11.45 -32.19
C ASN B 30 31.69 11.10 -31.54
N THR B 31 30.74 12.02 -31.68
CA THR B 31 29.38 11.71 -31.30
C THR B 31 28.83 10.63 -32.22
N ASN B 32 27.83 9.91 -31.71
CA ASN B 32 27.09 8.89 -32.49
C ASN B 32 27.98 7.73 -32.93
N ALA B 33 28.95 7.42 -32.09
CA ALA B 33 29.98 6.40 -32.35
C ALA B 33 29.71 5.07 -31.64
N GLY B 34 28.93 5.15 -30.58
CA GLY B 34 28.56 3.96 -29.81
C GLY B 34 28.85 4.02 -28.31
N LYS B 35 29.22 5.18 -27.81
CA LYS B 35 29.52 5.31 -26.41
C LYS B 35 28.41 4.63 -25.57
N THR B 36 27.18 5.09 -25.79
CA THR B 36 26.07 4.66 -24.91
C THR B 36 25.81 3.16 -25.00
N THR B 37 25.73 2.64 -26.23
CA THR B 37 25.54 1.20 -26.43
C THR B 37 26.65 0.34 -25.80
N CYS B 38 27.88 0.71 -26.08
CA CYS B 38 29.02 -0.04 -25.56
C CYS B 38 29.08 0.06 -24.04
N ALA B 39 28.83 1.24 -23.52
CA ALA B 39 28.78 1.48 -22.08
C ALA B 39 27.80 0.47 -21.41
N ARG B 40 26.62 0.39 -21.98
CA ARG B 40 25.61 -0.51 -21.45
C ARG B 40 26.06 -1.95 -21.56
N LEU B 41 26.58 -2.32 -22.72
CA LEU B 41 27.07 -3.71 -22.93
C LEU B 41 28.11 -4.11 -21.88
N LEU B 42 28.99 -3.17 -21.59
CA LEU B 42 30.07 -3.37 -20.63
C LEU B 42 29.53 -3.49 -19.19
N ALA B 43 28.66 -2.56 -18.84
CA ALA B 43 28.01 -2.55 -17.51
C ALA B 43 27.24 -3.87 -17.31
N GLN B 44 26.53 -4.26 -18.35
CA GLN B 44 25.75 -5.51 -18.35
C GLN B 44 26.64 -6.69 -17.99
N TYR B 45 27.78 -6.75 -18.65
CA TYR B 45 28.73 -7.85 -18.45
C TYR B 45 29.29 -7.86 -17.05
N CYS B 46 29.76 -6.68 -16.64
CA CYS B 46 30.30 -6.48 -15.30
C CYS B 46 29.32 -6.89 -14.22
N ASN B 47 28.12 -6.37 -14.30
CA ASN B 47 27.07 -6.62 -13.29
C ASN B 47 26.75 -8.13 -13.25
N ALA B 48 26.76 -8.77 -14.41
CA ALA B 48 26.52 -10.21 -14.50
C ALA B 48 27.62 -11.00 -13.78
N CYS B 49 28.84 -10.47 -13.83
CA CYS B 49 30.01 -11.10 -13.19
C CYS B 49 30.11 -10.77 -11.70
N GLY B 50 29.09 -10.11 -11.19
CA GLY B 50 29.08 -9.71 -9.78
C GLY B 50 29.90 -8.46 -9.48
N VAL B 51 30.30 -7.75 -10.52
CA VAL B 51 30.99 -6.46 -10.39
C VAL B 51 29.96 -5.34 -10.44
N LYS B 52 29.66 -4.79 -9.27
CA LYS B 52 28.56 -3.82 -9.08
C LYS B 52 28.88 -2.51 -9.83
N THR B 53 28.18 -2.32 -10.95
CA THR B 53 28.49 -1.23 -11.89
C THR B 53 27.34 -0.30 -12.24
N ILE B 54 27.57 0.97 -11.95
CA ILE B 54 26.62 2.05 -12.24
C ILE B 54 27.03 2.80 -13.48
N LEU B 55 26.03 3.34 -14.17
CA LEU B 55 26.22 4.06 -15.42
C LEU B 55 25.81 5.51 -15.26
N LEU B 56 26.71 6.43 -15.57
CA LEU B 56 26.47 7.88 -15.40
C LEU B 56 26.67 8.68 -16.66
N LYS B 57 25.75 9.61 -16.89
CA LYS B 57 25.82 10.58 -18.00
C LYS B 57 25.76 12.00 -17.41
N PRO B 58 26.88 12.48 -16.88
CA PRO B 58 26.87 13.70 -16.12
C PRO B 58 26.43 14.92 -16.91
N ILE B 59 26.91 14.98 -18.15
CA ILE B 59 26.55 16.08 -19.03
C ILE B 59 25.91 15.48 -20.25
N GLU B 60 24.74 16.01 -20.62
CA GLU B 60 24.04 15.57 -21.83
C GLU B 60 23.35 16.74 -22.53
N THR B 61 23.42 16.74 -23.84
CA THR B 61 22.80 17.79 -24.64
C THR B 61 21.89 17.19 -25.70
N GLY B 62 21.11 18.04 -26.34
CA GLY B 62 20.14 17.59 -27.33
C GLY B 62 18.93 16.87 -26.76
N VAL B 63 18.62 17.15 -25.51
CA VAL B 63 17.54 16.43 -24.83
C VAL B 63 16.35 17.31 -24.48
N ASN B 64 15.16 16.70 -24.49
CA ASN B 64 13.95 17.32 -23.99
C ASN B 64 13.23 16.29 -23.13
N ASP B 65 13.40 16.39 -21.82
CA ASP B 65 12.94 15.36 -20.89
C ASP B 65 11.42 15.33 -20.67
N ALA B 66 10.75 16.42 -21.00
CA ALA B 66 9.29 16.47 -20.91
C ALA B 66 8.67 15.60 -21.99
N ILE B 67 9.35 15.50 -23.14
CA ILE B 67 8.79 14.88 -24.35
C ILE B 67 9.36 13.49 -24.63
N ASN B 68 10.67 13.36 -24.49
CA ASN B 68 11.40 12.16 -24.96
C ASN B 68 12.09 11.46 -23.79
N HIS B 69 11.86 10.17 -23.69
CA HIS B 69 12.42 9.40 -22.60
C HIS B 69 13.42 8.36 -23.06
N SER B 70 14.18 8.74 -24.08
CA SER B 70 15.16 7.82 -24.68
C SER B 70 16.57 8.35 -24.66
N SER B 71 16.82 9.38 -23.85
CA SER B 71 18.16 9.94 -23.73
C SER B 71 19.10 8.88 -23.17
N ASP B 72 20.38 9.18 -23.30
CA ASP B 72 21.38 8.32 -22.73
C ASP B 72 21.11 8.14 -21.24
N ALA B 73 20.81 9.23 -20.56
CA ALA B 73 20.56 9.21 -19.12
C ALA B 73 19.41 8.28 -18.79
N HIS B 74 18.36 8.32 -19.61
CA HIS B 74 17.17 7.46 -19.42
C HIS B 74 17.51 5.97 -19.55
N LEU B 75 18.27 5.64 -20.60
CA LEU B 75 18.67 4.26 -20.82
C LEU B 75 19.53 3.77 -19.67
N PHE B 76 20.45 4.61 -19.26
CA PHE B 76 21.27 4.31 -18.08
C PHE B 76 20.43 4.14 -16.82
N LEU B 77 19.41 5.01 -16.65
CA LEU B 77 18.60 4.98 -15.44
C LEU B 77 17.96 3.62 -15.26
N GLN B 78 17.38 3.12 -16.33
CA GLN B 78 16.68 1.87 -16.28
C GLN B 78 17.59 0.68 -16.08
N ASP B 79 18.84 0.79 -16.46
CA ASP B 79 19.79 -0.30 -16.20
C ASP B 79 20.22 -0.24 -14.76
N ASN B 80 20.46 0.99 -14.31
CA ASN B 80 20.90 1.25 -12.95
C ASN B 80 19.89 0.86 -11.89
N ARG B 81 18.62 0.92 -12.24
CA ARG B 81 17.53 0.62 -11.30
C ARG B 81 17.44 -0.86 -10.95
N LEU B 82 18.09 -1.71 -11.75
CA LEU B 82 18.24 -3.13 -11.44
C LEU B 82 19.11 -3.32 -10.20
N LEU B 83 19.94 -2.32 -9.93
CA LEU B 83 20.82 -2.33 -8.76
C LEU B 83 20.24 -1.53 -7.63
N ASP B 84 19.72 -0.35 -7.98
CA ASP B 84 19.12 0.60 -6.99
C ASP B 84 17.88 1.30 -7.56
N ARG B 85 16.75 0.71 -7.26
CA ARG B 85 15.45 1.18 -7.79
CA ARG B 85 15.43 1.16 -7.74
C ARG B 85 15.11 2.60 -7.36
N SER B 86 15.65 3.06 -6.24
CA SER B 86 15.31 4.40 -5.77
C SER B 86 15.87 5.49 -6.68
N LEU B 87 16.80 5.13 -7.56
CA LEU B 87 17.54 6.10 -8.35
C LEU B 87 16.63 6.87 -9.29
N THR B 88 17.00 8.12 -9.57
CA THR B 88 16.24 8.99 -10.48
C THR B 88 17.16 9.68 -11.47
N LEU B 89 16.59 10.21 -12.54
CA LEU B 89 17.39 10.81 -13.65
C LEU B 89 18.39 11.84 -13.08
N LYS B 90 17.87 12.69 -12.19
CA LYS B 90 18.63 13.79 -11.55
C LYS B 90 19.84 13.29 -10.72
N ASP B 91 19.78 12.04 -10.30
CA ASP B 91 20.85 11.39 -9.53
C ASP B 91 22.05 10.97 -10.36
N ILE B 92 21.82 10.70 -11.65
CA ILE B 92 22.90 10.19 -12.54
C ILE B 92 23.26 11.10 -13.73
N SER B 93 22.53 12.20 -13.87
CA SER B 93 22.77 13.19 -14.92
C SER B 93 22.46 14.57 -14.36
N PHE B 94 23.39 15.48 -14.57
CA PHE B 94 23.42 16.74 -13.79
C PHE B 94 23.31 18.04 -14.62
N TYR B 95 23.90 18.04 -15.80
CA TYR B 95 23.75 19.18 -16.69
C TYR B 95 23.12 18.72 -18.00
N ARG B 96 21.92 19.22 -18.24
CA ARG B 96 21.09 18.73 -19.35
C ARG B 96 20.49 19.89 -20.15
N TYR B 97 20.69 19.86 -21.45
CA TYR B 97 20.26 20.95 -22.31
C TYR B 97 19.50 20.49 -23.54
N HIS B 98 18.63 21.36 -24.04
CA HIS B 98 17.84 21.09 -25.28
C HIS B 98 18.68 21.17 -26.55
N LYS B 99 19.61 22.11 -26.58
CA LYS B 99 20.38 22.41 -27.78
C LYS B 99 21.26 21.25 -28.22
N VAL B 100 21.22 20.93 -29.50
CA VAL B 100 22.00 19.80 -30.02
C VAL B 100 23.39 20.30 -30.39
N SER B 101 24.22 20.39 -29.36
CA SER B 101 25.51 21.06 -29.47
C SER B 101 26.49 20.65 -28.39
N ALA B 102 27.70 21.18 -28.50
CA ALA B 102 28.69 21.07 -27.42
C ALA B 102 28.08 21.68 -26.18
N PRO B 103 28.37 21.11 -25.02
CA PRO B 103 27.78 21.60 -23.80
C PRO B 103 28.03 23.07 -23.51
N LEU B 104 29.26 23.52 -23.72
CA LEU B 104 29.60 24.92 -23.44
C LEU B 104 28.65 25.87 -24.18
N ILE B 105 28.38 25.56 -25.44
CA ILE B 105 27.50 26.38 -26.28
C ILE B 105 26.07 26.32 -25.77
N ALA B 106 25.62 25.11 -25.47
CA ALA B 106 24.31 24.89 -24.88
C ALA B 106 24.15 25.66 -23.59
N GLN B 107 25.08 25.48 -22.67
CA GLN B 107 25.08 26.17 -21.36
C GLN B 107 24.91 27.69 -21.54
N GLN B 108 25.84 28.29 -22.28
CA GLN B 108 25.86 29.76 -22.49
C GLN B 108 24.55 30.33 -23.00
N GLU B 109 23.91 29.59 -23.90
CA GLU B 109 22.63 29.98 -24.48
C GLU B 109 21.41 29.72 -23.57
N GLU B 110 21.41 28.60 -22.86
CA GLU B 110 20.21 28.16 -22.11
C GLU B 110 20.28 28.45 -20.62
N ASP B 111 21.49 28.53 -20.10
CA ASP B 111 21.72 28.74 -18.67
C ASP B 111 22.97 29.61 -18.46
N PRO B 112 22.94 30.85 -18.98
CA PRO B 112 24.11 31.74 -18.98
C PRO B 112 24.72 31.97 -17.61
N ASN B 113 23.87 31.97 -16.60
CA ASN B 113 24.31 32.26 -15.24
C ASN B 113 24.97 31.10 -14.50
N ALA B 114 25.03 29.95 -15.15
CA ALA B 114 25.41 28.71 -14.45
C ALA B 114 26.42 27.90 -15.27
N PRO B 115 27.69 28.35 -15.31
CA PRO B 115 28.70 27.57 -16.00
C PRO B 115 28.79 26.19 -15.40
N ILE B 116 29.19 25.22 -16.19
CA ILE B 116 29.28 23.83 -15.71
C ILE B 116 30.43 23.78 -14.73
N ASP B 117 30.17 23.17 -13.59
CA ASP B 117 31.17 23.09 -12.53
C ASP B 117 31.81 21.71 -12.44
N THR B 118 33.00 21.59 -13.00
CA THR B 118 33.69 20.30 -13.06
C THR B 118 34.19 19.82 -11.68
N ASP B 119 34.50 20.75 -10.80
CA ASP B 119 34.82 20.38 -9.41
C ASP B 119 33.65 19.66 -8.76
N ASN B 120 32.50 20.28 -8.89
CA ASN B 120 31.23 19.76 -8.43
C ASN B 120 30.95 18.37 -9.00
N LEU B 121 31.04 18.28 -10.33
CA LEU B 121 30.83 17.02 -11.04
C LEU B 121 31.76 15.93 -10.57
N THR B 122 33.01 16.30 -10.30
CA THR B 122 34.01 15.33 -9.84
C THR B 122 33.64 14.75 -8.49
N GLN B 123 33.21 15.60 -7.55
CA GLN B 123 32.80 15.13 -6.23
CA GLN B 123 32.79 15.14 -6.23
C GLN B 123 31.70 14.09 -6.39
N ARG B 124 30.66 14.47 -7.14
CA ARG B 124 29.50 13.63 -7.32
C ARG B 124 29.81 12.30 -7.95
N LEU B 125 30.73 12.31 -8.91
CA LEU B 125 31.06 11.06 -9.59
C LEU B 125 31.82 10.16 -8.62
N HIS B 126 32.83 10.71 -7.96
CA HIS B 126 33.64 9.92 -7.05
C HIS B 126 32.82 9.40 -5.92
N ASN B 127 31.85 10.20 -5.48
CA ASN B 127 30.88 9.77 -4.45
C ASN B 127 30.30 8.39 -4.72
N PHE B 128 29.98 8.12 -5.99
CA PHE B 128 29.45 6.82 -6.38
C PHE B 128 30.46 5.67 -6.19
N THR B 129 31.75 5.99 -6.26
CA THR B 129 32.81 4.95 -6.05
C THR B 129 32.79 4.43 -4.61
N LYS B 130 32.19 5.18 -3.71
CA LYS B 130 31.99 4.73 -2.30
C LYS B 130 31.08 3.52 -2.19
N THR B 131 30.11 3.41 -3.09
CA THR B 131 29.10 2.33 -3.03
C THR B 131 29.04 1.39 -4.27
N TYR B 132 29.79 1.72 -5.32
CA TYR B 132 29.87 0.85 -6.53
C TYR B 132 31.29 0.36 -6.80
N ASP B 133 31.41 -0.91 -7.17
CA ASP B 133 32.67 -1.52 -7.62
C ASP B 133 33.28 -0.81 -8.82
N LEU B 134 32.41 -0.37 -9.73
CA LEU B 134 32.81 0.34 -10.95
C LEU B 134 31.83 1.44 -11.32
N VAL B 135 32.38 2.61 -11.58
CA VAL B 135 31.56 3.76 -11.99
C VAL B 135 31.92 4.12 -13.42
N ILE B 136 31.00 3.84 -14.33
CA ILE B 136 31.17 4.20 -15.76
C ILE B 136 30.57 5.55 -16.06
N VAL B 137 31.39 6.43 -16.63
CA VAL B 137 31.01 7.82 -16.93
C VAL B 137 31.03 8.07 -18.45
N GLU B 138 29.85 8.27 -19.05
CA GLU B 138 29.80 8.63 -20.48
C GLU B 138 30.05 10.12 -20.59
N GLY B 139 31.02 10.47 -21.41
CA GLY B 139 31.21 11.88 -21.83
C GLY B 139 30.12 12.31 -22.79
N ALA B 140 30.36 13.40 -23.49
CA ALA B 140 29.46 13.82 -24.56
C ALA B 140 30.34 14.12 -25.78
N GLY B 141 29.92 13.60 -26.92
CA GLY B 141 30.69 13.72 -28.15
C GLY B 141 32.08 13.13 -27.96
N GLY B 142 33.08 13.81 -28.50
CA GLY B 142 34.49 13.38 -28.41
C GLY B 142 35.32 14.03 -27.29
N LEU B 143 36.64 13.87 -27.41
CA LEU B 143 37.59 14.29 -26.37
C LEU B 143 37.78 15.78 -26.27
N CYS B 144 37.80 16.45 -27.40
CA CYS B 144 38.07 17.90 -27.42
C CYS B 144 36.81 18.77 -27.34
N VAL B 145 35.68 18.11 -27.13
CA VAL B 145 34.39 18.79 -26.96
C VAL B 145 34.44 19.68 -25.71
N PRO B 146 34.18 20.96 -25.88
CA PRO B 146 34.33 21.89 -24.77
C PRO B 146 33.16 21.88 -23.82
N ILE B 147 33.51 21.89 -22.55
CA ILE B 147 32.52 21.90 -21.45
C ILE B 147 32.41 23.29 -20.84
N THR B 148 33.57 23.87 -20.57
CA THR B 148 33.66 25.25 -20.09
C THR B 148 34.66 26.07 -20.89
N LEU B 149 34.69 27.36 -20.62
CA LEU B 149 35.67 28.25 -21.23
C LEU B 149 37.09 27.67 -21.17
N GLU B 150 37.40 27.01 -20.05
CA GLU B 150 38.77 26.51 -19.79
C GLU B 150 38.98 25.01 -20.02
N GLU B 151 37.90 24.26 -20.14
CA GLU B 151 37.97 22.79 -20.06
C GLU B 151 37.15 22.05 -21.07
N ASN B 152 37.74 20.96 -21.53
CA ASN B 152 37.05 20.01 -22.44
C ASN B 152 36.91 18.62 -21.82
N MET B 153 36.29 17.72 -22.54
CA MET B 153 35.99 16.39 -22.00
C MET B 153 37.24 15.66 -21.56
N LEU B 154 38.32 15.82 -22.31
CA LEU B 154 39.58 15.15 -21.93
C LEU B 154 40.07 15.69 -20.59
N ASP B 155 40.01 17.00 -20.47
CA ASP B 155 40.42 17.71 -19.23
C ASP B 155 39.67 17.14 -18.04
N PHE B 156 38.37 17.02 -18.25
CA PHE B 156 37.45 16.49 -17.26
C PHE B 156 37.85 15.07 -16.84
N ALA B 157 38.08 14.21 -17.81
CA ALA B 157 38.50 12.82 -17.54
C ALA B 157 39.79 12.75 -16.71
N LEU B 158 40.70 13.68 -17.01
CA LEU B 158 41.97 13.78 -16.28
C LEU B 158 41.74 14.25 -14.84
N LYS B 159 40.90 15.26 -14.68
CA LYS B 159 40.53 15.79 -13.35
C LYS B 159 39.93 14.69 -12.48
N LEU B 160 39.11 13.84 -13.09
CA LEU B 160 38.49 12.67 -12.43
C LEU B 160 39.50 11.58 -12.10
N LYS B 161 40.72 11.76 -12.60
CA LYS B 161 41.76 10.74 -12.47
C LYS B 161 41.21 9.36 -12.89
N ALA B 162 40.29 9.37 -13.86
CA ALA B 162 39.68 8.14 -14.36
C ALA B 162 40.51 7.51 -15.46
N LYS B 163 40.19 6.26 -15.69
CA LYS B 163 40.71 5.53 -16.83
C LYS B 163 39.81 5.79 -18.01
N MET B 164 40.41 5.70 -19.20
CA MET B 164 39.74 6.09 -20.44
C MET B 164 39.48 4.94 -21.36
N LEU B 165 38.24 4.81 -21.77
CA LEU B 165 37.87 3.89 -22.84
C LEU B 165 37.31 4.73 -23.95
N LEU B 166 38.02 4.76 -25.05
CA LEU B 166 37.63 5.54 -26.24
C LEU B 166 37.04 4.64 -27.31
N ILE B 167 35.78 4.88 -27.62
CA ILE B 167 35.06 4.07 -28.61
C ILE B 167 35.21 4.66 -29.99
N SER B 168 35.47 3.80 -30.96
CA SER B 168 35.58 4.21 -32.36
C SER B 168 34.47 3.56 -33.20
N HIS B 169 34.04 4.30 -34.22
CA HIS B 169 33.12 3.75 -35.21
C HIS B 169 33.90 2.75 -36.04
N ASP B 170 33.18 1.98 -36.85
CA ASP B 170 33.74 0.86 -37.59
C ASP B 170 33.76 1.08 -39.10
N ASN B 171 33.71 2.33 -39.51
CA ASN B 171 33.62 2.66 -40.96
C ASN B 171 34.91 3.11 -41.57
N LEU B 172 34.92 3.16 -42.89
CA LEU B 172 35.98 3.81 -43.64
C LEU B 172 36.25 5.15 -43.00
N GLY B 173 37.53 5.40 -42.67
CA GLY B 173 37.95 6.63 -41.96
C GLY B 173 38.32 6.42 -40.49
N LEU B 174 38.06 5.21 -39.99
CA LEU B 174 38.30 4.90 -38.59
C LEU B 174 39.79 4.96 -38.23
N ILE B 175 40.62 4.55 -39.18
CA ILE B 175 42.07 4.58 -38.97
C ILE B 175 42.56 5.97 -38.57
N ASN B 176 42.23 6.94 -39.41
CA ASN B 176 42.58 8.32 -39.14
C ASN B 176 42.06 8.82 -37.81
N ASP B 177 40.80 8.51 -37.55
CA ASP B 177 40.15 8.94 -36.30
C ASP B 177 40.77 8.28 -35.07
N CYS B 178 41.02 6.98 -35.18
CA CYS B 178 41.65 6.28 -34.07
C CYS B 178 43.02 6.90 -33.76
N LEU B 179 43.82 7.05 -34.82
CA LEU B 179 45.21 7.50 -34.65
C LEU B 179 45.31 8.95 -34.16
N LEU B 180 44.43 9.80 -34.66
CA LEU B 180 44.36 11.17 -34.15
C LEU B 180 44.16 11.17 -32.62
N ASN B 181 43.20 10.37 -32.19
CA ASN B 181 42.85 10.26 -30.77
C ASN B 181 43.97 9.55 -29.98
N ASP B 182 44.59 8.55 -30.61
CA ASP B 182 45.74 7.90 -29.99
C ASP B 182 46.83 8.94 -29.71
N PHE B 183 47.06 9.78 -30.70
CA PHE B 183 48.11 10.77 -30.59
C PHE B 183 47.87 11.70 -29.43
N LEU B 184 46.64 12.15 -29.30
CA LEU B 184 46.26 13.06 -28.22
C LEU B 184 46.35 12.39 -26.84
N LEU B 185 45.81 11.17 -26.75
CA LEU B 185 45.76 10.44 -25.47
C LEU B 185 47.16 10.09 -24.96
N LYS B 186 47.97 9.49 -25.85
CA LYS B 186 49.35 9.10 -25.50
C LYS B 186 50.21 10.31 -25.07
N SER B 187 49.79 11.50 -25.48
CA SER B 187 50.41 12.76 -25.04
C SER B 187 50.02 13.21 -23.63
N HIS B 188 49.19 12.43 -22.93
CA HIS B 188 48.72 12.80 -21.59
C HIS B 188 48.85 11.68 -20.57
N GLN B 189 48.91 12.06 -19.30
CA GLN B 189 49.19 11.09 -18.22
C GLN B 189 47.89 10.39 -17.81
N LEU B 190 47.46 9.41 -18.61
CA LEU B 190 46.31 8.57 -18.24
C LEU B 190 46.40 7.22 -18.92
N ASP B 191 45.69 6.25 -18.35
CA ASP B 191 45.54 4.93 -18.94
C ASP B 191 44.35 4.89 -19.86
N TYR B 192 44.55 4.45 -21.10
CA TYR B 192 43.48 4.41 -22.04
C TYR B 192 43.54 3.20 -22.92
N LYS B 193 42.43 2.95 -23.57
CA LYS B 193 42.34 1.84 -24.46
C LYS B 193 41.33 2.27 -25.49
N ILE B 194 41.66 2.06 -26.76
CA ILE B 194 40.77 2.38 -27.87
C ILE B 194 40.08 1.10 -28.33
N ALA B 195 38.75 1.14 -28.38
CA ALA B 195 37.98 -0.01 -28.83
C ALA B 195 37.12 0.35 -30.06
N ILE B 196 37.13 -0.51 -31.05
CA ILE B 196 36.24 -0.35 -32.16
C ILE B 196 34.90 -0.98 -31.90
N ASN B 197 33.85 -0.18 -32.11
CA ASN B 197 32.46 -0.64 -32.02
C ASN B 197 32.05 -1.26 -33.37
N LEU B 198 32.24 -2.57 -33.47
CA LEU B 198 32.09 -3.27 -34.75
C LEU B 198 30.67 -3.77 -34.90
N LYS B 199 29.95 -3.19 -35.84
CA LYS B 199 28.60 -3.65 -36.14
C LYS B 199 28.71 -5.07 -36.69
N GLY B 200 27.79 -5.93 -36.27
CA GLY B 200 27.90 -7.33 -36.58
C GLY B 200 27.86 -7.60 -38.08
N ASN B 201 27.00 -6.85 -38.77
N ASN B 201 27.02 -6.87 -38.79
CA ASN B 201 26.76 -7.03 -40.20
CA ASN B 201 26.80 -7.11 -40.20
C ASN B 201 27.81 -6.35 -41.08
C ASN B 201 27.81 -6.36 -41.07
N ASN B 202 28.89 -5.85 -40.47
CA ASN B 202 29.94 -5.10 -41.21
C ASN B 202 31.04 -5.98 -41.76
N THR B 203 30.76 -6.56 -42.91
CA THR B 203 31.70 -7.48 -43.53
C THR B 203 32.95 -6.74 -44.04
N ALA B 204 32.72 -5.55 -44.56
CA ALA B 204 33.76 -4.72 -45.18
C ALA B 204 34.95 -4.40 -44.26
N PHE B 205 34.66 -4.15 -42.98
CA PHE B 205 35.70 -3.79 -42.01
C PHE B 205 36.91 -4.72 -42.05
N HIS B 206 36.64 -6.02 -42.11
CA HIS B 206 37.65 -7.08 -42.00
C HIS B 206 38.71 -7.01 -43.07
N SER B 207 38.34 -6.56 -44.27
CA SER B 207 39.29 -6.41 -45.37
C SER B 207 39.76 -4.95 -45.66
N ILE B 208 38.97 -3.96 -45.24
CA ILE B 208 39.26 -2.57 -45.52
C ILE B 208 40.11 -1.88 -44.45
N SER B 209 39.78 -2.08 -43.17
CA SER B 209 40.46 -1.39 -42.08
C SER B 209 41.28 -2.31 -41.12
N LEU B 210 40.75 -3.50 -40.80
CA LEU B 210 41.39 -4.42 -39.85
C LEU B 210 42.89 -4.67 -40.13
N PRO B 211 43.26 -4.86 -41.41
CA PRO B 211 44.67 -5.11 -41.71
C PRO B 211 45.61 -4.06 -41.12
N TYR B 212 45.31 -2.78 -41.34
CA TYR B 212 46.14 -1.74 -40.74
C TYR B 212 46.10 -1.72 -39.21
N ILE B 213 44.95 -2.03 -38.63
CA ILE B 213 44.87 -2.13 -37.17
C ILE B 213 45.82 -3.21 -36.59
N GLU B 214 45.81 -4.37 -37.25
CA GLU B 214 46.73 -5.46 -36.88
C GLU B 214 48.16 -4.98 -36.97
N LEU B 215 48.48 -4.36 -38.10
CA LEU B 215 49.81 -3.82 -38.33
C LEU B 215 50.19 -2.79 -37.29
N PHE B 216 49.31 -1.82 -37.09
CA PHE B 216 49.46 -0.82 -36.00
C PHE B 216 49.72 -1.42 -34.60
N ASN B 217 49.00 -2.47 -34.30
CA ASN B 217 49.10 -3.15 -33.01
C ASN B 217 50.43 -3.82 -32.81
N THR B 218 51.07 -4.26 -33.89
CA THR B 218 52.39 -4.88 -33.78
C THR B 218 53.42 -3.84 -33.36
N ARG B 219 53.14 -2.57 -33.62
CA ARG B 219 54.11 -1.49 -33.41
C ARG B 219 53.69 -0.49 -32.34
N SER B 220 52.62 -0.79 -31.63
CA SER B 220 52.16 0.11 -30.57
C SER B 220 52.09 -0.56 -29.21
N ASN B 221 52.43 0.21 -28.18
CA ASN B 221 52.34 -0.25 -26.79
C ASN B 221 50.91 -0.37 -26.33
N ASN B 222 50.02 0.29 -27.08
CA ASN B 222 48.64 0.40 -26.70
C ASN B 222 47.72 -0.06 -27.81
N PRO B 223 47.62 -1.38 -28.01
CA PRO B 223 46.89 -1.91 -29.14
C PRO B 223 45.41 -1.55 -29.14
N ILE B 224 44.90 -1.40 -30.35
CA ILE B 224 43.48 -1.18 -30.59
C ILE B 224 42.72 -2.49 -30.64
N VAL B 225 41.70 -2.64 -29.77
CA VAL B 225 40.93 -3.88 -29.70
C VAL B 225 39.58 -3.71 -30.34
N ILE B 226 38.87 -4.83 -30.50
CA ILE B 226 37.49 -4.80 -30.99
C ILE B 226 36.57 -4.94 -29.79
N PHE B 227 35.76 -3.92 -29.56
CA PHE B 227 34.95 -3.89 -28.34
C PHE B 227 34.14 -5.15 -28.07
N GLN B 228 33.37 -5.56 -29.06
CA GLN B 228 32.50 -6.73 -28.91
C GLN B 228 33.28 -8.03 -28.59
N GLN B 229 34.58 -8.05 -28.85
CA GLN B 229 35.41 -9.22 -28.60
C GLN B 229 36.24 -9.05 -27.32
N SER B 230 36.02 -7.96 -26.60
CA SER B 230 36.91 -7.59 -25.50
C SER B 230 36.22 -7.25 -24.19
N LEU B 231 35.04 -7.78 -23.97
CA LEU B 231 34.35 -7.54 -22.68
C LEU B 231 35.19 -7.96 -21.48
N LYS B 232 35.67 -9.22 -21.47
CA LYS B 232 36.46 -9.70 -20.31
C LYS B 232 37.69 -8.82 -20.12
N VAL B 233 38.42 -8.62 -21.23
CA VAL B 233 39.65 -7.84 -21.22
C VAL B 233 39.39 -6.41 -20.69
N LEU B 234 38.26 -5.84 -21.11
CA LEU B 234 37.96 -4.44 -20.81
C LEU B 234 37.48 -4.29 -19.36
N MET B 235 36.82 -5.31 -18.85
CA MET B 235 36.44 -5.30 -17.45
C MET B 235 37.69 -5.33 -16.58
N SER B 236 38.64 -6.18 -16.96
CA SER B 236 39.93 -6.24 -16.25
C SER B 236 40.59 -4.90 -16.25
N PHE B 237 40.68 -4.31 -17.42
CA PHE B 237 41.31 -3.01 -17.58
C PHE B 237 40.69 -1.99 -16.66
N ALA B 238 39.37 -1.97 -16.64
CA ALA B 238 38.62 -1.00 -15.84
C ALA B 238 38.86 -1.16 -14.32
N LEU B 239 39.07 -2.40 -13.89
CA LEU B 239 39.26 -2.70 -12.47
C LEU B 239 40.73 -2.78 -12.03
N LYS B 240 41.66 -2.78 -12.98
CA LYS B 240 43.09 -2.81 -12.70
C LYS B 240 43.46 -1.58 -11.87
N GLY B 241 44.52 -1.69 -11.06
CA GLY B 241 44.76 -0.72 -9.98
C GLY B 241 46.03 0.13 -10.03
N SER B 242 46.72 0.18 -8.88
CA SER B 242 47.92 1.01 -8.68
C SER B 242 49.20 0.21 -8.91
N PHE C 19 -30.83 -31.40 18.49
CA PHE C 19 -30.36 -30.36 17.53
C PHE C 19 -28.91 -30.60 17.17
N GLN C 20 -28.64 -30.60 15.87
CA GLN C 20 -27.28 -30.52 15.34
C GLN C 20 -27.18 -29.27 14.46
N GLY C 21 -26.30 -28.36 14.84
CA GLY C 21 -26.07 -27.12 14.12
C GLY C 21 -25.09 -27.28 12.98
N HIS C 22 -24.99 -26.22 12.19
CA HIS C 22 -24.17 -26.19 10.97
C HIS C 22 -22.84 -25.45 11.18
N MET C 23 -21.85 -25.82 10.41
CA MET C 23 -20.53 -25.20 10.53
C MET C 23 -20.03 -24.60 9.22
N LEU C 24 -19.67 -23.33 9.33
CA LEU C 24 -19.12 -22.57 8.21
C LEU C 24 -17.70 -22.16 8.48
N PHE C 25 -16.80 -22.66 7.64
CA PHE C 25 -15.40 -22.25 7.70
C PHE C 25 -15.27 -21.05 6.83
N ILE C 26 -14.56 -20.06 7.35
CA ILE C 26 -14.27 -18.85 6.56
C ILE C 26 -12.78 -18.68 6.35
N SER C 27 -12.42 -18.65 5.09
CA SER C 27 -11.04 -18.46 4.66
C SER C 27 -10.99 -17.35 3.63
N ALA C 28 -9.83 -17.14 3.03
CA ALA C 28 -9.65 -16.02 2.15
C ALA C 28 -8.59 -16.20 1.09
N THR C 29 -8.59 -15.28 0.14
CA THR C 29 -7.61 -15.31 -0.96
C THR C 29 -6.25 -15.18 -0.33
N ASN C 30 -6.20 -14.36 0.72
CA ASN C 30 -5.02 -14.28 1.56
C ASN C 30 -5.35 -13.56 2.86
N THR C 31 -4.34 -13.33 3.69
CA THR C 31 -4.52 -12.54 4.90
C THR C 31 -4.90 -11.13 4.54
N ASN C 32 -5.57 -10.48 5.47
CA ASN C 32 -5.98 -9.06 5.33
C ASN C 32 -6.93 -8.83 4.15
N ALA C 33 -7.79 -9.81 3.92
CA ALA C 33 -8.75 -9.85 2.80
C ALA C 33 -10.17 -9.46 3.19
N GLY C 34 -10.46 -9.64 4.47
CA GLY C 34 -11.79 -9.33 5.01
C GLY C 34 -12.49 -10.47 5.75
N LYS C 35 -11.77 -11.55 6.01
CA LYS C 35 -12.39 -12.67 6.72
C LYS C 35 -13.17 -12.17 7.93
N THR C 36 -12.47 -11.47 8.81
CA THR C 36 -13.03 -11.08 10.11
C THR C 36 -14.24 -10.19 9.92
N THR C 37 -14.09 -9.14 9.13
CA THR C 37 -15.20 -8.21 8.92
C THR C 37 -16.44 -8.91 8.33
N CYS C 38 -16.21 -9.69 7.28
CA CYS C 38 -17.31 -10.39 6.62
C CYS C 38 -17.94 -11.39 7.56
N ALA C 39 -17.12 -12.12 8.27
CA ALA C 39 -17.62 -13.09 9.30
C ALA C 39 -18.63 -12.40 10.22
N ARG C 40 -18.22 -11.26 10.75
CA ARG C 40 -19.06 -10.51 11.68
C ARG C 40 -20.34 -10.06 10.99
N LEU C 41 -20.20 -9.47 9.83
CA LEU C 41 -21.37 -9.02 9.07
C LEU C 41 -22.41 -10.14 8.84
N LEU C 42 -21.90 -11.33 8.53
CA LEU C 42 -22.72 -12.53 8.31
C LEU C 42 -23.40 -13.03 9.61
N ALA C 43 -22.61 -13.10 10.66
CA ALA C 43 -23.09 -13.51 11.99
C ALA C 43 -24.19 -12.53 12.44
N GLN C 44 -23.91 -11.24 12.27
CA GLN C 44 -24.84 -10.18 12.62
C GLN C 44 -26.17 -10.42 11.94
N TYR C 45 -26.12 -10.69 10.65
CA TYR C 45 -27.33 -10.92 9.85
C TYR C 45 -28.10 -12.14 10.37
N CYS C 46 -27.37 -13.23 10.50
CA CYS C 46 -27.92 -14.50 10.97
C CYS C 46 -28.61 -14.36 12.30
N ASN C 47 -27.89 -13.79 13.26
CA ASN C 47 -28.43 -13.60 14.61
C ASN C 47 -29.67 -12.71 14.61
N ALA C 48 -29.69 -11.72 13.73
CA ALA C 48 -30.84 -10.84 13.59
C ALA C 48 -32.05 -11.60 13.04
N CYS C 49 -31.81 -12.58 12.18
CA CYS C 49 -32.87 -13.43 11.61
C CYS C 49 -33.28 -14.58 12.55
N GLY C 50 -32.78 -14.55 13.77
CA GLY C 50 -33.08 -15.59 14.75
C GLY C 50 -32.29 -16.87 14.55
N VAL C 51 -31.24 -16.80 13.75
CA VAL C 51 -30.33 -17.93 13.56
C VAL C 51 -29.14 -17.79 14.51
N LYS C 52 -29.19 -18.58 15.58
CA LYS C 52 -28.26 -18.46 16.72
C LYS C 52 -26.83 -18.80 16.25
N THR C 53 -26.02 -17.76 16.08
CA THR C 53 -24.67 -17.89 15.47
C THR C 53 -23.52 -17.43 16.35
N ILE C 54 -22.59 -18.34 16.59
CA ILE C 54 -21.34 -18.04 17.30
C ILE C 54 -20.15 -17.86 16.32
N LEU C 55 -19.19 -17.03 16.73
CA LEU C 55 -18.00 -16.72 15.93
C LEU C 55 -16.74 -17.24 16.61
N LEU C 56 -15.99 -18.07 15.91
CA LEU C 56 -14.78 -18.69 16.47
C LEU C 56 -13.52 -18.38 15.66
N LYS C 57 -12.44 -18.10 16.37
CA LYS C 57 -11.09 -17.92 15.77
C LYS C 57 -10.11 -18.89 16.45
N PRO C 58 -10.17 -20.17 16.09
CA PRO C 58 -9.45 -21.22 16.81
C PRO C 58 -7.95 -21.02 16.88
N ILE C 59 -7.40 -20.60 15.76
CA ILE C 59 -5.98 -20.33 15.65
C ILE C 59 -5.81 -18.90 15.20
N GLU C 60 -4.99 -18.16 15.96
CA GLU C 60 -4.67 -16.77 15.65
C GLU C 60 -3.20 -16.45 15.95
N THR C 61 -2.61 -15.67 15.06
CA THR C 61 -1.22 -15.28 15.19
C THR C 61 -1.12 -13.76 15.18
N GLY C 62 0.05 -13.25 15.52
CA GLY C 62 0.32 -11.81 15.48
C GLY C 62 -0.38 -11.05 16.60
N VAL C 63 -0.64 -11.77 17.70
CA VAL C 63 -1.40 -11.21 18.84
C VAL C 63 -0.58 -11.10 20.11
N ASN C 64 -0.88 -10.10 20.93
CA ASN C 64 -0.32 -9.95 22.27
C ASN C 64 -1.44 -9.58 23.24
N ASP C 65 -2.00 -10.59 23.89
CA ASP C 65 -3.24 -10.39 24.66
C ASP C 65 -3.08 -9.68 25.99
N ALA C 66 -1.85 -9.59 26.48
CA ALA C 66 -1.50 -8.75 27.61
C ALA C 66 -1.63 -7.26 27.29
N ILE C 67 -1.36 -6.88 26.07
CA ILE C 67 -1.24 -5.48 25.70
C ILE C 67 -2.46 -4.97 25.00
N ASN C 68 -2.99 -5.74 24.06
CA ASN C 68 -4.09 -5.21 23.29
C ASN C 68 -5.20 -6.18 23.04
N HIS C 69 -6.38 -5.60 22.92
CA HIS C 69 -7.62 -6.33 22.96
C HIS C 69 -8.43 -6.16 21.71
N SER C 70 -7.73 -6.10 20.57
CA SER C 70 -8.37 -5.82 19.27
CA SER C 70 -8.35 -5.80 19.27
C SER C 70 -8.13 -6.92 18.25
N SER C 71 -7.70 -8.09 18.72
CA SER C 71 -7.52 -9.24 17.87
C SER C 71 -8.86 -9.70 17.33
N ASP C 72 -8.81 -10.52 16.30
CA ASP C 72 -10.03 -11.12 15.73
C ASP C 72 -10.86 -11.85 16.83
N ALA C 73 -10.17 -12.59 17.69
CA ALA C 73 -10.85 -13.31 18.78
C ALA C 73 -11.56 -12.32 19.71
N HIS C 74 -10.94 -11.16 19.95
CA HIS C 74 -11.57 -10.16 20.83
C HIS C 74 -12.83 -9.56 20.22
N LEU C 75 -12.74 -9.22 18.94
CA LEU C 75 -13.89 -8.68 18.25
C LEU C 75 -15.01 -9.69 18.26
N PHE C 76 -14.67 -10.95 17.99
CA PHE C 76 -15.63 -12.05 18.03
C PHE C 76 -16.28 -12.19 19.41
N LEU C 77 -15.45 -12.14 20.45
CA LEU C 77 -15.90 -12.34 21.84
C LEU C 77 -17.01 -11.36 22.18
N GLN C 78 -16.82 -10.11 21.80
CA GLN C 78 -17.78 -9.07 22.12
C GLN C 78 -19.08 -9.24 21.33
N ASP C 79 -19.02 -9.86 20.18
CA ASP C 79 -20.25 -10.10 19.43
C ASP C 79 -20.96 -11.30 20.01
N ASN C 80 -20.19 -12.31 20.33
CA ASN C 80 -20.69 -13.52 20.91
C ASN C 80 -21.36 -13.30 22.28
N ARG C 81 -20.85 -12.36 23.04
CA ARG C 81 -21.36 -12.10 24.37
C ARG C 81 -22.78 -11.58 24.40
N LEU C 82 -23.28 -11.14 23.25
CA LEU C 82 -24.67 -10.75 23.08
C LEU C 82 -25.59 -11.98 23.13
N LEU C 83 -25.00 -13.13 22.87
CA LEU C 83 -25.72 -14.40 22.97
C LEU C 83 -25.46 -15.09 24.29
N ASP C 84 -24.20 -15.09 24.71
CA ASP C 84 -23.73 -15.77 25.93
C ASP C 84 -22.65 -14.94 26.62
N ARG C 85 -23.10 -14.15 27.57
CA ARG C 85 -22.25 -13.22 28.29
C ARG C 85 -21.15 -13.90 29.11
N SER C 86 -21.33 -15.15 29.49
CA SER C 86 -20.32 -15.85 30.28
C SER C 86 -19.06 -16.18 29.50
N LEU C 87 -19.12 -16.03 28.18
CA LEU C 87 -18.01 -16.46 27.30
C LEU C 87 -16.74 -15.67 27.55
N THR C 88 -15.62 -16.34 27.33
CA THR C 88 -14.29 -15.73 27.45
C THR C 88 -13.40 -15.98 26.22
N LEU C 89 -12.33 -15.21 26.12
CA LEU C 89 -11.43 -15.34 24.96
C LEU C 89 -11.01 -16.81 24.78
N LYS C 90 -10.54 -17.41 25.85
CA LYS C 90 -10.03 -18.83 25.84
C LYS C 90 -11.09 -19.87 25.41
N ASP C 91 -12.36 -19.49 25.49
CA ASP C 91 -13.48 -20.35 25.06
C ASP C 91 -13.65 -20.42 23.56
N ILE C 92 -13.21 -19.38 22.86
CA ILE C 92 -13.45 -19.24 21.38
C ILE C 92 -12.18 -19.13 20.53
N SER C 93 -11.05 -19.10 21.21
CA SER C 93 -9.75 -19.11 20.56
C SER C 93 -8.77 -19.89 21.40
N PHE C 94 -8.03 -20.77 20.74
CA PHE C 94 -7.30 -21.84 21.46
C PHE C 94 -5.79 -21.87 21.27
N TYR C 95 -5.34 -21.52 20.08
CA TYR C 95 -3.90 -21.41 19.81
C TYR C 95 -3.58 -19.99 19.37
N ARG C 96 -2.82 -19.30 20.19
CA ARG C 96 -2.59 -17.87 20.02
C ARG C 96 -1.10 -17.56 20.18
N TYR C 97 -0.54 -16.84 19.19
CA TYR C 97 0.89 -16.54 19.16
C TYR C 97 1.24 -15.08 18.85
N HIS C 98 2.36 -14.62 19.37
CA HIS C 98 2.84 -13.25 19.12
C HIS C 98 3.34 -13.05 17.68
N LYS C 99 4.00 -14.06 17.15
CA LYS C 99 4.68 -13.94 15.86
C LYS C 99 3.71 -13.68 14.69
N VAL C 100 4.03 -12.70 13.87
CA VAL C 100 3.16 -12.37 12.76
C VAL C 100 3.52 -13.28 11.57
N SER C 101 3.00 -14.50 11.61
CA SER C 101 3.39 -15.55 10.69
C SER C 101 2.33 -16.63 10.53
N ALA C 102 2.61 -17.60 9.65
CA ALA C 102 1.82 -18.86 9.61
C ALA C 102 1.91 -19.50 10.96
N PRO C 103 0.80 -20.12 11.40
CA PRO C 103 0.76 -20.72 12.73
C PRO C 103 1.87 -21.74 12.97
N LEU C 104 2.13 -22.60 11.99
CA LEU C 104 3.15 -23.63 12.19
C LEU C 104 4.47 -23.01 12.65
N ILE C 105 4.86 -21.95 11.96
CA ILE C 105 6.13 -21.25 12.23
C ILE C 105 6.13 -20.61 13.61
N ALA C 106 5.02 -19.97 13.93
CA ALA C 106 4.77 -19.37 15.24
C ALA C 106 4.85 -20.41 16.36
N GLN C 107 4.09 -21.49 16.19
CA GLN C 107 4.09 -22.62 17.15
C GLN C 107 5.52 -23.13 17.44
N GLN C 108 6.22 -23.53 16.38
CA GLN C 108 7.57 -24.08 16.49
C GLN C 108 8.53 -23.18 17.28
N GLU C 109 8.41 -21.88 17.06
CA GLU C 109 9.27 -20.90 17.72
C GLU C 109 8.85 -20.56 19.16
N GLU C 110 7.56 -20.45 19.39
CA GLU C 110 7.03 -19.96 20.68
C GLU C 110 6.57 -21.03 21.62
N ASP C 111 6.17 -22.17 21.06
CA ASP C 111 5.65 -23.30 21.85
C ASP C 111 6.09 -24.63 21.22
N PRO C 112 7.41 -24.91 21.18
CA PRO C 112 7.97 -26.04 20.45
C PRO C 112 7.43 -27.40 20.92
N ASN C 113 7.12 -27.49 22.19
CA ASN C 113 6.66 -28.75 22.76
C ASN C 113 5.16 -29.03 22.61
N ALA C 114 4.47 -28.18 21.85
CA ALA C 114 3.01 -28.26 21.77
C ALA C 114 2.50 -28.02 20.37
N PRO C 115 2.66 -29.01 19.48
CA PRO C 115 2.13 -28.87 18.14
C PRO C 115 0.66 -28.62 18.20
N ILE C 116 0.11 -27.96 17.20
CA ILE C 116 -1.32 -27.68 17.17
C ILE C 116 -2.05 -28.99 16.93
N ASP C 117 -3.04 -29.27 17.77
CA ASP C 117 -3.80 -30.51 17.69
C ASP C 117 -5.15 -30.27 17.01
N THR C 118 -5.23 -30.66 15.74
CA THR C 118 -6.46 -30.48 14.95
C THR C 118 -7.60 -31.42 15.36
N ASP C 119 -7.25 -32.58 15.89
CA ASP C 119 -8.26 -33.47 16.46
C ASP C 119 -8.96 -32.78 17.65
N ASN C 120 -8.17 -32.26 18.58
CA ASN C 120 -8.70 -31.46 19.68
C ASN C 120 -9.58 -30.30 19.20
N LEU C 121 -9.00 -29.50 18.30
CA LEU C 121 -9.70 -28.36 17.75
C LEU C 121 -11.04 -28.79 17.17
N THR C 122 -11.06 -29.90 16.46
CA THR C 122 -12.30 -30.39 15.85
C THR C 122 -13.37 -30.67 16.91
N GLN C 123 -12.99 -31.36 17.97
CA GLN C 123 -13.97 -31.70 19.03
C GLN C 123 -14.63 -30.46 19.54
N ARG C 124 -13.77 -29.52 19.87
CA ARG C 124 -14.19 -28.22 20.38
C ARG C 124 -15.06 -27.43 19.44
N LEU C 125 -14.76 -27.44 18.17
CA LEU C 125 -15.59 -26.65 17.29
C LEU C 125 -16.95 -27.32 17.18
N HIS C 126 -16.95 -28.64 17.02
CA HIS C 126 -18.18 -29.45 16.87
CA HIS C 126 -18.21 -29.34 16.87
C HIS C 126 -19.05 -29.28 18.10
N ASN C 127 -18.39 -29.28 19.25
CA ASN C 127 -19.07 -29.08 20.53
C ASN C 127 -20.05 -27.91 20.52
N PHE C 128 -19.64 -26.81 19.91
CA PHE C 128 -20.47 -25.62 19.80
C PHE C 128 -21.70 -25.85 18.93
N THR C 129 -21.65 -26.81 18.01
CA THR C 129 -22.83 -27.13 17.15
C THR C 129 -23.96 -27.76 17.95
N LYS C 130 -23.63 -28.27 19.13
CA LYS C 130 -24.64 -28.79 20.05
C LYS C 130 -25.59 -27.69 20.54
N THR C 131 -25.07 -26.48 20.73
CA THR C 131 -25.86 -25.37 21.33
C THR C 131 -26.06 -24.13 20.43
N TYR C 132 -25.45 -24.12 19.26
CA TYR C 132 -25.66 -23.04 18.26
C TYR C 132 -26.20 -23.54 16.92
N ASP C 133 -27.14 -22.79 16.36
CA ASP C 133 -27.68 -23.05 15.01
C ASP C 133 -26.59 -23.04 13.91
N LEU C 134 -25.64 -22.13 14.08
CA LEU C 134 -24.52 -21.95 13.14
C LEU C 134 -23.20 -21.60 13.84
N VAL C 135 -22.18 -22.38 13.53
CA VAL C 135 -20.86 -22.14 14.08
C VAL C 135 -19.94 -21.63 12.96
N ILE C 136 -19.57 -20.35 13.02
CA ILE C 136 -18.65 -19.75 12.06
C ILE C 136 -17.20 -19.77 12.55
N VAL C 137 -16.33 -20.33 11.71
CA VAL C 137 -14.92 -20.56 12.09
C VAL C 137 -13.99 -19.80 11.18
N GLU C 138 -13.35 -18.77 11.71
CA GLU C 138 -12.37 -18.04 10.90
C GLU C 138 -11.05 -18.79 10.93
N GLY C 139 -10.54 -19.06 9.74
CA GLY C 139 -9.19 -19.57 9.60
C GLY C 139 -8.18 -18.49 9.89
N ALA C 140 -6.95 -18.72 9.45
CA ALA C 140 -5.87 -17.70 9.50
C ALA C 140 -5.22 -17.67 8.15
N GLY C 141 -5.07 -16.46 7.64
CA GLY C 141 -4.53 -16.26 6.28
C GLY C 141 -5.38 -17.01 5.28
N GLY C 142 -4.71 -17.64 4.32
CA GLY C 142 -5.40 -18.40 3.24
C GLY C 142 -5.50 -19.91 3.46
N LEU C 143 -5.85 -20.61 2.39
CA LEU C 143 -6.14 -22.06 2.41
C LEU C 143 -4.92 -22.95 2.62
N CYS C 144 -3.80 -22.56 2.01
CA CYS C 144 -2.57 -23.39 2.05
C CYS C 144 -1.64 -23.00 3.19
N VAL C 145 -2.12 -22.13 4.07
CA VAL C 145 -1.37 -21.71 5.27
C VAL C 145 -1.20 -22.91 6.21
N PRO C 146 0.04 -23.25 6.55
CA PRO C 146 0.29 -24.45 7.28
C PRO C 146 0.05 -24.27 8.77
N ILE C 147 -0.61 -25.28 9.33
CA ILE C 147 -0.93 -25.33 10.75
C ILE C 147 0.01 -26.29 11.47
N THR C 148 0.19 -27.46 10.89
CA THR C 148 1.14 -28.46 11.40
C THR C 148 2.02 -28.98 10.30
N LEU C 149 3.02 -29.77 10.68
CA LEU C 149 3.89 -30.44 9.71
C LEU C 149 3.09 -31.10 8.59
N GLU C 150 1.95 -31.67 8.93
CA GLU C 150 1.15 -32.49 8.00
C GLU C 150 -0.08 -31.81 7.42
N GLU C 151 -0.46 -30.67 8.00
CA GLU C 151 -1.76 -30.08 7.72
C GLU C 151 -1.77 -28.56 7.51
N ASN C 152 -2.63 -28.17 6.61
CA ASN C 152 -2.89 -26.76 6.37
C ASN C 152 -4.34 -26.42 6.65
N MET C 153 -4.70 -25.15 6.46
CA MET C 153 -6.05 -24.66 6.78
C MET C 153 -7.13 -25.39 5.99
N LEU C 154 -6.85 -25.69 4.71
CA LEU C 154 -7.82 -26.44 3.89
C LEU C 154 -8.07 -27.83 4.49
N ASP C 155 -6.96 -28.49 4.82
CA ASP C 155 -7.00 -29.82 5.46
C ASP C 155 -7.91 -29.80 6.68
N PHE C 156 -7.70 -28.78 7.49
CA PHE C 156 -8.44 -28.55 8.73
C PHE C 156 -9.93 -28.40 8.42
N ALA C 157 -10.26 -27.56 7.46
CA ALA C 157 -11.66 -27.35 7.07
C ALA C 157 -12.34 -28.64 6.59
N LEU C 158 -11.56 -29.47 5.93
CA LEU C 158 -12.05 -30.78 5.47
C LEU C 158 -12.27 -31.75 6.65
N LYS C 159 -11.34 -31.77 7.58
CA LYS C 159 -11.44 -32.59 8.78
C LYS C 159 -12.69 -32.24 9.60
N LEU C 160 -12.99 -30.95 9.65
CA LEU C 160 -14.21 -30.41 10.32
C LEU C 160 -15.49 -30.76 9.57
N LYS C 161 -15.33 -31.30 8.39
CA LYS C 161 -16.45 -31.58 7.48
C LYS C 161 -17.33 -30.32 7.34
N ALA C 162 -16.71 -29.16 7.44
CA ALA C 162 -17.45 -27.89 7.35
C ALA C 162 -17.63 -27.46 5.93
N LYS C 163 -18.55 -26.51 5.79
CA LYS C 163 -18.75 -25.80 4.54
C LYS C 163 -17.80 -24.63 4.48
N MET C 164 -17.43 -24.26 3.25
CA MET C 164 -16.37 -23.26 3.01
C MET C 164 -16.90 -21.96 2.41
N LEU C 165 -16.61 -20.87 3.07
CA LEU C 165 -16.82 -19.56 2.50
C LEU C 165 -15.46 -18.91 2.36
N LEU C 166 -15.05 -18.73 1.12
CA LEU C 166 -13.75 -18.10 0.79
C LEU C 166 -13.89 -16.63 0.37
N ILE C 167 -13.37 -15.74 1.21
CA ILE C 167 -13.47 -14.30 0.96
C ILE C 167 -12.35 -13.82 0.06
N SER C 168 -12.69 -13.00 -0.92
CA SER C 168 -11.68 -12.38 -1.78
C SER C 168 -11.62 -10.88 -1.59
N HIS C 169 -10.43 -10.32 -1.81
CA HIS C 169 -10.29 -8.88 -1.87
C HIS C 169 -10.96 -8.41 -3.16
N ASP C 170 -11.14 -7.09 -3.26
CA ASP C 170 -11.85 -6.45 -4.38
C ASP C 170 -10.97 -5.63 -5.31
N ASN C 171 -9.68 -5.90 -5.31
CA ASN C 171 -8.71 -5.11 -6.09
C ASN C 171 -8.29 -5.79 -7.38
N LEU C 172 -7.60 -4.99 -8.20
CA LEU C 172 -6.87 -5.52 -9.34
C LEU C 172 -6.05 -6.75 -8.88
N GLY C 173 -6.25 -7.86 -9.57
CA GLY C 173 -5.60 -9.12 -9.22
C GLY C 173 -6.53 -10.15 -8.58
N LEU C 174 -7.77 -9.74 -8.31
CA LEU C 174 -8.72 -10.64 -7.64
C LEU C 174 -9.11 -11.82 -8.54
N ILE C 175 -9.15 -11.59 -9.85
CA ILE C 175 -9.54 -12.66 -10.79
C ILE C 175 -8.60 -13.83 -10.64
N ASN C 176 -7.32 -13.54 -10.77
CA ASN C 176 -6.30 -14.58 -10.62
C ASN C 176 -6.43 -15.34 -9.30
N ASP C 177 -6.56 -14.55 -8.23
CA ASP C 177 -6.61 -15.09 -6.86
C ASP C 177 -7.89 -15.97 -6.68
N CYS C 178 -9.01 -15.45 -7.15
CA CYS C 178 -10.24 -16.21 -7.04
C CYS C 178 -10.10 -17.53 -7.76
N LEU C 179 -9.64 -17.47 -9.00
CA LEU C 179 -9.57 -18.67 -9.83
C LEU C 179 -8.55 -19.71 -9.31
N LEU C 180 -7.43 -19.24 -8.82
CA LEU C 180 -6.45 -20.14 -8.21
C LEU C 180 -7.10 -20.94 -7.08
N ASN C 181 -7.83 -20.23 -6.25
CA ASN C 181 -8.53 -20.82 -5.11
C ASN C 181 -9.71 -21.71 -5.57
N ASP C 182 -10.40 -21.25 -6.61
CA ASP C 182 -11.46 -22.06 -7.22
C ASP C 182 -10.91 -23.41 -7.66
N PHE C 183 -9.76 -23.35 -8.31
CA PHE C 183 -9.13 -24.55 -8.85
C PHE C 183 -8.81 -25.55 -7.76
N LEU C 184 -8.26 -25.03 -6.65
CA LEU C 184 -7.90 -25.86 -5.52
C LEU C 184 -9.15 -26.44 -4.85
N LEU C 185 -10.14 -25.60 -4.59
CA LEU C 185 -11.36 -26.03 -3.89
C LEU C 185 -12.14 -27.08 -4.66
N LYS C 186 -12.40 -26.79 -5.93
CA LYS C 186 -13.16 -27.70 -6.81
C LYS C 186 -12.46 -29.06 -6.95
N SER C 187 -11.16 -29.09 -6.69
CA SER C 187 -10.40 -30.35 -6.63
C SER C 187 -10.59 -31.17 -5.36
N HIS C 188 -11.41 -30.69 -4.42
CA HIS C 188 -11.63 -31.38 -3.14
C HIS C 188 -13.11 -31.57 -2.79
N GLN C 189 -13.38 -32.58 -1.99
CA GLN C 189 -14.76 -32.93 -1.67
C GLN C 189 -15.29 -32.03 -0.56
N LEU C 190 -15.66 -30.81 -0.93
CA LEU C 190 -16.37 -29.93 0.00
C LEU C 190 -17.22 -28.91 -0.72
N ASP C 191 -18.27 -28.44 -0.05
CA ASP C 191 -19.12 -27.37 -0.57
C ASP C 191 -18.48 -26.04 -0.28
N TYR C 192 -18.40 -25.19 -1.28
CA TYR C 192 -17.78 -23.89 -1.08
C TYR C 192 -18.46 -22.79 -1.88
N LYS C 193 -18.34 -21.57 -1.40
CA LYS C 193 -18.67 -20.38 -2.18
C LYS C 193 -17.51 -19.43 -2.07
N ILE C 194 -17.26 -18.69 -3.13
CA ILE C 194 -16.29 -17.60 -3.15
C ILE C 194 -17.02 -16.25 -3.19
N ALA C 195 -16.78 -15.42 -2.19
CA ALA C 195 -17.45 -14.13 -2.11
C ALA C 195 -16.45 -13.02 -2.10
N ILE C 196 -16.72 -12.00 -2.92
CA ILE C 196 -15.88 -10.79 -2.99
C ILE C 196 -16.28 -9.81 -1.91
N ASN C 197 -15.31 -9.39 -1.12
CA ASN C 197 -15.46 -8.33 -0.11
C ASN C 197 -15.30 -6.97 -0.74
N LEU C 198 -16.41 -6.41 -1.18
CA LEU C 198 -16.38 -5.19 -1.97
C LEU C 198 -16.56 -3.96 -1.11
N LYS C 199 -15.53 -3.12 -1.08
CA LYS C 199 -15.59 -1.84 -0.37
C LYS C 199 -16.63 -0.97 -1.06
N GLY C 200 -17.40 -0.23 -0.28
CA GLY C 200 -18.47 0.60 -0.80
C GLY C 200 -17.95 1.67 -1.74
N ASN C 201 -16.80 2.24 -1.38
CA ASN C 201 -16.20 3.31 -2.18
C ASN C 201 -15.41 2.86 -3.40
N ASN C 202 -15.46 1.56 -3.73
CA ASN C 202 -14.72 1.00 -4.87
C ASN C 202 -15.50 1.09 -6.18
N THR C 203 -15.42 2.24 -6.82
CA THR C 203 -16.06 2.47 -8.11
C THR C 203 -15.38 1.70 -9.27
N ALA C 204 -14.06 1.55 -9.20
CA ALA C 204 -13.28 0.88 -10.23
C ALA C 204 -13.68 -0.59 -10.46
N PHE C 205 -13.97 -1.31 -9.38
CA PHE C 205 -14.28 -2.76 -9.45
C PHE C 205 -15.29 -3.15 -10.53
N HIS C 206 -16.34 -2.37 -10.67
CA HIS C 206 -17.43 -2.79 -11.53
C HIS C 206 -17.04 -2.72 -13.02
N SER C 207 -16.10 -1.85 -13.36
CA SER C 207 -15.61 -1.79 -14.73
C SER C 207 -14.37 -2.69 -14.96
N ILE C 208 -13.53 -2.82 -13.95
CA ILE C 208 -12.22 -3.47 -14.08
C ILE C 208 -12.22 -5.00 -13.92
N SER C 209 -12.94 -5.50 -12.93
CA SER C 209 -12.97 -6.93 -12.60
C SER C 209 -14.35 -7.57 -12.87
N LEU C 210 -15.41 -6.92 -12.35
CA LEU C 210 -16.78 -7.48 -12.44
C LEU C 210 -17.15 -8.12 -13.80
N PRO C 211 -16.76 -7.50 -14.93
CA PRO C 211 -17.12 -8.11 -16.22
C PRO C 211 -16.68 -9.56 -16.39
N TYR C 212 -15.45 -9.88 -15.95
CA TYR C 212 -14.98 -11.24 -16.07
C TYR C 212 -15.69 -12.15 -15.09
N ILE C 213 -16.01 -11.63 -13.91
CA ILE C 213 -16.72 -12.42 -12.94
C ILE C 213 -18.10 -12.82 -13.49
N GLU C 214 -18.80 -11.85 -14.10
CA GLU C 214 -20.12 -12.11 -14.73
C GLU C 214 -19.95 -13.23 -15.75
N LEU C 215 -18.96 -13.06 -16.62
CA LEU C 215 -18.66 -14.02 -17.69
C LEU C 215 -18.33 -15.40 -17.15
N PHE C 216 -17.46 -15.44 -16.14
CA PHE C 216 -17.15 -16.67 -15.40
C PHE C 216 -18.36 -17.37 -14.75
N ASN C 217 -19.28 -16.56 -14.24
CA ASN C 217 -20.47 -17.09 -13.63
C ASN C 217 -21.42 -17.72 -14.64
N THR C 218 -21.51 -17.18 -15.85
CA THR C 218 -22.39 -17.77 -16.86
C THR C 218 -21.96 -19.20 -17.21
N ARG C 219 -20.68 -19.52 -17.02
CA ARG C 219 -20.13 -20.80 -17.42
C ARG C 219 -19.75 -21.71 -16.24
N SER C 220 -20.00 -21.27 -15.02
CA SER C 220 -19.62 -22.06 -13.85
C SER C 220 -20.84 -22.44 -13.02
N ASN C 221 -20.86 -23.68 -12.54
CA ASN C 221 -21.96 -24.13 -11.64
C ASN C 221 -21.73 -23.67 -10.19
N ASN C 222 -20.62 -22.99 -9.94
CA ASN C 222 -20.33 -22.45 -8.61
C ASN C 222 -20.01 -20.95 -8.64
N PRO C 223 -21.04 -20.12 -8.88
CA PRO C 223 -20.79 -18.71 -9.15
C PRO C 223 -20.12 -17.95 -8.05
N ILE C 224 -19.29 -16.99 -8.43
CA ILE C 224 -18.66 -16.07 -7.49
C ILE C 224 -19.66 -14.94 -7.27
N VAL C 225 -19.95 -14.66 -6.00
CA VAL C 225 -20.92 -13.63 -5.65
C VAL C 225 -20.18 -12.46 -5.03
N ILE C 226 -20.92 -11.38 -4.80
CA ILE C 226 -20.41 -10.24 -4.05
C ILE C 226 -20.94 -10.29 -2.63
N PHE C 227 -20.04 -10.47 -1.68
CA PHE C 227 -20.45 -10.69 -0.30
C PHE C 227 -21.55 -9.75 0.19
N GLN C 228 -21.29 -8.45 0.09
CA GLN C 228 -22.19 -7.45 0.65
C GLN C 228 -23.61 -7.54 0.09
N GLN C 229 -23.77 -8.17 -1.06
CA GLN C 229 -25.07 -8.31 -1.70
C GLN C 229 -25.63 -9.73 -1.58
N SER C 230 -25.04 -10.55 -0.72
CA SER C 230 -25.35 -11.97 -0.69
C SER C 230 -25.57 -12.50 0.72
N LEU C 231 -25.92 -11.63 1.65
CA LEU C 231 -26.11 -12.10 3.01
C LEU C 231 -27.20 -13.19 3.06
N LYS C 232 -28.36 -12.94 2.46
CA LYS C 232 -29.48 -13.91 2.51
C LYS C 232 -29.08 -15.21 1.85
N VAL C 233 -28.50 -15.09 0.66
CA VAL C 233 -28.01 -16.23 -0.10
C VAL C 233 -26.95 -17.06 0.67
N LEU C 234 -26.07 -16.37 1.37
CA LEU C 234 -24.95 -17.02 2.07
C LEU C 234 -25.44 -17.65 3.39
N MET C 235 -26.42 -17.04 4.03
CA MET C 235 -27.03 -17.66 5.19
C MET C 235 -27.61 -18.99 4.78
N SER C 236 -28.40 -18.98 3.70
CA SER C 236 -29.03 -20.19 3.16
C SER C 236 -28.01 -21.27 2.92
N PHE C 237 -26.95 -20.89 2.19
CA PHE C 237 -25.86 -21.79 1.87
C PHE C 237 -25.27 -22.42 3.11
N ALA C 238 -25.04 -21.59 4.11
CA ALA C 238 -24.45 -22.03 5.36
C ALA C 238 -25.36 -23.05 6.09
N LEU C 239 -26.66 -22.85 6.02
CA LEU C 239 -27.63 -23.71 6.75
C LEU C 239 -28.18 -24.87 5.92
N LYS C 240 -27.91 -24.88 4.61
CA LYS C 240 -28.37 -25.98 3.75
C LYS C 240 -27.85 -27.32 4.27
N GLY C 241 -28.57 -28.39 3.97
CA GLY C 241 -28.12 -29.74 4.27
C GLY C 241 -29.02 -30.81 3.72
N PHE D 19 63.79 30.62 -60.20
CA PHE D 19 62.38 30.86 -59.74
C PHE D 19 61.70 29.57 -59.28
N GLN D 20 61.03 29.66 -58.13
CA GLN D 20 60.27 28.55 -57.59
C GLN D 20 58.91 28.98 -57.11
N GLY D 21 57.97 28.04 -57.19
CA GLY D 21 56.63 28.25 -56.70
C GLY D 21 56.44 27.49 -55.40
N HIS D 22 55.32 27.80 -54.77
CA HIS D 22 55.03 27.30 -53.46
C HIS D 22 54.16 26.07 -53.54
N MET D 23 54.36 25.16 -52.58
CA MET D 23 53.53 24.00 -52.49
C MET D 23 52.53 24.07 -51.34
N LEU D 24 51.27 23.77 -51.68
CA LEU D 24 50.19 23.67 -50.70
C LEU D 24 49.65 22.25 -50.66
N PHE D 25 49.83 21.61 -49.52
CA PHE D 25 49.23 20.32 -49.32
C PHE D 25 47.81 20.54 -48.81
N ILE D 26 46.89 19.75 -49.32
CA ILE D 26 45.51 19.79 -48.86
C ILE D 26 45.07 18.46 -48.29
N SER D 27 44.70 18.47 -47.03
CA SER D 27 44.22 17.31 -46.35
C SER D 27 42.87 17.64 -45.70
N ALA D 28 42.35 16.71 -44.92
CA ALA D 28 41.03 16.91 -44.33
C ALA D 28 40.83 16.25 -42.99
N THR D 29 39.71 16.58 -42.37
CA THR D 29 39.31 15.96 -41.12
C THR D 29 39.10 14.47 -41.37
N ASN D 30 38.54 14.17 -42.53
CA ASN D 30 38.55 12.82 -43.03
C ASN D 30 38.26 12.81 -44.53
N THR D 31 38.08 11.60 -45.06
CA THR D 31 37.63 11.47 -46.44
C THR D 31 36.23 12.03 -46.57
N ASN D 32 35.88 12.36 -47.83
CA ASN D 32 34.61 12.94 -48.14
C ASN D 32 34.27 14.23 -47.35
N ALA D 33 35.27 15.05 -47.10
CA ALA D 33 35.13 16.28 -46.31
C ALA D 33 35.08 17.54 -47.19
N GLY D 34 35.62 17.43 -48.40
CA GLY D 34 35.65 18.54 -49.36
C GLY D 34 37.01 18.93 -49.93
N LYS D 35 38.01 18.08 -49.72
CA LYS D 35 39.36 18.37 -50.22
C LYS D 35 39.28 18.77 -51.66
N THR D 36 38.72 17.87 -52.45
CA THR D 36 38.73 18.05 -53.91
C THR D 36 38.00 19.33 -54.34
N THR D 37 36.79 19.50 -53.86
CA THR D 37 36.01 20.68 -54.19
C THR D 37 36.77 21.97 -53.84
N CYS D 38 37.23 22.03 -52.61
CA CYS D 38 37.87 23.23 -52.09
C CYS D 38 39.17 23.49 -52.87
N ALA D 39 39.91 22.42 -53.10
CA ALA D 39 41.14 22.49 -53.88
C ALA D 39 40.87 23.18 -55.23
N ARG D 40 39.83 22.73 -55.90
CA ARG D 40 39.46 23.31 -57.19
C ARG D 40 39.05 24.77 -57.05
N LEU D 41 38.19 25.05 -56.06
CA LEU D 41 37.73 26.42 -55.82
C LEU D 41 38.93 27.39 -55.63
N LEU D 42 39.90 26.92 -54.85
CA LEU D 42 41.11 27.70 -54.55
C LEU D 42 41.97 27.92 -55.81
N ALA D 43 42.20 26.85 -56.55
CA ALA D 43 42.99 26.89 -57.79
C ALA D 43 42.33 27.86 -58.74
N GLN D 44 41.04 27.71 -58.87
CA GLN D 44 40.23 28.56 -59.74
C GLN D 44 40.51 30.03 -59.43
N TYR D 45 40.42 30.36 -58.14
CA TYR D 45 40.60 31.74 -57.68
C TYR D 45 42.00 32.23 -58.00
N CYS D 46 42.97 31.41 -57.64
CA CYS D 46 44.38 31.72 -57.88
C CYS D 46 44.65 32.01 -59.36
N ASN D 47 44.26 31.05 -60.19
CA ASN D 47 44.50 31.15 -61.62
C ASN D 47 43.84 32.39 -62.18
N ALA D 48 42.67 32.74 -61.64
CA ALA D 48 41.94 33.95 -62.08
C ALA D 48 42.73 35.20 -61.73
N CYS D 49 43.41 35.16 -60.60
CA CYS D 49 44.24 36.29 -60.12
C CYS D 49 45.62 36.30 -60.76
N GLY D 50 45.82 35.46 -61.77
CA GLY D 50 47.11 35.40 -62.49
C GLY D 50 48.18 34.61 -61.75
N VAL D 51 47.76 33.88 -60.73
CA VAL D 51 48.67 32.98 -60.00
C VAL D 51 48.60 31.57 -60.60
N LYS D 52 49.62 31.23 -61.39
CA LYS D 52 49.63 30.00 -62.19
C LYS D 52 49.61 28.77 -61.27
N THR D 53 48.46 28.12 -61.20
CA THR D 53 48.27 27.02 -60.23
C THR D 53 47.83 25.68 -60.83
N ILE D 54 48.63 24.66 -60.54
CA ILE D 54 48.35 23.29 -60.94
C ILE D 54 47.80 22.46 -59.78
N LEU D 55 46.97 21.49 -60.13
CA LEU D 55 46.30 20.62 -59.14
C LEU D 55 46.78 19.16 -59.30
N LEU D 56 47.28 18.58 -58.22
CA LEU D 56 47.84 17.23 -58.24
C LEU D 56 47.21 16.31 -57.22
N LYS D 57 46.93 15.09 -57.66
CA LYS D 57 46.40 14.01 -56.81
C LYS D 57 47.35 12.82 -56.91
N PRO D 58 48.47 12.89 -56.20
CA PRO D 58 49.53 11.91 -56.39
C PRO D 58 49.11 10.49 -56.08
N ILE D 59 48.37 10.35 -55.01
CA ILE D 59 47.89 9.04 -54.58
C ILE D 59 46.39 9.08 -54.52
N GLU D 60 45.75 8.12 -55.16
CA GLU D 60 44.29 8.04 -55.15
C GLU D 60 43.83 6.59 -55.12
N THR D 61 42.77 6.35 -54.36
CA THR D 61 42.21 5.02 -54.17
C THR D 61 40.71 5.05 -54.38
N GLY D 62 40.12 3.88 -54.51
CA GLY D 62 38.70 3.76 -54.83
C GLY D 62 38.37 4.19 -56.26
N VAL D 63 39.31 3.98 -57.18
CA VAL D 63 39.12 4.39 -58.58
C VAL D 63 39.18 3.24 -59.58
N ASN D 64 38.39 3.34 -60.64
CA ASN D 64 38.48 2.41 -61.74
C ASN D 64 38.47 3.23 -63.00
N ASP D 65 39.64 3.44 -63.59
CA ASP D 65 39.78 4.44 -64.68
C ASP D 65 39.20 4.00 -66.03
N ALA D 66 39.03 2.69 -66.21
CA ALA D 66 38.37 2.13 -67.38
C ALA D 66 36.89 2.48 -67.42
N ILE D 67 36.26 2.58 -66.26
CA ILE D 67 34.81 2.73 -66.13
C ILE D 67 34.34 4.17 -65.78
N ASN D 68 35.05 4.80 -64.84
CA ASN D 68 34.63 6.07 -64.25
C ASN D 68 35.67 7.17 -64.47
N HIS D 69 35.20 8.30 -65.00
CA HIS D 69 36.09 9.41 -65.37
C HIS D 69 35.81 10.64 -64.52
N SER D 70 35.39 10.40 -63.29
CA SER D 70 35.10 11.50 -62.37
C SER D 70 35.97 11.50 -61.13
N SER D 71 37.10 10.76 -61.16
CA SER D 71 38.01 10.71 -60.04
C SER D 71 38.58 12.09 -59.79
N ASP D 72 39.15 12.25 -58.61
CA ASP D 72 39.73 13.51 -58.25
C ASP D 72 40.71 13.92 -59.32
N ALA D 73 41.55 12.96 -59.71
CA ALA D 73 42.57 13.18 -60.75
C ALA D 73 41.97 13.69 -62.02
N HIS D 74 40.88 13.06 -62.46
CA HIS D 74 40.17 13.47 -63.68
C HIS D 74 39.69 14.91 -63.63
N LEU D 75 39.03 15.28 -62.53
CA LEU D 75 38.54 16.65 -62.35
C LEU D 75 39.71 17.64 -62.40
N PHE D 76 40.78 17.27 -61.72
CA PHE D 76 41.99 18.07 -61.70
C PHE D 76 42.61 18.22 -63.07
N LEU D 77 42.65 17.12 -63.81
CA LEU D 77 43.35 17.06 -65.11
C LEU D 77 42.82 18.12 -66.06
N GLN D 78 41.53 18.11 -66.08
CA GLN D 78 40.73 19.04 -66.80
C GLN D 78 40.89 20.46 -66.30
N ASP D 79 41.13 20.71 -65.01
CA ASP D 79 41.28 22.12 -64.60
C ASP D 79 42.64 22.55 -65.11
N ASN D 80 43.59 21.63 -64.97
CA ASN D 80 44.95 21.82 -65.37
C ASN D 80 45.19 22.07 -66.87
N ARG D 81 44.32 21.47 -67.69
CA ARG D 81 44.43 21.55 -69.14
C ARG D 81 44.16 22.93 -69.68
N LEU D 82 43.52 23.77 -68.87
CA LEU D 82 43.32 25.18 -69.22
C LEU D 82 44.66 25.94 -69.19
N LEU D 83 45.62 25.37 -68.51
CA LEU D 83 46.96 25.94 -68.42
C LEU D 83 47.93 25.23 -69.32
N ASP D 84 47.82 23.91 -69.36
CA ASP D 84 48.66 23.04 -70.19
C ASP D 84 47.88 21.85 -70.75
N ARG D 85 47.42 22.05 -71.97
CA ARG D 85 46.61 21.08 -72.65
C ARG D 85 47.29 19.72 -72.88
N SER D 86 48.60 19.72 -72.98
CA SER D 86 49.29 18.47 -73.25
C SER D 86 49.20 17.47 -72.09
N LEU D 87 48.77 17.94 -70.92
CA LEU D 87 48.80 17.14 -69.68
C LEU D 87 47.87 15.94 -69.72
N THR D 88 48.29 14.87 -69.06
CA THR D 88 47.54 13.62 -69.02
C THR D 88 47.40 13.12 -67.59
N LEU D 89 46.43 12.23 -67.37
CA LEU D 89 46.13 11.74 -66.01
C LEU D 89 47.42 11.28 -65.34
N LYS D 90 48.21 10.47 -66.04
CA LYS D 90 49.44 9.86 -65.48
C LYS D 90 50.50 10.91 -65.10
N ASP D 91 50.38 12.11 -65.66
CA ASP D 91 51.28 13.24 -65.33
C ASP D 91 51.03 13.88 -63.95
N ILE D 92 49.79 13.79 -63.49
CA ILE D 92 49.35 14.47 -62.24
C ILE D 92 48.87 13.51 -61.13
N SER D 93 48.81 12.23 -61.46
CA SER D 93 48.45 11.20 -60.49
C SER D 93 49.26 9.94 -60.79
N PHE D 94 49.85 9.38 -59.75
CA PHE D 94 50.93 8.40 -59.91
C PHE D 94 50.66 7.03 -59.32
N TYR D 95 50.01 6.99 -58.18
CA TYR D 95 49.62 5.71 -57.58
C TYR D 95 48.11 5.69 -57.49
N ARG D 96 47.53 4.75 -58.19
CA ARG D 96 46.07 4.65 -58.34
C ARG D 96 45.55 3.22 -58.16
N TYR D 97 44.59 3.05 -57.27
CA TYR D 97 44.09 1.71 -56.91
C TYR D 97 42.56 1.57 -56.90
N HIS D 98 42.08 0.37 -57.20
CA HIS D 98 40.62 0.08 -57.23
C HIS D 98 40.00 0.08 -55.84
N LYS D 99 40.76 -0.44 -54.89
CA LYS D 99 40.26 -0.69 -53.55
C LYS D 99 39.89 0.60 -52.84
N VAL D 100 38.70 0.60 -52.22
CA VAL D 100 38.24 1.78 -51.49
C VAL D 100 38.79 1.73 -50.05
N SER D 101 40.03 2.15 -49.93
CA SER D 101 40.77 1.98 -48.68
C SER D 101 41.95 2.91 -48.59
N ALA D 102 42.62 2.86 -47.43
CA ALA D 102 43.90 3.56 -47.26
C ALA D 102 44.85 3.03 -48.29
N PRO D 103 45.70 3.91 -48.84
CA PRO D 103 46.59 3.49 -49.90
C PRO D 103 47.46 2.30 -49.55
N LEU D 104 48.04 2.29 -48.37
CA LEU D 104 48.94 1.19 -47.97
C LEU D 104 48.24 -0.15 -48.18
N ILE D 105 47.00 -0.23 -47.75
CA ILE D 105 46.21 -1.47 -47.85
C ILE D 105 45.96 -1.83 -49.29
N ALA D 106 45.55 -0.84 -50.06
CA ALA D 106 45.33 -0.97 -51.51
C ALA D 106 46.58 -1.49 -52.21
N GLN D 107 47.67 -0.79 -51.96
CA GLN D 107 48.98 -1.14 -52.55
C GLN D 107 49.31 -2.61 -52.29
N GLN D 108 49.35 -2.99 -51.02
CA GLN D 108 49.73 -4.35 -50.60
C GLN D 108 48.91 -5.44 -51.27
N GLU D 109 47.64 -5.17 -51.46
CA GLU D 109 46.72 -6.11 -52.12
C GLU D 109 46.81 -6.12 -53.65
N GLU D 110 46.95 -4.95 -54.25
CA GLU D 110 46.85 -4.82 -55.73
C GLU D 110 48.20 -4.77 -56.44
N ASP D 111 49.22 -4.31 -55.72
CA ASP D 111 50.55 -4.12 -56.27
C ASP D 111 51.58 -4.43 -55.18
N PRO D 112 51.62 -5.68 -54.70
CA PRO D 112 52.49 -6.05 -53.59
C PRO D 112 53.96 -5.74 -53.80
N ASN D 113 54.42 -5.89 -55.02
CA ASN D 113 55.83 -5.72 -55.34
C ASN D 113 56.28 -4.28 -55.54
N ALA D 114 55.40 -3.33 -55.29
CA ALA D 114 55.65 -1.91 -55.58
C ALA D 114 55.16 -0.98 -54.48
N PRO D 115 55.90 -0.93 -53.35
CA PRO D 115 55.51 -0.01 -52.29
C PRO D 115 55.52 1.39 -52.83
N ILE D 116 54.72 2.25 -52.23
CA ILE D 116 54.67 3.63 -52.68
C ILE D 116 55.99 4.30 -52.31
N ASP D 117 56.56 5.01 -53.28
CA ASP D 117 57.85 5.67 -53.09
C ASP D 117 57.66 7.16 -52.90
N THR D 118 57.72 7.58 -51.64
CA THR D 118 57.54 9.00 -51.30
C THR D 118 58.70 9.89 -51.80
N ASP D 119 59.90 9.33 -51.85
CA ASP D 119 61.05 10.04 -52.39
C ASP D 119 60.77 10.42 -53.83
N ASN D 120 60.36 9.41 -54.62
CA ASN D 120 59.95 9.61 -56.01
C ASN D 120 58.88 10.66 -56.10
N LEU D 121 57.81 10.45 -55.34
CA LEU D 121 56.67 11.39 -55.36
C LEU D 121 57.12 12.82 -55.09
N THR D 122 58.03 12.97 -54.13
CA THR D 122 58.53 14.30 -53.77
C THR D 122 59.23 14.97 -54.94
N GLN D 123 60.09 14.23 -55.63
CA GLN D 123 60.80 14.74 -56.81
C GLN D 123 59.79 15.30 -57.79
N ARG D 124 58.82 14.45 -58.13
CA ARG D 124 57.82 14.77 -59.14
C ARG D 124 56.99 15.96 -58.78
N LEU D 125 56.65 16.09 -57.49
CA LEU D 125 55.81 17.20 -57.07
C LEU D 125 56.62 18.50 -57.15
N HIS D 126 57.82 18.47 -56.60
CA HIS D 126 58.73 19.64 -56.57
CA HIS D 126 58.61 19.71 -56.60
C HIS D 126 58.98 20.11 -57.99
N ASN D 127 59.20 19.13 -58.86
CA ASN D 127 59.42 19.38 -60.30
C ASN D 127 58.44 20.39 -60.88
N PHE D 128 57.17 20.25 -60.52
CA PHE D 128 56.13 21.18 -60.98
C PHE D 128 56.31 22.63 -60.46
N THR D 129 56.96 22.78 -59.30
CA THR D 129 57.24 24.12 -58.75
C THR D 129 58.21 24.90 -59.65
N LYS D 130 58.94 24.19 -60.50
CA LYS D 130 59.82 24.82 -61.50
C LYS D 130 59.05 25.65 -62.53
N THR D 131 57.85 25.19 -62.88
CA THR D 131 57.02 25.83 -63.93
C THR D 131 55.66 26.39 -63.49
N TYR D 132 55.29 26.16 -62.24
CA TYR D 132 54.03 26.73 -61.67
C TYR D 132 54.27 27.63 -60.46
N ASP D 133 53.56 28.75 -60.41
CA ASP D 133 53.55 29.66 -59.26
C ASP D 133 53.12 28.95 -57.95
N LEU D 134 52.13 28.07 -58.08
CA LEU D 134 51.58 27.32 -56.95
C LEU D 134 51.21 25.89 -57.31
N VAL D 135 51.72 24.95 -56.53
CA VAL D 135 51.43 23.53 -56.73
C VAL D 135 50.57 23.02 -55.61
N ILE D 136 49.31 22.76 -55.91
CA ILE D 136 48.37 22.21 -54.91
C ILE D 136 48.37 20.68 -54.95
N VAL D 137 48.59 20.08 -53.80
CA VAL D 137 48.65 18.61 -53.69
C VAL D 137 47.53 18.06 -52.79
N GLU D 138 46.58 17.35 -53.38
CA GLU D 138 45.51 16.67 -52.57
C GLU D 138 46.06 15.37 -52.03
N GLY D 139 45.98 15.24 -50.73
CA GLY D 139 46.24 13.97 -50.08
C GLY D 139 45.11 12.98 -50.36
N ALA D 140 45.03 11.95 -49.55
CA ALA D 140 43.90 11.00 -49.59
C ALA D 140 43.44 10.79 -48.18
N GLY D 141 42.13 10.90 -48.00
CA GLY D 141 41.55 10.81 -46.65
C GLY D 141 42.16 11.88 -45.74
N GLY D 142 42.46 11.48 -44.51
CA GLY D 142 43.02 12.41 -43.51
C GLY D 142 44.52 12.34 -43.32
N LEU D 143 44.98 12.96 -42.23
CA LEU D 143 46.42 13.12 -41.93
C LEU D 143 47.15 11.85 -41.51
N CYS D 144 46.46 10.99 -40.76
CA CYS D 144 47.08 9.77 -40.26
C CYS D 144 46.87 8.56 -41.14
N VAL D 145 46.29 8.79 -42.32
CA VAL D 145 46.09 7.74 -43.33
C VAL D 145 47.43 7.22 -43.82
N PRO D 146 47.66 5.92 -43.68
CA PRO D 146 48.94 5.37 -43.99
C PRO D 146 49.16 5.18 -45.49
N ILE D 147 50.35 5.57 -45.92
CA ILE D 147 50.80 5.41 -47.30
C ILE D 147 51.75 4.21 -47.46
N THR D 148 52.71 4.13 -46.56
CA THR D 148 53.66 3.01 -46.50
C THR D 148 53.81 2.49 -45.08
N LEU D 149 54.50 1.37 -44.95
CA LEU D 149 54.78 0.78 -43.64
C LEU D 149 55.28 1.81 -42.63
N GLU D 150 56.07 2.76 -43.12
CA GLU D 150 56.73 3.76 -42.24
C GLU D 150 56.12 5.16 -42.24
N GLU D 151 55.24 5.42 -43.20
CA GLU D 151 54.79 6.80 -43.47
C GLU D 151 53.30 6.98 -43.68
N ASN D 152 52.80 8.09 -43.16
CA ASN D 152 51.43 8.50 -43.42
C ASN D 152 51.37 9.83 -44.21
N MET D 153 50.17 10.29 -44.47
CA MET D 153 49.96 11.53 -45.24
C MET D 153 50.66 12.73 -44.61
N LEU D 154 50.58 12.85 -43.28
CA LEU D 154 51.25 13.97 -42.57
C LEU D 154 52.75 13.92 -42.82
N ASP D 155 53.30 12.73 -42.68
CA ASP D 155 54.74 12.48 -42.90
C ASP D 155 55.15 12.97 -44.28
N PHE D 156 54.31 12.58 -45.23
CA PHE D 156 54.51 12.92 -46.64
C PHE D 156 54.52 14.44 -46.81
N ALA D 157 53.52 15.11 -46.27
CA ALA D 157 53.42 16.57 -46.34
C ALA D 157 54.66 17.28 -45.74
N LEU D 158 55.19 16.70 -44.67
CA LEU D 158 56.40 17.20 -44.01
C LEU D 158 57.61 17.00 -44.92
N LYS D 159 57.71 15.81 -45.50
CA LYS D 159 58.83 15.49 -46.43
C LYS D 159 58.86 16.46 -47.60
N LEU D 160 57.69 16.80 -48.10
CA LEU D 160 57.52 17.79 -49.20
C LEU D 160 57.84 19.21 -48.75
N LYS D 161 58.04 19.38 -47.45
CA LYS D 161 58.28 20.71 -46.87
C LYS D 161 57.17 21.68 -47.31
N ALA D 162 55.99 21.14 -47.56
CA ALA D 162 54.86 21.94 -48.02
C ALA D 162 54.14 22.61 -46.87
N LYS D 163 53.34 23.58 -47.24
CA LYS D 163 52.37 24.19 -46.35
C LYS D 163 51.10 23.40 -46.35
N MET D 164 50.38 23.45 -45.23
CA MET D 164 49.22 22.58 -45.01
C MET D 164 47.92 23.35 -44.93
N LEU D 165 46.98 22.93 -45.76
CA LEU D 165 45.61 23.40 -45.67
C LEU D 165 44.73 22.23 -45.35
N LEU D 166 44.17 22.22 -44.15
CA LEU D 166 43.32 21.12 -43.65
C LEU D 166 41.86 21.46 -43.68
N ILE D 167 41.11 20.75 -44.52
CA ILE D 167 39.70 21.05 -44.73
C ILE D 167 38.87 20.29 -43.72
N SER D 168 37.89 20.98 -43.13
CA SER D 168 36.95 20.35 -42.22
C SER D 168 35.53 20.37 -42.79
N HIS D 169 34.76 19.34 -42.39
CA HIS D 169 33.35 19.30 -42.69
C HIS D 169 32.69 20.34 -41.80
N ASP D 170 31.43 20.62 -42.11
CA ASP D 170 30.66 21.69 -41.46
C ASP D 170 29.53 21.19 -40.60
N ASN D 171 29.61 19.93 -40.17
CA ASN D 171 28.51 19.30 -39.38
C ASN D 171 28.79 19.23 -37.90
N LEU D 172 27.74 18.90 -37.16
CA LEU D 172 27.87 18.54 -35.76
C LEU D 172 29.01 17.57 -35.59
N GLY D 173 29.94 17.89 -34.73
CA GLY D 173 31.16 17.05 -34.54
C GLY D 173 32.44 17.69 -35.10
N LEU D 174 32.29 18.80 -35.80
CA LEU D 174 33.42 19.45 -36.44
C LEU D 174 34.41 20.04 -35.44
N ILE D 175 33.89 20.49 -34.31
CA ILE D 175 34.76 21.06 -33.27
C ILE D 175 35.80 20.03 -32.87
N ASN D 176 35.31 18.84 -32.50
CA ASN D 176 36.18 17.78 -32.02
C ASN D 176 37.23 17.45 -33.07
N ASP D 177 36.76 17.32 -34.29
CA ASP D 177 37.62 16.90 -35.37
C ASP D 177 38.66 17.99 -35.65
N CYS D 178 38.22 19.23 -35.69
CA CYS D 178 39.15 20.32 -35.95
C CYS D 178 40.21 20.33 -34.87
N LEU D 179 39.79 20.29 -33.62
CA LEU D 179 40.75 20.39 -32.51
C LEU D 179 41.73 19.21 -32.43
N LEU D 180 41.22 18.02 -32.69
CA LEU D 180 42.10 16.83 -32.74
C LEU D 180 43.23 17.07 -33.73
N ASN D 181 42.86 17.54 -34.90
CA ASN D 181 43.81 17.80 -35.97
C ASN D 181 44.71 18.98 -35.60
N ASP D 182 44.11 20.00 -34.98
CA ASP D 182 44.90 21.15 -34.53
C ASP D 182 45.99 20.66 -33.64
N PHE D 183 45.63 19.78 -32.73
CA PHE D 183 46.57 19.28 -31.72
C PHE D 183 47.77 18.61 -32.41
N LEU D 184 47.45 17.77 -33.40
CA LEU D 184 48.46 17.00 -34.11
C LEU D 184 49.37 17.93 -34.94
N LEU D 185 48.76 18.85 -35.65
CA LEU D 185 49.51 19.76 -36.52
C LEU D 185 50.42 20.70 -35.74
N LYS D 186 49.86 21.35 -34.73
CA LYS D 186 50.65 22.26 -33.84
C LYS D 186 51.82 21.55 -33.15
N SER D 187 51.73 20.23 -33.03
CA SER D 187 52.82 19.38 -32.55
C SER D 187 53.92 19.10 -33.57
N HIS D 188 53.83 19.68 -34.77
CA HIS D 188 54.83 19.47 -35.83
C HIS D 188 55.31 20.75 -36.54
N GLN D 189 56.54 20.72 -37.02
CA GLN D 189 57.15 21.93 -37.55
C GLN D 189 56.66 22.14 -39.03
N LEU D 190 55.45 22.67 -39.15
CA LEU D 190 54.91 23.14 -40.43
C LEU D 190 53.90 24.28 -40.25
N ASP D 191 53.72 25.05 -41.31
CA ASP D 191 52.66 26.08 -41.37
C ASP D 191 51.36 25.48 -41.86
N TYR D 192 50.30 25.69 -41.10
CA TYR D 192 49.02 25.12 -41.47
C TYR D 192 47.89 26.08 -41.20
N LYS D 193 46.82 25.94 -41.98
CA LYS D 193 45.52 26.59 -41.70
C LYS D 193 44.42 25.54 -41.73
N ILE D 194 43.46 25.65 -40.82
CA ILE D 194 42.29 24.80 -40.84
C ILE D 194 41.14 25.63 -41.39
N ALA D 195 40.51 25.14 -42.46
CA ALA D 195 39.36 25.79 -43.07
C ALA D 195 38.12 24.90 -43.01
N ILE D 196 36.99 25.47 -42.65
CA ILE D 196 35.73 24.71 -42.68
C ILE D 196 35.06 24.88 -44.05
N ASN D 197 34.73 23.74 -44.64
CA ASN D 197 33.99 23.68 -45.89
C ASN D 197 32.52 23.81 -45.56
N LEU D 198 32.01 25.04 -45.66
CA LEU D 198 30.64 25.39 -45.25
C LEU D 198 29.67 25.27 -46.41
N LYS D 199 28.75 24.32 -46.33
CA LYS D 199 27.75 24.14 -47.36
C LYS D 199 26.88 25.39 -47.28
N GLY D 200 26.35 25.82 -48.41
CA GLY D 200 25.64 27.08 -48.49
C GLY D 200 24.29 27.01 -47.80
N ASN D 201 23.67 25.84 -47.89
CA ASN D 201 22.36 25.60 -47.30
C ASN D 201 22.42 25.22 -45.80
N ASN D 202 23.60 25.33 -45.19
CA ASN D 202 23.76 24.94 -43.79
C ASN D 202 23.44 26.11 -42.84
N THR D 203 22.16 26.23 -42.53
CA THR D 203 21.66 27.18 -41.55
C THR D 203 22.20 26.93 -40.16
N ALA D 204 22.12 25.66 -39.76
CA ALA D 204 22.41 25.21 -38.40
C ALA D 204 23.81 25.57 -37.89
N PHE D 205 24.80 25.48 -38.76
CA PHE D 205 26.21 25.74 -38.41
C PHE D 205 26.41 27.02 -37.63
N HIS D 206 25.76 28.08 -38.09
CA HIS D 206 25.95 29.44 -37.50
C HIS D 206 25.64 29.48 -36.01
N SER D 207 24.63 28.73 -35.58
CA SER D 207 24.22 28.70 -34.16
C SER D 207 24.74 27.50 -33.36
N ILE D 208 25.12 26.41 -34.04
CA ILE D 208 25.52 25.15 -33.37
C ILE D 208 27.03 25.04 -33.10
N SER D 209 27.83 25.41 -34.10
CA SER D 209 29.30 25.24 -34.07
C SER D 209 30.06 26.57 -34.08
N LEU D 210 29.65 27.49 -34.95
CA LEU D 210 30.34 28.79 -35.11
C LEU D 210 30.73 29.50 -33.80
N PRO D 211 29.80 29.58 -32.83
CA PRO D 211 30.14 30.23 -31.57
C PRO D 211 31.44 29.77 -30.92
N TYR D 212 31.63 28.46 -30.83
CA TYR D 212 32.88 27.96 -30.27
C TYR D 212 34.06 28.33 -31.14
N ILE D 213 33.90 28.26 -32.45
CA ILE D 213 35.01 28.56 -33.33
C ILE D 213 35.47 29.97 -33.04
N GLU D 214 34.51 30.90 -33.03
CA GLU D 214 34.82 32.32 -32.77
C GLU D 214 35.60 32.39 -31.47
N LEU D 215 35.06 31.77 -30.43
CA LEU D 215 35.69 31.79 -29.11
C LEU D 215 37.10 31.23 -29.16
N PHE D 216 37.24 30.09 -29.83
CA PHE D 216 38.54 29.46 -30.04
C PHE D 216 39.53 30.41 -30.71
N ASN D 217 39.03 31.11 -31.73
CA ASN D 217 39.84 32.05 -32.51
C ASN D 217 40.31 33.28 -31.75
N THR D 218 39.54 33.68 -30.74
CA THR D 218 39.95 34.80 -29.88
C THR D 218 41.21 34.45 -29.09
N ARG D 219 41.42 33.15 -28.79
CA ARG D 219 42.52 32.72 -27.92
C ARG D 219 43.64 31.98 -28.65
N SER D 220 43.51 31.78 -29.96
CA SER D 220 44.50 31.01 -30.70
C SER D 220 45.22 31.88 -31.68
N ASN D 221 46.52 31.64 -31.87
CA ASN D 221 47.32 32.36 -32.89
C ASN D 221 47.19 31.75 -34.29
N ASN D 222 46.43 30.66 -34.38
CA ASN D 222 46.15 30.01 -35.66
C ASN D 222 44.65 29.80 -35.84
N PRO D 223 43.91 30.90 -36.06
CA PRO D 223 42.46 30.83 -36.15
C PRO D 223 41.94 29.87 -37.21
N ILE D 224 40.77 29.32 -36.93
CA ILE D 224 40.06 28.51 -37.90
C ILE D 224 39.16 29.41 -38.71
N VAL D 225 39.23 29.30 -40.03
CA VAL D 225 38.45 30.16 -40.90
C VAL D 225 37.42 29.33 -41.63
N ILE D 226 36.46 30.02 -42.23
CA ILE D 226 35.51 29.39 -43.16
C ILE D 226 36.07 29.51 -44.56
N PHE D 227 36.25 28.38 -45.23
CA PHE D 227 36.94 28.33 -46.52
C PHE D 227 36.30 29.24 -47.53
N GLN D 228 34.97 29.13 -47.67
CA GLN D 228 34.27 29.87 -48.74
C GLN D 228 34.41 31.40 -48.57
N GLN D 229 34.76 31.82 -47.35
CA GLN D 229 34.89 33.23 -47.00
C GLN D 229 36.35 33.63 -46.87
N SER D 230 37.27 32.76 -47.30
CA SER D 230 38.69 32.99 -47.11
C SER D 230 39.59 32.76 -48.35
N LEU D 231 39.01 32.84 -49.54
CA LEU D 231 39.82 32.59 -50.72
C LEU D 231 41.06 33.51 -50.72
N LYS D 232 40.86 34.82 -50.58
CA LYS D 232 41.96 35.78 -50.65
C LYS D 232 42.96 35.44 -49.54
N VAL D 233 42.45 35.29 -48.34
CA VAL D 233 43.31 35.01 -47.20
C VAL D 233 44.14 33.73 -47.38
N LEU D 234 43.53 32.74 -48.00
CA LEU D 234 44.17 31.46 -48.17
C LEU D 234 45.16 31.46 -49.31
N MET D 235 44.90 32.27 -50.34
CA MET D 235 45.84 32.41 -51.42
C MET D 235 47.11 33.02 -50.82
N SER D 236 46.94 34.06 -50.03
CA SER D 236 48.07 34.77 -49.42
C SER D 236 48.91 33.78 -48.62
N PHE D 237 48.22 33.04 -47.78
CA PHE D 237 48.83 32.00 -46.97
C PHE D 237 49.67 31.07 -47.83
N ALA D 238 49.06 30.60 -48.91
CA ALA D 238 49.69 29.62 -49.79
C ALA D 238 50.96 30.16 -50.41
N LEU D 239 50.97 31.44 -50.72
CA LEU D 239 52.09 32.10 -51.42
C LEU D 239 53.08 32.84 -50.49
N LYS D 240 52.75 32.96 -49.21
CA LYS D 240 53.66 33.62 -48.27
C LYS D 240 55.01 32.90 -48.26
N GLY D 241 56.06 33.69 -48.09
CA GLY D 241 57.41 33.17 -48.20
C GLY D 241 58.20 34.04 -49.16
N GLY E 21 -32.80 11.48 9.00
CA GLY E 21 -32.83 10.30 9.92
C GLY E 21 -33.51 10.51 11.28
N HIS E 22 -33.72 9.41 11.99
CA HIS E 22 -34.42 9.42 13.27
C HIS E 22 -33.45 9.24 14.43
N MET E 23 -33.88 9.69 15.62
CA MET E 23 -33.05 9.59 16.80
C MET E 23 -33.78 8.94 17.96
N LEU E 24 -33.15 7.86 18.47
CA LEU E 24 -33.63 7.12 19.63
C LEU E 24 -32.67 7.31 20.79
N PHE E 25 -33.16 7.92 21.85
CA PHE E 25 -32.43 7.95 23.11
C PHE E 25 -32.73 6.65 23.92
N ILE E 26 -31.67 6.10 24.49
CA ILE E 26 -31.78 4.90 25.33
C ILE E 26 -31.30 5.20 26.71
N SER E 27 -32.23 5.01 27.66
CA SER E 27 -31.97 5.21 29.06
C SER E 27 -32.43 3.95 29.79
N ALA E 28 -32.42 4.00 31.12
CA ALA E 28 -32.74 2.84 31.92
C ALA E 28 -33.34 3.11 33.30
N THR E 29 -33.80 2.06 33.92
CA THR E 29 -34.32 2.16 35.28
C THR E 29 -33.18 2.64 36.15
N ASN E 30 -32.00 2.15 35.86
CA ASN E 30 -30.79 2.64 36.48
C ASN E 30 -29.56 2.23 35.66
N THR E 31 -28.37 2.51 36.18
CA THR E 31 -27.14 1.99 35.62
C THR E 31 -27.09 0.46 35.78
N ASN E 32 -26.30 -0.14 34.90
CA ASN E 32 -26.12 -1.60 34.91
C ASN E 32 -27.43 -2.39 34.74
N ALA E 33 -28.33 -1.85 33.92
CA ALA E 33 -29.66 -2.40 33.63
C ALA E 33 -29.74 -3.11 32.26
N GLY E 34 -28.86 -2.72 31.35
CA GLY E 34 -28.81 -3.33 30.03
C GLY E 34 -28.85 -2.38 28.86
N LYS E 35 -28.70 -1.09 29.14
CA LYS E 35 -28.73 -0.10 28.05
C LYS E 35 -27.83 -0.52 26.90
N THR E 36 -26.56 -0.73 27.23
CA THR E 36 -25.54 -0.99 26.21
C THR E 36 -25.84 -2.27 25.41
N THR E 37 -26.12 -3.37 26.13
CA THR E 37 -26.44 -4.64 25.47
C THR E 37 -27.63 -4.51 24.51
N CYS E 38 -28.69 -3.91 25.01
CA CYS E 38 -29.94 -3.80 24.27
C CYS E 38 -29.75 -2.90 23.09
N ALA E 39 -29.07 -1.79 23.33
CA ALA E 39 -28.72 -0.87 22.27
C ALA E 39 -28.05 -1.62 21.10
N ARG E 40 -27.06 -2.43 21.43
CA ARG E 40 -26.35 -3.20 20.41
C ARG E 40 -27.27 -4.19 19.71
N LEU E 41 -28.03 -4.91 20.50
CA LEU E 41 -28.97 -5.87 19.92
C LEU E 41 -29.91 -5.23 18.92
N LEU E 42 -30.39 -4.03 19.28
CA LEU E 42 -31.34 -3.25 18.44
C LEU E 42 -30.67 -2.74 17.15
N ALA E 43 -29.49 -2.15 17.31
CA ALA E 43 -28.68 -1.66 16.19
C ALA E 43 -28.36 -2.80 15.21
N GLN E 44 -27.98 -3.93 15.78
CA GLN E 44 -27.69 -5.16 15.02
C GLN E 44 -28.89 -5.51 14.12
N TYR E 45 -30.06 -5.55 14.73
CA TYR E 45 -31.28 -5.92 14.04
C TYR E 45 -31.59 -4.96 12.93
N CYS E 46 -31.58 -3.69 13.27
CA CYS E 46 -31.82 -2.60 12.32
C CYS E 46 -30.89 -2.65 11.11
N ASN E 47 -29.60 -2.70 11.40
CA ASN E 47 -28.60 -2.74 10.35
C ASN E 47 -28.80 -3.97 9.44
N ALA E 48 -29.19 -5.08 10.03
CA ALA E 48 -29.46 -6.33 9.28
C ALA E 48 -30.64 -6.16 8.34
N CYS E 49 -31.61 -5.36 8.76
CA CYS E 49 -32.80 -5.06 7.97
C CYS E 49 -32.57 -3.94 6.98
N GLY E 50 -31.34 -3.52 6.83
CA GLY E 50 -30.98 -2.44 5.90
C GLY E 50 -31.27 -1.05 6.42
N VAL E 51 -31.54 -0.95 7.71
CA VAL E 51 -31.72 0.35 8.36
C VAL E 51 -30.40 0.82 8.96
N LYS E 52 -29.79 1.77 8.26
CA LYS E 52 -28.42 2.23 8.59
C LYS E 52 -28.39 2.89 9.98
N THR E 53 -27.81 2.16 10.93
CA THR E 53 -27.86 2.58 12.34
C THR E 53 -26.51 2.69 13.06
N ILE E 54 -26.26 3.90 13.56
CA ILE E 54 -25.06 4.19 14.32
C ILE E 54 -25.37 4.23 15.80
N LEU E 55 -24.37 3.87 16.61
CA LEU E 55 -24.47 3.81 18.08
C LEU E 55 -23.55 4.87 18.72
N LEU E 56 -24.14 5.71 19.56
CA LEU E 56 -23.41 6.80 20.22
C LEU E 56 -23.49 6.75 21.74
N LYS E 57 -22.36 7.03 22.37
CA LYS E 57 -22.28 7.17 23.84
C LYS E 57 -21.66 8.53 24.15
N PRO E 58 -22.46 9.59 24.04
CA PRO E 58 -21.92 10.95 24.11
C PRO E 58 -21.22 11.25 25.41
N ILE E 59 -21.82 10.81 26.50
CA ILE E 59 -21.26 11.02 27.82
C ILE E 59 -21.08 9.66 28.46
N GLU E 60 -19.87 9.43 28.96
CA GLU E 60 -19.52 8.19 29.67
C GLU E 60 -18.60 8.45 30.86
N THR E 61 -18.84 7.75 31.95
CA THR E 61 -18.02 7.89 33.15
C THR E 61 -17.55 6.51 33.55
N GLY E 62 -16.61 6.50 34.50
CA GLY E 62 -16.05 5.26 35.05
C GLY E 62 -15.12 4.57 34.06
N VAL E 63 -14.52 5.32 33.15
CA VAL E 63 -13.68 4.73 32.08
C VAL E 63 -12.24 5.19 32.13
N ASN E 64 -11.34 4.35 31.62
CA ASN E 64 -9.94 4.70 31.58
C ASN E 64 -9.32 4.17 30.32
N ASP E 65 -9.47 4.92 29.25
CA ASP E 65 -9.09 4.43 27.90
C ASP E 65 -7.64 4.03 27.69
N ALA E 66 -6.79 4.33 28.69
CA ALA E 66 -5.38 4.00 28.62
C ALA E 66 -5.25 2.58 29.11
N ILE E 67 -6.03 2.23 30.11
CA ILE E 67 -5.83 0.98 30.80
C ILE E 67 -6.93 -0.02 30.56
N ASN E 68 -8.04 0.45 29.99
CA ASN E 68 -9.25 -0.35 29.88
C ASN E 68 -9.78 -0.11 28.49
N HIS E 69 -9.99 -1.21 27.81
CA HIS E 69 -10.35 -1.22 26.43
C HIS E 69 -11.78 -1.80 26.37
N SER E 70 -12.62 -1.50 27.35
CA SER E 70 -13.90 -2.21 27.44
C SER E 70 -15.09 -1.32 27.76
N SER E 71 -15.06 -0.09 27.29
CA SER E 71 -16.17 0.80 27.56
C SER E 71 -17.37 0.55 26.68
N ASP E 72 -18.47 1.19 27.02
CA ASP E 72 -19.62 1.25 26.14
C ASP E 72 -19.22 1.80 24.79
N ALA E 73 -18.47 2.90 24.80
CA ALA E 73 -18.04 3.57 23.59
C ALA E 73 -17.26 2.59 22.73
N HIS E 74 -16.37 1.84 23.36
CA HIS E 74 -15.51 0.92 22.63
C HIS E 74 -16.36 -0.12 21.90
N LEU E 75 -17.31 -0.71 22.63
CA LEU E 75 -18.18 -1.73 22.06
C LEU E 75 -18.96 -1.16 20.90
N PHE E 76 -19.47 0.04 21.10
CA PHE E 76 -20.16 0.76 20.03
C PHE E 76 -19.25 0.95 18.83
N LEU E 77 -18.02 1.37 19.09
CA LEU E 77 -17.11 1.74 18.02
C LEU E 77 -16.94 0.59 17.05
N GLN E 78 -16.69 -0.59 17.63
CA GLN E 78 -16.47 -1.80 16.85
CA GLN E 78 -16.48 -1.78 16.84
C GLN E 78 -17.71 -2.21 16.04
N ASP E 79 -18.90 -1.89 16.55
CA ASP E 79 -20.12 -2.22 15.81
C ASP E 79 -20.31 -1.21 14.67
N ASN E 80 -20.07 0.05 15.01
CA ASN E 80 -20.15 1.13 14.06
C ASN E 80 -19.17 1.02 12.87
N ARG E 81 -18.01 0.46 13.14
CA ARG E 81 -16.97 0.36 12.12
C ARG E 81 -17.33 -0.60 10.97
N LEU E 82 -18.35 -1.42 11.21
CA LEU E 82 -18.91 -2.27 10.14
C LEU E 82 -19.64 -1.42 9.08
N LEU E 83 -20.00 -0.21 9.48
CA LEU E 83 -20.66 0.73 8.58
C LEU E 83 -19.69 1.76 8.06
N ASP E 84 -18.84 2.28 8.94
CA ASP E 84 -17.84 3.31 8.62
C ASP E 84 -16.55 3.05 9.37
N ARG E 85 -15.63 2.41 8.68
CA ARG E 85 -14.36 1.98 9.25
C ARG E 85 -13.47 3.15 9.73
N SER E 86 -13.66 4.33 9.14
CA SER E 86 -12.84 5.50 9.49
C SER E 86 -13.12 6.03 10.88
N LEU E 87 -14.22 5.58 11.49
CA LEU E 87 -14.69 6.12 12.78
C LEU E 87 -13.73 5.83 13.93
N THR E 88 -13.68 6.77 14.86
CA THR E 88 -12.81 6.68 16.04
C THR E 88 -13.58 6.98 17.31
N LEU E 89 -13.01 6.58 18.44
CA LEU E 89 -13.71 6.72 19.74
C LEU E 89 -14.22 8.15 19.93
N LYS E 90 -13.34 9.11 19.67
CA LYS E 90 -13.62 10.55 19.87
C LYS E 90 -14.78 11.08 18.97
N ASP E 91 -15.06 10.34 17.90
CA ASP E 91 -16.16 10.65 16.97
C ASP E 91 -17.54 10.33 17.53
N ILE E 92 -17.60 9.33 18.40
CA ILE E 92 -18.90 8.80 18.94
C ILE E 92 -19.08 8.93 20.47
N SER E 93 -18.05 9.43 21.12
CA SER E 93 -18.10 9.72 22.53
C SER E 93 -17.27 10.98 22.82
N PHE E 94 -17.84 11.88 23.60
CA PHE E 94 -17.32 13.27 23.67
C PHE E 94 -16.90 13.76 25.05
N TYR E 95 -17.65 13.34 26.07
CA TYR E 95 -17.26 13.64 27.44
C TYR E 95 -17.02 12.33 28.18
N ARG E 96 -15.77 12.14 28.58
CA ARG E 96 -15.32 10.87 29.17
C ARG E 96 -14.52 11.09 30.44
N TYR E 97 -14.92 10.41 31.51
CA TYR E 97 -14.29 10.61 32.83
C TYR E 97 -13.94 9.32 33.58
N HIS E 98 -12.89 9.39 34.39
CA HIS E 98 -12.40 8.25 35.18
C HIS E 98 -13.33 7.91 36.31
N LYS E 99 -13.89 8.94 36.93
CA LYS E 99 -14.68 8.76 38.14
C LYS E 99 -15.94 7.95 37.89
N VAL E 100 -16.21 6.98 38.77
CA VAL E 100 -17.39 6.12 38.63
C VAL E 100 -18.56 6.82 39.32
N SER E 101 -19.15 7.75 38.59
CA SER E 101 -20.15 8.65 39.16
C SER E 101 -21.04 9.29 38.13
N ALA E 102 -22.01 10.05 38.61
CA ALA E 102 -22.82 10.91 37.72
C ALA E 102 -21.87 11.84 36.99
N PRO E 103 -22.15 12.13 35.74
CA PRO E 103 -21.26 12.98 34.96
C PRO E 103 -20.97 14.34 35.59
N LEU E 104 -22.00 14.99 36.12
CA LEU E 104 -21.81 16.33 36.70
C LEU E 104 -20.70 16.31 37.76
N ILE E 105 -20.74 15.28 38.60
CA ILE E 105 -19.76 15.12 39.69
C ILE E 105 -18.38 14.84 39.15
N ALA E 106 -18.33 13.94 38.18
CA ALA E 106 -17.07 13.63 37.46
C ALA E 106 -16.47 14.88 36.81
N GLN E 107 -17.28 15.57 36.03
CA GLN E 107 -16.87 16.81 35.35
C GLN E 107 -16.25 17.80 36.34
N GLN E 108 -17.02 18.18 37.33
CA GLN E 108 -16.57 19.16 38.36
C GLN E 108 -15.20 18.83 38.98
N GLU E 109 -15.00 17.55 39.25
CA GLU E 109 -13.75 17.07 39.85
C GLU E 109 -12.57 16.96 38.85
N GLU E 110 -12.84 16.50 37.65
CA GLU E 110 -11.77 16.14 36.70
C GLU E 110 -11.52 17.19 35.64
N ASP E 111 -12.55 17.98 35.35
CA ASP E 111 -12.49 19.02 34.32
C ASP E 111 -13.34 20.21 34.76
N PRO E 112 -12.93 20.88 35.84
CA PRO E 112 -13.74 21.94 36.44
C PRO E 112 -14.06 23.09 35.48
N ASN E 113 -13.12 23.40 34.61
CA ASN E 113 -13.24 24.53 33.69
C ASN E 113 -14.04 24.25 32.44
N ALA E 114 -14.64 23.06 32.37
CA ALA E 114 -15.34 22.63 31.13
C ALA E 114 -16.66 21.94 31.41
N PRO E 115 -17.70 22.73 31.76
CA PRO E 115 -18.99 22.11 31.99
C PRO E 115 -19.45 21.41 30.73
N ILE E 116 -20.27 20.39 30.89
CA ILE E 116 -20.77 19.66 29.73
C ILE E 116 -21.70 20.57 28.96
N ASP E 117 -21.47 20.66 27.65
CA ASP E 117 -22.27 21.53 26.79
C ASP E 117 -23.30 20.71 26.01
N THR E 118 -24.53 20.76 26.46
CA THR E 118 -25.62 20.00 25.83
C THR E 118 -26.02 20.55 24.46
N ASP E 119 -25.86 21.86 24.28
CA ASP E 119 -26.09 22.48 22.96
C ASP E 119 -25.11 21.87 21.94
N ASN E 120 -23.84 21.85 22.32
CA ASN E 120 -22.81 21.23 21.51
C ASN E 120 -23.22 19.81 21.18
N LEU E 121 -23.43 19.03 22.24
CA LEU E 121 -23.76 17.62 22.12
C LEU E 121 -24.94 17.41 21.16
N THR E 122 -25.94 18.27 21.26
CA THR E 122 -27.12 18.19 20.39
C THR E 122 -26.77 18.36 18.92
N GLN E 123 -25.92 19.34 18.62
CA GLN E 123 -25.51 19.59 17.24
C GLN E 123 -24.86 18.32 16.70
N ARG E 124 -23.91 17.79 17.45
CA ARG E 124 -23.15 16.62 17.02
C ARG E 124 -24.03 15.43 16.80
N LEU E 125 -24.97 15.21 17.70
CA LEU E 125 -25.80 14.03 17.59
C LEU E 125 -26.69 14.18 16.34
N HIS E 126 -27.32 15.33 16.20
CA HIS E 126 -28.21 15.53 15.04
C HIS E 126 -27.45 15.46 13.73
N ASN E 127 -26.22 15.95 13.74
CA ASN E 127 -25.31 15.83 12.60
C ASN E 127 -25.27 14.44 11.98
N PHE E 128 -25.25 13.43 12.84
CA PHE E 128 -25.24 12.02 12.39
C PHE E 128 -26.53 11.62 11.68
N THR E 129 -27.65 12.30 12.00
CA THR E 129 -28.95 12.00 11.35
C THR E 129 -28.90 12.36 9.86
N LYS E 130 -27.96 13.23 9.50
CA LYS E 130 -27.74 13.60 8.09
C LYS E 130 -27.30 12.39 7.25
N THR E 131 -26.51 11.50 7.85
CA THR E 131 -25.93 10.36 7.12
C THR E 131 -26.35 8.96 7.60
N TYR E 132 -27.11 8.89 8.69
CA TYR E 132 -27.67 7.61 9.18
C TYR E 132 -29.18 7.60 9.23
N ASP E 133 -29.76 6.46 8.86
CA ASP E 133 -31.21 6.20 8.99
C ASP E 133 -31.70 6.30 10.44
N LEU E 134 -30.89 5.80 11.35
CA LEU E 134 -31.21 5.81 12.78
C LEU E 134 -29.99 6.09 13.64
N VAL E 135 -30.13 7.05 14.56
CA VAL E 135 -29.04 7.40 15.48
C VAL E 135 -29.46 7.02 16.90
N ILE E 136 -28.82 5.97 17.42
CA ILE E 136 -29.09 5.52 18.78
C ILE E 136 -28.14 6.17 19.76
N VAL E 137 -28.69 6.80 20.78
CA VAL E 137 -27.89 7.52 21.77
C VAL E 137 -28.04 6.91 23.17
N GLU E 138 -26.96 6.30 23.67
CA GLU E 138 -27.00 5.77 25.06
C GLU E 138 -26.74 6.91 26.02
N GLY E 139 -27.66 7.06 26.97
CA GLY E 139 -27.43 7.95 28.12
C GLY E 139 -26.41 7.33 29.07
N ALA E 140 -26.34 7.89 30.28
CA ALA E 140 -25.54 7.30 31.36
C ALA E 140 -26.46 7.16 32.57
N GLY E 141 -26.42 5.98 33.17
CA GLY E 141 -27.25 5.65 34.32
C GLY E 141 -28.72 5.83 33.95
N GLY E 142 -29.51 6.37 34.86
CA GLY E 142 -30.94 6.64 34.61
C GLY E 142 -31.31 8.05 34.13
N LEU E 143 -32.61 8.34 34.18
CA LEU E 143 -33.23 9.58 33.65
C LEU E 143 -32.90 10.84 34.45
N CYS E 144 -32.84 10.71 35.77
CA CYS E 144 -32.61 11.87 36.63
C CYS E 144 -31.14 12.09 36.98
N VAL E 145 -30.28 11.33 36.34
CA VAL E 145 -28.82 11.48 36.48
C VAL E 145 -28.36 12.84 35.94
N PRO E 146 -27.72 13.64 36.79
CA PRO E 146 -27.40 15.00 36.41
C PRO E 146 -26.17 15.10 35.55
N ILE E 147 -26.29 15.93 34.52
CA ILE E 147 -25.23 16.18 33.57
C ILE E 147 -24.58 17.51 33.85
N THR E 148 -25.42 18.53 34.01
CA THR E 148 -24.97 19.88 34.39
C THR E 148 -25.76 20.41 35.58
N LEU E 149 -25.33 21.56 36.08
CA LEU E 149 -26.02 22.23 37.19
C LEU E 149 -27.54 22.32 36.95
N GLU E 150 -27.90 22.55 35.68
CA GLU E 150 -29.30 22.81 35.29
C GLU E 150 -30.03 21.62 34.65
N GLU E 151 -29.27 20.63 34.22
CA GLU E 151 -29.81 19.58 33.35
C GLU E 151 -29.46 18.16 33.72
N ASN E 152 -30.42 17.28 33.51
CA ASN E 152 -30.23 15.84 33.67
C ASN E 152 -30.46 15.10 32.35
N MET E 153 -30.31 13.79 32.39
CA MET E 153 -30.40 12.95 31.17
C MET E 153 -31.75 13.08 30.46
N LEU E 154 -32.81 13.18 31.24
CA LEU E 154 -34.16 13.37 30.66
C LEU E 154 -34.23 14.69 29.89
N ASP E 155 -33.73 15.74 30.53
CA ASP E 155 -33.69 17.09 29.97
C ASP E 155 -33.01 17.05 28.63
N PHE E 156 -31.87 16.37 28.63
CA PHE E 156 -31.02 16.17 27.44
C PHE E 156 -31.79 15.48 26.31
N ALA E 157 -32.44 14.37 26.64
CA ALA E 157 -33.28 13.63 25.67
C ALA E 157 -34.41 14.52 25.05
N LEU E 158 -34.98 15.36 25.89
CA LEU E 158 -36.01 16.30 25.46
C LEU E 158 -35.42 17.37 24.51
N LYS E 159 -34.26 17.89 24.88
CA LYS E 159 -33.55 18.89 24.06
C LYS E 159 -33.21 18.33 22.66
N LEU E 160 -32.82 17.06 22.64
CA LEU E 160 -32.55 16.35 21.37
C LEU E 160 -33.81 16.08 20.56
N LYS E 161 -34.96 16.36 21.17
CA LYS E 161 -36.27 16.04 20.59
C LYS E 161 -36.29 14.59 20.13
N ALA E 162 -35.58 13.73 20.86
CA ALA E 162 -35.49 12.33 20.51
C ALA E 162 -36.63 11.55 21.09
N LYS E 163 -36.79 10.34 20.55
CA LYS E 163 -37.68 9.32 21.12
C LYS E 163 -36.95 8.54 22.18
N MET E 164 -37.72 8.05 23.15
CA MET E 164 -37.14 7.44 24.35
C MET E 164 -37.42 5.95 24.42
N LEU E 165 -36.35 5.19 24.61
CA LEU E 165 -36.45 3.78 24.93
C LEU E 165 -35.82 3.62 26.28
N LEU E 166 -36.64 3.28 27.26
CA LEU E 166 -36.18 3.06 28.65
C LEU E 166 -36.07 1.57 29.02
N ILE E 167 -34.85 1.13 29.26
CA ILE E 167 -34.61 -0.26 29.53
C ILE E 167 -34.76 -0.53 31.01
N SER E 168 -35.42 -1.64 31.34
CA SER E 168 -35.56 -2.08 32.74
C SER E 168 -34.84 -3.40 32.98
N HIS E 169 -34.36 -3.57 34.20
CA HIS E 169 -33.83 -4.84 34.62
C HIS E 169 -35.01 -5.78 34.76
N ASP E 170 -34.70 -7.07 34.92
CA ASP E 170 -35.71 -8.13 34.96
C ASP E 170 -35.85 -8.82 36.30
N ASN E 171 -35.45 -8.14 37.39
CA ASN E 171 -35.46 -8.73 38.75
C ASN E 171 -36.62 -8.27 39.58
N LEU E 172 -36.76 -8.96 40.73
CA LEU E 172 -37.65 -8.50 41.80
C LEU E 172 -37.37 -7.04 42.04
N GLY E 173 -38.43 -6.24 41.98
CA GLY E 173 -38.34 -4.76 42.12
C GLY E 173 -38.57 -3.98 40.84
N LEU E 174 -38.65 -4.70 39.74
CA LEU E 174 -38.77 -4.06 38.43
C LEU E 174 -40.09 -3.30 38.28
N ILE E 175 -41.14 -3.82 38.90
CA ILE E 175 -42.46 -3.18 38.82
C ILE E 175 -42.38 -1.77 39.33
N ASN E 176 -41.88 -1.62 40.54
CA ASN E 176 -41.71 -0.30 41.17
C ASN E 176 -40.90 0.65 40.29
N ASP E 177 -39.77 0.12 39.80
CA ASP E 177 -38.84 0.91 39.00
C ASP E 177 -39.50 1.30 37.69
N CYS E 178 -40.14 0.35 37.05
CA CYS E 178 -40.80 0.66 35.80
C CYS E 178 -41.83 1.77 36.00
N LEU E 179 -42.67 1.59 37.02
CA LEU E 179 -43.79 2.52 37.24
C LEU E 179 -43.33 3.92 37.66
N LEU E 180 -42.28 3.98 38.46
CA LEU E 180 -41.72 5.27 38.84
C LEU E 180 -41.30 6.03 37.61
N ASN E 181 -40.63 5.34 36.71
CA ASN E 181 -40.15 5.93 35.46
C ASN E 181 -41.31 6.26 34.53
N ASP E 182 -42.30 5.37 34.50
CA ASP E 182 -43.51 5.60 33.69
C ASP E 182 -44.14 6.92 34.12
N PHE E 183 -44.23 7.10 35.43
CA PHE E 183 -44.84 8.28 35.99
C PHE E 183 -44.12 9.54 35.57
N LEU E 184 -42.80 9.50 35.57
CA LEU E 184 -41.99 10.65 35.20
C LEU E 184 -42.11 10.94 33.72
N LEU E 185 -41.98 9.90 32.91
CA LEU E 185 -42.02 10.04 31.42
C LEU E 185 -43.35 10.56 30.92
N LYS E 186 -44.43 9.92 31.38
CA LYS E 186 -45.81 10.32 30.99
C LYS E 186 -46.16 11.76 31.40
N SER E 187 -45.41 12.29 32.35
CA SER E 187 -45.51 13.71 32.76
C SER E 187 -44.79 14.69 31.83
N HIS E 188 -44.16 14.18 30.80
CA HIS E 188 -43.43 15.04 29.89
C HIS E 188 -43.91 14.87 28.46
N GLN E 189 -43.71 15.90 27.64
CA GLN E 189 -44.04 15.81 26.23
C GLN E 189 -42.87 15.19 25.49
N LEU E 190 -42.79 13.88 25.66
CA LEU E 190 -41.79 13.05 25.04
C LEU E 190 -42.55 11.79 24.72
N ASP E 191 -42.09 11.10 23.69
CA ASP E 191 -42.70 9.86 23.25
C ASP E 191 -41.76 8.70 23.64
N TYR E 192 -42.30 7.66 24.30
CA TYR E 192 -41.44 6.67 24.91
C TYR E 192 -42.00 5.26 24.94
N LYS E 193 -41.10 4.30 25.10
CA LYS E 193 -41.48 2.91 25.36
C LYS E 193 -40.59 2.38 26.47
N ILE E 194 -41.17 1.57 27.35
CA ILE E 194 -40.41 0.89 28.40
C ILE E 194 -40.27 -0.58 27.99
N ALA E 195 -39.04 -1.06 27.94
CA ALA E 195 -38.76 -2.47 27.62
C ALA E 195 -37.99 -3.13 28.74
N ILE E 196 -38.43 -4.33 29.08
CA ILE E 196 -37.71 -5.14 29.98
C ILE E 196 -36.60 -5.90 29.26
N ASN E 197 -35.40 -5.78 29.81
CA ASN E 197 -34.23 -6.57 29.41
C ASN E 197 -34.23 -7.93 30.12
N LEU E 198 -34.84 -8.91 29.48
CA LEU E 198 -35.08 -10.19 30.10
C LEU E 198 -33.94 -11.11 29.82
N LYS E 199 -33.24 -11.51 30.89
CA LYS E 199 -32.11 -12.41 30.75
C LYS E 199 -32.64 -13.80 30.48
N GLY E 200 -31.93 -14.54 29.64
CA GLY E 200 -32.48 -15.77 29.10
C GLY E 200 -32.69 -16.75 30.19
N ASN E 201 -31.75 -16.69 31.12
CA ASN E 201 -31.65 -17.60 32.24
C ASN E 201 -32.55 -17.23 33.41
N ASN E 202 -33.21 -16.09 33.31
CA ASN E 202 -34.11 -15.69 34.38
C ASN E 202 -35.47 -16.36 34.20
N THR E 203 -35.55 -17.51 34.86
CA THR E 203 -36.72 -18.38 34.93
C THR E 203 -37.88 -17.91 35.82
N ALA E 204 -37.54 -17.24 36.92
CA ALA E 204 -38.47 -16.68 37.89
C ALA E 204 -39.37 -15.52 37.41
N PHE E 205 -38.82 -14.62 36.61
CA PHE E 205 -39.57 -13.47 36.06
C PHE E 205 -41.01 -13.77 35.64
N HIS E 206 -41.20 -14.86 34.92
CA HIS E 206 -42.48 -15.17 34.34
C HIS E 206 -43.60 -15.36 35.36
N SER E 207 -43.25 -15.87 36.53
CA SER E 207 -44.21 -16.07 37.62
C SER E 207 -44.21 -14.95 38.70
N ILE E 208 -43.10 -14.21 38.79
CA ILE E 208 -42.93 -13.22 39.86
C ILE E 208 -43.38 -11.81 39.48
N SER E 209 -43.00 -11.40 38.28
CA SER E 209 -43.22 -10.02 37.80
C SER E 209 -44.18 -9.91 36.59
N LEU E 210 -44.02 -10.80 35.62
CA LEU E 210 -44.78 -10.75 34.38
C LEU E 210 -46.30 -10.60 34.54
N PRO E 211 -46.90 -11.33 35.52
CA PRO E 211 -48.34 -11.19 35.74
C PRO E 211 -48.80 -9.77 35.92
N TYR E 212 -48.17 -9.02 36.83
CA TYR E 212 -48.54 -7.61 37.00
C TYR E 212 -48.32 -6.77 35.72
N ILE E 213 -47.22 -7.02 35.01
CA ILE E 213 -46.98 -6.32 33.78
C ILE E 213 -48.13 -6.54 32.81
N GLU E 214 -48.57 -7.79 32.66
CA GLU E 214 -49.70 -8.11 31.77
C GLU E 214 -50.92 -7.31 32.18
N LEU E 215 -51.20 -7.35 33.48
CA LEU E 215 -52.34 -6.64 34.06
C LEU E 215 -52.22 -5.15 33.82
N PHE E 216 -51.07 -4.59 34.16
CA PHE E 216 -50.78 -3.18 33.89
C PHE E 216 -51.08 -2.82 32.44
N ASN E 217 -50.65 -3.68 31.51
CA ASN E 217 -50.77 -3.44 30.06
C ASN E 217 -52.23 -3.43 29.59
N THR E 218 -53.09 -4.21 30.23
CA THR E 218 -54.50 -4.21 29.87
C THR E 218 -55.13 -2.82 30.13
N ARG E 219 -54.57 -2.05 31.05
CA ARG E 219 -55.17 -0.77 31.45
C ARG E 219 -54.34 0.45 31.03
N SER E 220 -53.23 0.23 30.35
CA SER E 220 -52.36 1.34 29.97
C SER E 220 -52.32 1.54 28.44
N ASN E 221 -52.32 2.79 28.00
CA ASN E 221 -52.17 3.04 26.57
C ASN E 221 -50.70 3.00 26.13
N ASN E 222 -49.79 2.84 27.10
CA ASN E 222 -48.36 2.71 26.80
C ASN E 222 -47.75 1.43 27.37
N PRO E 223 -48.07 0.27 26.76
CA PRO E 223 -47.69 -1.01 27.36
C PRO E 223 -46.19 -1.22 27.53
N ILE E 224 -45.84 -1.92 28.58
CA ILE E 224 -44.48 -2.35 28.78
C ILE E 224 -44.24 -3.65 28.01
N VAL E 225 -43.22 -3.63 27.18
CA VAL E 225 -42.89 -4.79 26.35
C VAL E 225 -41.65 -5.50 26.89
N ILE E 226 -41.41 -6.71 26.40
CA ILE E 226 -40.17 -7.42 26.70
C ILE E 226 -39.23 -7.19 25.54
N PHE E 227 -38.12 -6.52 25.82
CA PHE E 227 -37.18 -6.13 24.76
C PHE E 227 -36.82 -7.24 23.77
N GLN E 228 -36.35 -8.36 24.31
CA GLN E 228 -35.87 -9.44 23.47
C GLN E 228 -36.93 -9.98 22.49
N GLN E 229 -38.20 -9.71 22.81
CA GLN E 229 -39.34 -10.18 22.00
C GLN E 229 -39.89 -9.06 21.09
N SER E 230 -39.25 -7.91 21.09
CA SER E 230 -39.86 -6.70 20.52
C SER E 230 -38.96 -5.95 19.52
N LEU E 231 -37.96 -6.63 18.96
CA LEU E 231 -37.02 -5.97 18.07
C LEU E 231 -37.72 -5.32 16.88
N LYS E 232 -38.62 -6.07 16.22
CA LYS E 232 -39.37 -5.52 15.07
C LYS E 232 -40.23 -4.35 15.53
N VAL E 233 -40.96 -4.57 16.62
CA VAL E 233 -41.86 -3.55 17.18
C VAL E 233 -41.11 -2.26 17.54
N LEU E 234 -39.94 -2.43 18.14
CA LEU E 234 -39.11 -1.29 18.58
C LEU E 234 -38.39 -0.58 17.42
N MET E 235 -38.04 -1.32 16.38
CA MET E 235 -37.48 -0.69 15.19
C MET E 235 -38.52 0.24 14.56
N SER E 236 -39.74 -0.26 14.44
CA SER E 236 -40.86 0.54 13.93
C SER E 236 -41.04 1.83 14.74
N PHE E 237 -41.14 1.66 16.05
CA PHE E 237 -41.27 2.77 16.98
C PHE E 237 -40.18 3.80 16.75
N ALA E 238 -38.96 3.32 16.70
CA ALA E 238 -37.80 4.20 16.51
C ALA E 238 -37.92 5.00 15.23
N LEU E 239 -38.40 4.34 14.17
CA LEU E 239 -38.51 4.97 12.83
C LEU E 239 -39.83 5.68 12.55
N LYS E 240 -40.89 5.34 13.31
CA LYS E 240 -42.20 5.98 13.11
C LYS E 240 -42.06 7.51 13.13
N GLY E 241 -42.99 8.19 12.47
CA GLY E 241 -42.92 9.64 12.31
C GLY E 241 -44.27 10.28 12.04
N PHE F 19 -56.89 10.73 72.98
CA PHE F 19 -55.46 10.59 72.60
C PHE F 19 -55.31 10.11 71.16
N GLN F 20 -54.53 10.83 70.37
CA GLN F 20 -54.11 10.34 69.08
C GLN F 20 -52.59 10.28 69.00
N GLY F 21 -52.07 9.07 68.77
CA GLY F 21 -50.66 8.88 68.48
C GLY F 21 -50.43 9.23 67.03
N HIS F 22 -49.15 9.17 66.64
CA HIS F 22 -48.73 9.48 65.26
C HIS F 22 -48.38 8.24 64.45
N MET F 23 -48.50 8.35 63.14
CA MET F 23 -48.22 7.20 62.28
C MET F 23 -47.18 7.52 61.21
N LEU F 24 -46.12 6.71 61.19
CA LEU F 24 -45.04 6.81 60.20
C LEU F 24 -44.97 5.59 59.28
N PHE F 25 -45.22 5.82 58.01
CA PHE F 25 -45.08 4.80 57.02
C PHE F 25 -43.65 4.80 56.53
N ILE F 26 -43.08 3.60 56.45
CA ILE F 26 -41.71 3.44 55.96
C ILE F 26 -41.69 2.65 54.69
N SER F 27 -41.17 3.25 53.66
CA SER F 27 -41.03 2.63 52.35
C SER F 27 -39.61 2.83 51.91
N ALA F 28 -39.33 2.45 50.67
CA ALA F 28 -37.96 2.48 50.15
C ALA F 28 -37.82 2.69 48.66
N THR F 29 -36.60 2.94 48.23
CA THR F 29 -36.30 3.09 46.82
C THR F 29 -36.67 1.80 46.14
N ASN F 30 -36.35 0.71 46.82
CA ASN F 30 -36.84 -0.61 46.40
C ASN F 30 -36.78 -1.61 47.56
N THR F 31 -37.09 -2.86 47.28
CA THR F 31 -36.89 -3.94 48.25
C THR F 31 -35.40 -4.09 48.56
N ASN F 32 -35.13 -4.62 49.74
CA ASN F 32 -33.76 -4.89 50.19
C ASN F 32 -32.89 -3.62 50.28
N ALA F 33 -33.52 -2.51 50.67
CA ALA F 33 -32.88 -1.18 50.78
C ALA F 33 -32.50 -0.81 52.21
N GLY F 34 -33.20 -1.42 53.16
CA GLY F 34 -32.98 -1.16 54.61
C GLY F 34 -34.20 -0.76 55.42
N LYS F 35 -35.38 -0.87 54.83
CA LYS F 35 -36.60 -0.48 55.54
C LYS F 35 -36.54 -1.06 56.95
N THR F 36 -36.44 -2.39 57.01
CA THR F 36 -36.59 -3.10 58.29
C THR F 36 -35.51 -2.67 59.30
N THR F 37 -34.27 -2.65 58.87
CA THR F 37 -33.18 -2.26 59.75
C THR F 37 -33.39 -0.84 60.31
N CYS F 38 -33.69 0.07 59.41
CA CYS F 38 -33.83 1.48 59.77
C CYS F 38 -35.01 1.65 60.68
N ALA F 39 -36.09 0.98 60.32
CA ALA F 39 -37.32 1.00 61.12
C ALA F 39 -36.99 0.65 62.58
N ARG F 40 -36.26 -0.44 62.74
CA ARG F 40 -35.86 -0.89 64.06
C ARG F 40 -34.98 0.13 64.78
N LEU F 41 -33.97 0.61 64.08
CA LEU F 41 -33.08 1.62 64.63
C LEU F 41 -33.86 2.84 65.16
N LEU F 42 -34.86 3.25 64.38
CA LEU F 42 -35.65 4.44 64.72
C LEU F 42 -36.54 4.15 65.96
N ALA F 43 -37.20 3.01 65.91
CA ALA F 43 -38.06 2.58 67.02
C ALA F 43 -37.25 2.48 68.31
N GLN F 44 -36.08 1.88 68.18
CA GLN F 44 -35.13 1.73 69.28
C GLN F 44 -34.86 3.11 69.92
N TYR F 45 -34.53 4.08 69.05
CA TYR F 45 -34.17 5.43 69.51
C TYR F 45 -35.35 6.08 70.17
N CYS F 46 -36.49 6.03 69.50
CA CYS F 46 -37.73 6.59 70.06
C CYS F 46 -38.06 6.03 71.43
N ASN F 47 -38.12 4.71 71.52
CA ASN F 47 -38.49 4.01 72.77
C ASN F 47 -37.52 4.36 73.89
N ALA F 48 -36.25 4.54 73.54
CA ALA F 48 -35.22 4.93 74.53
C ALA F 48 -35.50 6.34 75.05
N CYS F 49 -36.03 7.19 74.18
CA CYS F 49 -36.38 8.58 74.55
C CYS F 49 -37.73 8.69 75.22
N GLY F 50 -38.30 7.56 75.59
CA GLY F 50 -39.61 7.53 76.26
C GLY F 50 -40.79 7.73 75.33
N VAL F 51 -40.53 7.65 74.03
CA VAL F 51 -41.59 7.73 73.01
C VAL F 51 -42.08 6.31 72.66
N LYS F 52 -43.25 5.96 73.18
CA LYS F 52 -43.75 4.58 73.11
C LYS F 52 -44.04 4.24 71.66
N THR F 53 -43.19 3.40 71.08
CA THR F 53 -43.22 3.08 69.63
C THR F 53 -43.32 1.60 69.27
N ILE F 54 -44.39 1.28 68.55
CA ILE F 54 -44.64 -0.08 68.04
C ILE F 54 -44.28 -0.19 66.58
N LEU F 55 -43.86 -1.39 66.18
CA LEU F 55 -43.40 -1.68 64.80
C LEU F 55 -44.33 -2.67 64.12
N LEU F 56 -44.88 -2.27 62.98
CA LEU F 56 -45.86 -3.09 62.25
C LEU F 56 -45.45 -3.41 60.84
N LYS F 57 -45.67 -4.66 60.46
CA LYS F 57 -45.44 -5.15 59.09
C LYS F 57 -46.74 -5.76 58.59
N PRO F 58 -47.70 -4.90 58.17
CA PRO F 58 -49.04 -5.37 57.88
C PRO F 58 -49.11 -6.39 56.76
N ILE F 59 -48.33 -6.14 55.70
CA ILE F 59 -48.28 -7.03 54.56
C ILE F 59 -46.84 -7.47 54.40
N GLU F 60 -46.64 -8.77 54.27
CA GLU F 60 -45.31 -9.33 54.07
C GLU F 60 -45.37 -10.55 53.18
N THR F 61 -44.39 -10.65 52.27
CA THR F 61 -44.33 -11.72 51.33
C THR F 61 -42.97 -12.39 51.41
N GLY F 62 -42.84 -13.55 50.78
CA GLY F 62 -41.58 -14.29 50.78
C GLY F 62 -41.28 -14.91 52.12
N VAL F 63 -42.33 -15.26 52.84
CA VAL F 63 -42.17 -15.81 54.17
C VAL F 63 -42.73 -17.23 54.30
N ASN F 64 -42.12 -18.01 55.19
CA ASN F 64 -42.63 -19.32 55.56
C ASN F 64 -42.44 -19.48 57.05
N ASP F 65 -43.51 -19.20 57.78
CA ASP F 65 -43.45 -19.04 59.23
C ASP F 65 -43.23 -20.36 59.97
N ALA F 66 -43.48 -21.48 59.29
CA ALA F 66 -43.24 -22.83 59.84
C ALA F 66 -41.74 -23.10 59.96
N ILE F 67 -40.98 -22.57 59.02
CA ILE F 67 -39.57 -22.90 58.87
C ILE F 67 -38.65 -21.79 59.34
N ASN F 68 -38.99 -20.55 59.02
CA ASN F 68 -38.11 -19.41 59.24
C ASN F 68 -38.77 -18.41 60.21
N HIS F 69 -37.99 -18.01 61.21
CA HIS F 69 -38.45 -17.11 62.25
C HIS F 69 -37.66 -15.82 62.25
N SER F 70 -37.25 -15.39 61.06
CA SER F 70 -36.44 -14.18 60.94
C SER F 70 -37.09 -13.12 60.03
N SER F 71 -38.38 -13.28 59.74
CA SER F 71 -39.10 -12.35 58.89
C SER F 71 -39.10 -11.01 59.56
N ASP F 72 -39.45 -10.00 58.78
CA ASP F 72 -39.52 -8.64 59.31
C ASP F 72 -40.51 -8.61 60.50
N ALA F 73 -41.61 -9.33 60.37
CA ALA F 73 -42.61 -9.34 61.42
C ALA F 73 -42.02 -9.96 62.68
N HIS F 74 -41.25 -11.02 62.52
CA HIS F 74 -40.62 -11.68 63.68
C HIS F 74 -39.66 -10.73 64.37
N LEU F 75 -38.80 -10.08 63.61
CA LEU F 75 -37.87 -9.13 64.20
C LEU F 75 -38.62 -8.02 64.95
N PHE F 76 -39.65 -7.49 64.31
CA PHE F 76 -40.53 -6.50 64.92
C PHE F 76 -41.17 -7.03 66.19
N LEU F 77 -41.64 -8.27 66.15
CA LEU F 77 -42.37 -8.84 67.30
C LEU F 77 -41.51 -8.83 68.55
N GLN F 78 -40.29 -9.27 68.38
CA GLN F 78 -39.35 -9.32 69.48
C GLN F 78 -38.97 -7.94 70.02
N ASP F 79 -39.01 -6.92 69.17
CA ASP F 79 -38.77 -5.56 69.68
C ASP F 79 -40.01 -5.07 70.43
N ASN F 80 -41.16 -5.29 69.81
CA ASN F 80 -42.41 -4.88 70.37
C ASN F 80 -42.69 -5.48 71.76
N ARG F 81 -42.22 -6.69 71.95
CA ARG F 81 -42.49 -7.42 73.20
C ARG F 81 -41.83 -6.80 74.42
N LEU F 82 -40.88 -5.91 74.19
CA LEU F 82 -40.25 -5.14 75.28
C LEU F 82 -41.22 -4.10 75.83
N LEU F 83 -42.25 -3.79 75.03
CA LEU F 83 -43.30 -2.87 75.45
C LEU F 83 -44.55 -3.60 75.89
N ASP F 84 -44.91 -4.63 75.13
CA ASP F 84 -46.10 -5.45 75.40
C ASP F 84 -45.81 -6.90 75.07
N ARG F 85 -45.49 -7.61 76.13
CA ARG F 85 -45.13 -9.00 76.08
C ARG F 85 -46.24 -9.91 75.50
N SER F 86 -47.48 -9.55 75.71
CA SER F 86 -48.58 -10.39 75.26
C SER F 86 -48.70 -10.48 73.74
N LEU F 87 -47.99 -9.62 73.03
CA LEU F 87 -48.16 -9.50 71.58
C LEU F 87 -47.73 -10.76 70.82
N THR F 88 -48.39 -10.98 69.69
CA THR F 88 -48.10 -12.14 68.83
C THR F 88 -47.99 -11.74 67.38
N LEU F 89 -47.38 -12.61 66.58
CA LEU F 89 -47.08 -12.28 65.18
C LEU F 89 -48.35 -11.78 64.51
N LYS F 90 -49.44 -12.52 64.73
CA LYS F 90 -50.73 -12.23 64.07
C LYS F 90 -51.33 -10.87 64.47
N ASP F 91 -50.86 -10.33 65.58
CA ASP F 91 -51.26 -9.00 66.05
C ASP F 91 -50.65 -7.82 65.29
N ILE F 92 -49.48 -8.04 64.71
CA ILE F 92 -48.70 -6.97 64.05
C ILE F 92 -48.42 -7.20 62.58
N SER F 93 -48.85 -8.34 62.08
CA SER F 93 -48.74 -8.67 60.66
C SER F 93 -49.96 -9.50 60.24
N PHE F 94 -50.58 -9.10 59.14
CA PHE F 94 -51.94 -9.54 58.82
C PHE F 94 -52.10 -10.33 57.52
N TYR F 95 -51.38 -9.90 56.50
CA TYR F 95 -51.36 -10.63 55.23
C TYR F 95 -49.95 -11.13 54.95
N ARG F 96 -49.81 -12.45 54.94
CA ARG F 96 -48.49 -13.09 54.87
C ARG F 96 -48.48 -14.21 53.85
N TYR F 97 -47.52 -14.15 52.93
CA TYR F 97 -47.47 -15.11 51.79
C TYR F 97 -46.09 -15.71 51.55
N HIS F 98 -46.07 -16.94 51.05
CA HIS F 98 -44.81 -17.66 50.74
C HIS F 98 -44.07 -17.08 49.53
N LYS F 99 -44.85 -16.67 48.55
CA LYS F 99 -44.30 -16.24 47.27
C LYS F 99 -43.41 -15.00 47.43
N VAL F 100 -42.25 -15.04 46.79
CA VAL F 100 -41.34 -13.91 46.83
C VAL F 100 -41.69 -12.94 45.71
N SER F 101 -42.69 -12.12 45.99
CA SER F 101 -43.31 -11.28 44.97
C SER F 101 -44.06 -10.09 45.56
N ALA F 102 -44.55 -9.23 44.68
CA ALA F 102 -45.50 -8.21 45.06
C ALA F 102 -46.71 -8.88 45.71
N PRO F 103 -47.28 -8.26 46.74
CA PRO F 103 -48.36 -8.85 47.45
C PRO F 103 -49.55 -9.23 46.57
N LEU F 104 -49.91 -8.36 45.63
CA LEU F 104 -51.08 -8.64 44.78
C LEU F 104 -50.93 -9.99 44.09
N ILE F 105 -49.74 -10.22 43.57
CA ILE F 105 -49.43 -11.46 42.84
C ILE F 105 -49.50 -12.67 43.78
N ALA F 106 -48.87 -12.51 44.93
CA ALA F 106 -48.88 -13.52 45.98
C ALA F 106 -50.31 -13.88 46.38
N GLN F 107 -51.08 -12.84 46.71
CA GLN F 107 -52.49 -13.02 47.13
C GLN F 107 -53.27 -13.83 46.11
N GLN F 108 -53.28 -13.35 44.87
CA GLN F 108 -54.04 -13.99 43.77
C GLN F 108 -53.72 -15.47 43.61
N GLU F 109 -52.45 -15.82 43.77
CA GLU F 109 -51.99 -17.21 43.65
C GLU F 109 -52.24 -18.08 44.87
N GLU F 110 -52.07 -17.51 46.05
CA GLU F 110 -52.11 -18.30 47.30
C GLU F 110 -53.41 -18.20 48.06
N ASP F 111 -54.11 -17.09 47.87
CA ASP F 111 -55.39 -16.83 48.56
C ASP F 111 -56.38 -16.08 47.64
N PRO F 112 -56.77 -16.71 46.52
CA PRO F 112 -57.55 -16.05 45.47
C PRO F 112 -58.83 -15.44 45.98
N ASN F 113 -59.44 -16.10 46.95
CA ASN F 113 -60.75 -15.67 47.46
C ASN F 113 -60.70 -14.57 48.50
N ALA F 114 -59.52 -14.04 48.76
CA ALA F 114 -59.34 -13.07 49.85
C ALA F 114 -58.45 -11.88 49.43
N PRO F 115 -59.00 -10.96 48.64
CA PRO F 115 -58.23 -9.80 48.28
C PRO F 115 -57.82 -9.08 49.53
N ILE F 116 -56.69 -8.40 49.46
CA ILE F 116 -56.21 -7.65 50.62
C ILE F 116 -57.16 -6.49 50.86
N ASP F 117 -57.57 -6.32 52.12
CA ASP F 117 -58.52 -5.27 52.48
C ASP F 117 -57.82 -4.11 53.16
N THR F 118 -57.61 -3.05 52.39
CA THR F 118 -56.90 -1.85 52.91
C THR F 118 -57.75 -1.08 53.94
N ASP F 119 -59.06 -1.13 53.79
CA ASP F 119 -59.95 -0.51 54.78
C ASP F 119 -59.74 -1.18 56.13
N ASN F 120 -59.80 -2.51 56.13
CA ASN F 120 -59.50 -3.30 57.34
C ASN F 120 -58.13 -2.94 57.89
N LEU F 121 -57.12 -3.05 57.06
CA LEU F 121 -55.76 -2.76 57.49
C LEU F 121 -55.69 -1.39 58.15
N THR F 122 -56.36 -0.41 57.57
CA THR F 122 -56.33 0.96 58.11
C THR F 122 -56.89 1.03 59.53
N GLN F 123 -58.02 0.36 59.73
CA GLN F 123 -58.65 0.35 61.06
C GLN F 123 -57.64 -0.18 62.05
N ARG F 124 -57.06 -1.33 61.71
CA ARG F 124 -56.13 -2.06 62.58
C ARG F 124 -54.90 -1.25 62.94
N LEU F 125 -54.38 -0.53 61.96
CA LEU F 125 -53.18 0.26 62.18
C LEU F 125 -53.53 1.44 63.07
N HIS F 126 -54.59 2.15 62.70
CA HIS F 126 -55.07 3.34 63.44
C HIS F 126 -55.31 2.95 64.92
N ASN F 127 -55.93 1.79 65.09
CA ASN F 127 -56.22 1.23 66.41
C ASN F 127 -55.03 1.30 67.36
N PHE F 128 -53.85 0.99 66.83
CA PHE F 128 -52.62 1.05 67.64
C PHE F 128 -52.26 2.48 68.09
N THR F 129 -52.67 3.47 67.32
CA THR F 129 -52.43 4.89 67.70
C THR F 129 -53.17 5.28 68.98
N LYS F 130 -54.19 4.51 69.34
CA LYS F 130 -54.92 4.68 70.61
C LYS F 130 -54.04 4.42 71.84
N THR F 131 -53.11 3.49 71.71
CA THR F 131 -52.25 3.08 72.87
C THR F 131 -50.73 3.31 72.69
N TYR F 132 -50.30 3.70 71.50
CA TYR F 132 -48.88 4.03 71.25
C TYR F 132 -48.66 5.47 70.79
N ASP F 133 -47.60 6.08 71.34
CA ASP F 133 -47.15 7.44 70.94
C ASP F 133 -46.87 7.53 69.44
N LEU F 134 -46.25 6.47 68.93
CA LEU F 134 -45.82 6.36 67.51
C LEU F 134 -46.00 4.96 66.92
N VAL F 135 -46.69 4.90 65.80
CA VAL F 135 -46.93 3.63 65.12
C VAL F 135 -46.15 3.63 63.82
N ILE F 136 -45.09 2.84 63.78
CA ILE F 136 -44.29 2.67 62.55
C ILE F 136 -44.77 1.51 61.68
N VAL F 137 -45.02 1.81 60.43
CA VAL F 137 -45.59 0.83 59.50
C VAL F 137 -44.63 0.57 58.36
N GLU F 138 -44.04 -0.63 58.31
CA GLU F 138 -43.19 -1.01 57.16
C GLU F 138 -44.08 -1.48 56.03
N GLY F 139 -43.90 -0.86 54.88
CA GLY F 139 -44.50 -1.33 53.65
C GLY F 139 -43.81 -2.59 53.16
N ALA F 140 -44.01 -2.92 51.90
CA ALA F 140 -43.30 -4.03 51.28
C ALA F 140 -42.76 -3.50 49.96
N GLY F 141 -41.48 -3.76 49.72
CA GLY F 141 -40.82 -3.26 48.53
C GLY F 141 -40.92 -1.75 48.48
N GLY F 142 -41.14 -1.21 47.28
CA GLY F 142 -41.25 0.23 47.08
C GLY F 142 -42.65 0.79 47.04
N LEU F 143 -42.74 2.04 46.57
CA LEU F 143 -43.98 2.83 46.59
C LEU F 143 -45.03 2.33 45.62
N CYS F 144 -44.60 1.94 44.43
CA CYS F 144 -45.54 1.53 43.36
C CYS F 144 -45.83 0.03 43.34
N VAL F 145 -45.37 -0.64 44.37
CA VAL F 145 -45.66 -2.06 44.55
C VAL F 145 -47.16 -2.30 44.79
N PRO F 146 -47.78 -3.11 43.94
CA PRO F 146 -49.20 -3.26 44.02
C PRO F 146 -49.66 -4.17 45.14
N ILE F 147 -50.70 -3.72 45.81
CA ILE F 147 -51.35 -4.49 46.88
C ILE F 147 -52.65 -5.12 46.42
N THR F 148 -53.47 -4.32 45.76
CA THR F 148 -54.70 -4.80 45.15
C THR F 148 -54.81 -4.33 43.70
N LEU F 149 -55.83 -4.84 43.02
CA LEU F 149 -56.13 -4.43 41.64
C LEU F 149 -56.14 -2.91 41.49
N GLU F 150 -56.60 -2.22 42.51
CA GLU F 150 -56.79 -0.75 42.47
C GLU F 150 -55.74 0.07 43.22
N GLU F 151 -54.95 -0.59 44.05
CA GLU F 151 -54.11 0.11 45.02
C GLU F 151 -52.70 -0.39 45.15
N ASN F 152 -51.78 0.56 45.33
CA ASN F 152 -50.38 0.26 45.63
C ASN F 152 -49.96 0.82 46.99
N MET F 153 -48.71 0.58 47.37
CA MET F 153 -48.23 0.95 48.70
C MET F 153 -48.40 2.44 48.95
N LEU F 154 -48.12 3.25 47.95
CA LEU F 154 -48.27 4.71 48.13
C LEU F 154 -49.71 5.04 48.48
N ASP F 155 -50.63 4.45 47.70
CA ASP F 155 -52.09 4.63 47.86
C ASP F 155 -52.49 4.34 49.31
N PHE F 156 -51.96 3.20 49.77
CA PHE F 156 -52.17 2.70 51.14
C PHE F 156 -51.69 3.74 52.18
N ALA F 157 -50.46 4.20 52.01
CA ALA F 157 -49.89 5.22 52.90
C ALA F 157 -50.74 6.49 52.95
N LEU F 158 -51.30 6.87 51.81
CA LEU F 158 -52.18 8.05 51.73
C LEU F 158 -53.50 7.79 52.46
N LYS F 159 -54.06 6.60 52.25
CA LYS F 159 -55.31 6.19 52.91
C LYS F 159 -55.16 6.23 54.43
N LEU F 160 -53.99 5.80 54.90
CA LEU F 160 -53.63 5.85 56.35
C LEU F 160 -53.43 7.26 56.86
N LYS F 161 -53.44 8.21 55.95
CA LYS F 161 -53.13 9.60 56.28
C LYS F 161 -51.84 9.66 57.12
N ALA F 162 -50.93 8.75 56.85
CA ALA F 162 -49.64 8.69 57.54
C ALA F 162 -48.58 9.59 56.90
N LYS F 163 -47.55 9.82 57.69
CA LYS F 163 -46.34 10.47 57.22
C LYS F 163 -45.43 9.43 56.61
N MET F 164 -44.62 9.88 55.66
CA MET F 164 -43.79 8.98 54.87
C MET F 164 -42.31 9.16 55.11
N LEU F 165 -41.66 8.05 55.42
CA LEU F 165 -40.21 8.02 55.48
C LEU F 165 -39.79 7.02 54.45
N LEU F 166 -39.13 7.52 53.41
CA LEU F 166 -38.64 6.69 52.29
C LEU F 166 -37.16 6.43 52.39
N ILE F 167 -36.79 5.17 52.58
CA ILE F 167 -35.39 4.78 52.77
C ILE F 167 -34.73 4.50 51.42
N SER F 168 -33.51 5.01 51.24
CA SER F 168 -32.74 4.76 50.03
C SER F 168 -31.51 3.95 50.34
N HIS F 169 -31.11 3.15 49.37
CA HIS F 169 -29.80 2.49 49.43
C HIS F 169 -28.72 3.55 49.27
N ASP F 170 -27.49 3.14 49.55
CA ASP F 170 -26.33 4.07 49.54
C ASP F 170 -25.33 3.84 48.39
N ASN F 171 -25.78 3.19 47.34
CA ASN F 171 -24.88 2.79 46.24
C ASN F 171 -24.98 3.67 45.03
N LEU F 172 -24.02 3.50 44.15
CA LEU F 172 -24.08 4.10 42.81
C LEU F 172 -25.47 3.83 42.25
N GLY F 173 -26.14 4.89 41.83
CA GLY F 173 -27.51 4.83 41.32
C GLY F 173 -28.55 5.44 42.26
N LEU F 174 -28.12 5.78 43.46
CA LEU F 174 -29.05 6.26 44.48
C LEU F 174 -29.66 7.59 44.10
N ILE F 175 -28.90 8.42 43.42
CA ILE F 175 -29.39 9.75 42.99
C ILE F 175 -30.64 9.62 42.11
N ASN F 176 -30.54 8.80 41.08
CA ASN F 176 -31.67 8.55 40.19
C ASN F 176 -32.88 8.03 40.95
N ASP F 177 -32.63 7.04 41.79
CA ASP F 177 -33.69 6.41 42.57
C ASP F 177 -34.34 7.41 43.50
N CYS F 178 -33.50 8.16 44.21
CA CYS F 178 -34.03 9.15 45.15
C CYS F 178 -34.93 10.13 44.42
N LEU F 179 -34.42 10.64 43.31
CA LEU F 179 -35.12 11.71 42.59
C LEU F 179 -36.42 11.23 41.93
N LEU F 180 -36.40 10.00 41.43
CA LEU F 180 -37.61 9.41 40.86
C LEU F 180 -38.72 9.40 41.90
N ASN F 181 -38.35 8.94 43.08
CA ASN F 181 -39.28 8.84 44.21
C ASN F 181 -39.68 10.24 44.71
N ASP F 182 -38.72 11.15 44.74
CA ASP F 182 -39.00 12.53 45.13
C ASP F 182 -40.08 13.09 44.20
N PHE F 183 -39.91 12.82 42.91
CA PHE F 183 -40.84 13.32 41.93
C PHE F 183 -42.27 12.83 42.17
N LEU F 184 -42.37 11.53 42.44
CA LEU F 184 -43.67 10.91 42.69
C LEU F 184 -44.31 11.45 44.00
N LEU F 185 -43.52 11.50 45.06
CA LEU F 185 -44.00 11.92 46.40
C LEU F 185 -44.47 13.37 46.38
N LYS F 186 -43.61 14.26 45.89
CA LYS F 186 -43.93 15.70 45.82
C LYS F 186 -45.18 15.95 45.00
N SER F 187 -45.51 15.03 44.10
CA SER F 187 -46.76 15.08 43.34
C SER F 187 -48.04 14.70 44.11
N HIS F 188 -47.91 14.39 45.40
CA HIS F 188 -49.03 13.95 46.22
C HIS F 188 -49.09 14.66 47.56
N GLN F 189 -50.32 14.74 48.10
CA GLN F 189 -50.60 15.50 49.33
C GLN F 189 -50.19 14.70 50.56
N LEU F 190 -48.89 14.63 50.83
CA LEU F 190 -48.35 14.00 52.05
C LEU F 190 -46.99 14.54 52.47
N ASP F 191 -46.69 14.45 53.76
CA ASP F 191 -45.38 14.84 54.31
C ASP F 191 -44.44 13.69 54.19
N TYR F 192 -43.29 13.95 53.61
CA TYR F 192 -42.34 12.87 53.45
C TYR F 192 -40.94 13.34 53.70
N LYS F 193 -40.07 12.41 54.05
CA LYS F 193 -38.61 12.62 54.09
C LYS F 193 -37.94 11.44 53.38
N ILE F 194 -36.89 11.74 52.62
CA ILE F 194 -36.06 10.72 52.02
C ILE F 194 -34.75 10.60 52.81
N ALA F 195 -34.46 9.40 53.28
CA ALA F 195 -33.30 9.14 54.12
C ALA F 195 -32.42 8.04 53.53
N ILE F 196 -31.12 8.33 53.44
CA ILE F 196 -30.19 7.38 52.90
C ILE F 196 -29.72 6.49 54.02
N ASN F 197 -29.81 5.19 53.77
CA ASN F 197 -29.30 4.14 54.67
C ASN F 197 -27.84 3.90 54.37
N LEU F 198 -26.98 4.62 55.09
CA LEU F 198 -25.57 4.65 54.77
C LEU F 198 -24.84 3.59 55.54
N LYS F 199 -24.30 2.59 54.83
CA LYS F 199 -23.52 1.53 55.46
C LYS F 199 -22.27 2.19 56.05
N GLY F 200 -21.80 1.68 57.17
CA GLY F 200 -20.76 2.37 57.93
C GLY F 200 -19.41 2.28 57.24
N ASN F 201 -19.21 1.18 56.52
CA ASN F 201 -17.96 0.92 55.81
C ASN F 201 -17.95 1.45 54.36
N ASN F 202 -18.97 2.25 54.00
CA ASN F 202 -19.08 2.83 52.66
C ASN F 202 -18.33 4.16 52.55
N THR F 203 -17.03 4.06 52.29
CA THR F 203 -16.19 5.23 52.11
C THR F 203 -16.53 5.95 50.79
N ALA F 204 -16.79 5.17 49.75
CA ALA F 204 -17.03 5.68 48.40
C ALA F 204 -18.18 6.71 48.28
N PHE F 205 -19.26 6.49 49.04
CA PHE F 205 -20.46 7.35 49.04
C PHE F 205 -20.18 8.85 49.13
N HIS F 206 -19.27 9.19 50.04
N HIS F 206 -19.28 9.22 50.05
CA HIS F 206 -18.96 10.59 50.35
CA HIS F 206 -19.01 10.63 50.34
C HIS F 206 -18.43 11.38 49.16
C HIS F 206 -18.44 11.40 49.14
N SER F 207 -17.68 10.71 48.29
CA SER F 207 -17.11 11.34 47.09
C SER F 207 -17.94 11.12 45.81
N ILE F 208 -18.69 10.02 45.76
CA ILE F 208 -19.39 9.64 44.53
C ILE F 208 -20.78 10.22 44.42
N SER F 209 -21.53 10.16 45.51
CA SER F 209 -22.96 10.55 45.53
C SER F 209 -23.23 11.82 46.36
N LEU F 210 -22.66 11.87 47.56
CA LEU F 210 -22.95 12.93 48.54
C LEU F 210 -22.92 14.34 47.96
N PRO F 211 -21.93 14.64 47.10
CA PRO F 211 -21.86 15.97 46.56
C PRO F 211 -23.16 16.39 45.92
N TYR F 212 -23.72 15.57 45.04
CA TYR F 212 -24.99 15.94 44.39
C TYR F 212 -26.15 16.07 45.37
N ILE F 213 -26.17 15.22 46.40
CA ILE F 213 -27.19 15.36 47.44
C ILE F 213 -27.10 16.73 48.11
N GLU F 214 -25.88 17.15 48.47
CA GLU F 214 -25.66 18.47 49.09
C GLU F 214 -26.17 19.59 48.18
N LEU F 215 -25.82 19.50 46.90
CA LEU F 215 -26.23 20.52 45.91
C LEU F 215 -27.74 20.51 45.75
N PHE F 216 -28.31 19.32 45.63
CA PHE F 216 -29.77 19.14 45.60
C PHE F 216 -30.46 19.81 46.78
N ASN F 217 -29.89 19.59 47.96
CA ASN F 217 -30.45 20.11 49.21
C ASN F 217 -30.44 21.64 49.28
N THR F 218 -29.43 22.26 48.69
CA THR F 218 -29.37 23.74 48.66
C THR F 218 -30.52 24.35 47.84
N ARG F 219 -31.12 23.55 46.94
CA ARG F 219 -32.17 24.02 46.03
C ARG F 219 -33.54 23.40 46.30
N SER F 220 -33.65 22.55 47.31
CA SER F 220 -34.92 21.87 47.59
C SER F 220 -35.45 22.24 48.96
N ASN F 221 -36.76 22.43 49.06
CA ASN F 221 -37.40 22.65 50.36
C ASN F 221 -37.64 21.34 51.13
N ASN F 222 -37.28 20.21 50.51
CA ASN F 222 -37.38 18.91 51.16
C ASN F 222 -36.08 18.11 51.12
N PRO F 223 -35.07 18.58 51.85
CA PRO F 223 -33.75 17.96 51.79
C PRO F 223 -33.72 16.46 52.05
N ILE F 224 -32.79 15.81 51.37
CA ILE F 224 -32.46 14.41 51.61
C ILE F 224 -31.43 14.31 52.73
N VAL F 225 -31.74 13.53 53.74
CA VAL F 225 -30.88 13.38 54.89
C VAL F 225 -30.19 12.03 54.87
N ILE F 226 -29.24 11.88 55.76
CA ILE F 226 -28.63 10.58 55.99
C ILE F 226 -29.26 9.97 57.27
N PHE F 227 -29.89 8.84 57.10
CA PHE F 227 -30.61 8.27 58.20
C PHE F 227 -29.78 8.07 59.48
N GLN F 228 -28.55 7.64 59.35
CA GLN F 228 -27.79 7.25 60.55
C GLN F 228 -27.39 8.46 61.35
N GLN F 229 -27.49 9.63 60.75
CA GLN F 229 -27.15 10.86 61.48
C GLN F 229 -28.34 11.75 61.59
N SER F 230 -29.53 11.16 61.53
CA SER F 230 -30.78 11.91 61.59
C SER F 230 -31.82 11.31 62.52
N LEU F 231 -31.40 10.49 63.47
CA LEU F 231 -32.39 9.86 64.35
C LEU F 231 -33.24 10.92 65.06
N LYS F 232 -32.59 11.88 65.73
CA LYS F 232 -33.31 12.95 66.44
C LYS F 232 -34.24 13.69 65.49
N VAL F 233 -33.67 14.14 64.39
CA VAL F 233 -34.41 14.89 63.39
C VAL F 233 -35.63 14.11 62.87
N LEU F 234 -35.46 12.80 62.72
CA LEU F 234 -36.49 11.94 62.13
C LEU F 234 -37.55 11.62 63.16
N MET F 235 -37.17 11.54 64.42
CA MET F 235 -38.16 11.36 65.51
C MET F 235 -39.09 12.59 65.60
N SER F 236 -38.47 13.77 65.50
CA SER F 236 -39.21 15.04 65.48
C SER F 236 -40.22 15.04 64.37
N PHE F 237 -39.74 14.71 63.17
CA PHE F 237 -40.56 14.64 61.96
C PHE F 237 -41.74 13.71 62.09
N ALA F 238 -41.47 12.54 62.64
CA ALA F 238 -42.53 11.56 62.81
C ALA F 238 -43.60 12.05 63.79
N LEU F 239 -43.19 12.80 64.82
CA LEU F 239 -44.11 13.26 65.88
C LEU F 239 -44.70 14.63 65.62
N LYS F 240 -44.15 15.38 64.69
CA LYS F 240 -44.63 16.72 64.41
C LYS F 240 -46.11 16.63 64.04
N GLY F 241 -46.83 17.71 64.31
CA GLY F 241 -48.23 17.81 63.94
C GLY F 241 -49.07 16.81 64.70
P PO4 G . 2.23 -6.96 -15.36
O1 PO4 G . 2.27 -5.52 -14.76
O2 PO4 G . 3.75 -7.32 -15.44
O3 PO4 G . 1.41 -7.93 -14.51
O4 PO4 G . 1.56 -7.11 -16.77
MG MG H . 5.56 -6.48 -15.47
N NO3 I . -1.89 1.94 -26.39
O1 NO3 I . -3.04 2.39 -27.03
O2 NO3 I . -0.77 2.80 -26.17
O3 NO3 I . -1.91 0.59 -25.98
CL CL J . 21.43 -4.78 -19.01
NAA 8AC K . -2.33 -12.49 11.17
OAB 8AC K . 3.00 -16.68 4.00
OAC 8AC K . 0.90 -17.53 3.56
CAD 8AC K . -2.24 -13.03 9.78
CAE 8AC K . -0.93 -13.79 9.63
CAF 8AC K . -1.25 -15.27 9.47
CAG 8AC K . -1.25 -15.61 7.97
CAH 8AC K . 0.19 -15.71 7.42
CAI 8AC K . 0.16 -16.42 6.06
CAJ 8AC K . 1.50 -17.11 5.80
CAK 8AC K . 1.83 -17.10 4.31
PB ADP L . 5.34 -7.37 -12.61
O1B ADP L . 5.13 -8.78 -12.02
O2B ADP L . 6.27 -7.47 -13.86
O3B ADP L . 4.02 -6.55 -12.79
PA ADP L . 7.36 -5.52 -12.04
O1A ADP L . 6.87 -5.01 -13.41
O2A ADP L . 8.82 -6.04 -11.90
O3A ADP L . 6.23 -6.57 -11.56
O5' ADP L . 6.97 -4.40 -10.90
C5' ADP L . 7.36 -4.41 -9.52
C4' ADP L . 7.91 -3.03 -9.09
O4' ADP L . 8.83 -3.19 -8.00
C3' ADP L . 8.73 -2.27 -10.15
O3' ADP L . 8.51 -0.86 -9.98
C2' ADP L . 10.18 -2.63 -9.90
O2' ADP L . 11.16 -1.60 -10.23
C1' ADP L . 10.18 -2.98 -8.41
N9 ADP L . 10.96 -4.21 -8.14
C8 ADP L . 10.77 -5.43 -8.70
N7 ADP L . 11.65 -6.34 -8.22
C5 ADP L . 12.44 -5.71 -7.32
C6 ADP L . 13.58 -6.09 -6.44
N6 ADP L . 14.04 -7.35 -6.44
N1 ADP L . 14.12 -5.12 -5.65
C2 ADP L . 13.65 -3.84 -5.62
N3 ADP L . 12.63 -3.44 -6.40
C4 ADP L . 11.99 -4.30 -7.26
P PO4 M . 26.40 11.69 -27.15
O1 PO4 M . 25.03 11.77 -27.89
O2 PO4 M . 26.59 10.24 -26.62
O3 PO4 M . 27.56 12.01 -28.02
O4 PO4 M . 26.51 12.70 -26.01
MG MG N . 25.44 8.61 -26.16
N NO3 O . 15.64 19.31 -20.40
O1 NO3 O . 16.96 19.82 -20.46
O2 NO3 O . 14.56 20.09 -19.95
O3 NO3 O . 15.36 18.01 -20.81
P PO4 P . 27.06 7.71 -28.80
O1 PO4 P . 26.43 9.04 -29.20
O2 PO4 P . 28.56 7.74 -29.00
O3 PO4 P . 26.80 7.41 -27.33
O4 PO4 P . 26.52 6.60 -29.64
NAA 8AC Q . 38.82 6.55 -51.50
OAB 8AC Q . 40.37 4.12 -42.80
OAC 8AC Q . 40.92 6.20 -42.04
CAD 8AC Q . 38.81 7.55 -50.42
CAE 8AC Q . 40.17 7.51 -49.69
CAF 8AC Q . 40.20 6.49 -48.55
CAG 8AC Q . 41.04 7.03 -47.35
CAH 8AC Q . 40.44 6.65 -45.96
CAI 8AC Q . 41.13 5.37 -45.42
CAJ 8AC Q . 41.83 5.52 -44.08
CAK 8AC Q . 40.95 5.25 -42.86
PB ADP R . 27.13 7.88 -28.61
O1B ADP R . 28.60 7.95 -28.94
O2B ADP R . 26.86 7.56 -27.15
O3B ADP R . 26.28 9.03 -29.14
PA ADP R . 25.17 5.91 -28.99
O1A ADP R . 24.38 6.96 -28.16
O2A ADP R . 25.43 4.46 -28.49
O3A ADP R . 26.62 6.56 -29.36
O5' ADP R . 24.51 5.94 -30.48
C5' ADP R . 25.09 5.35 -31.68
C4' ADP R . 23.92 4.73 -32.45
O4' ADP R . 24.28 3.58 -33.23
C3' ADP R . 22.92 4.26 -31.40
O3' ADP R . 21.55 4.45 -31.77
C2' ADP R . 23.13 2.79 -31.29
O2' ADP R . 21.87 2.18 -31.08
C1' ADP R . 23.74 2.39 -32.62
N9 ADP R . 24.82 1.41 -32.36
C8 ADP R . 25.92 1.69 -31.62
N7 ADP R . 26.71 0.59 -31.56
C5 ADP R . 26.14 -0.39 -32.27
C6 ADP R . 26.45 -1.79 -32.61
N6 ADP R . 27.60 -2.36 -32.16
N1 ADP R . 25.55 -2.48 -33.39
C2 ADP R . 24.41 -1.92 -33.85
N3 ADP R . 24.06 -0.64 -33.58
C4 ADP R . 24.87 0.16 -32.81
P PO4 S . -5.97 -13.29 9.74
O1 PO4 S . -5.03 -12.11 9.91
O2 PO4 S . -7.38 -12.71 9.81
O3 PO4 S . -5.79 -13.90 8.37
O4 PO4 S . -5.68 -14.31 10.84
MG MG T . -9.02 -11.76 10.44
CL CL U . -23.21 -6.68 15.99
NAA 8AC V . -1.12 -3.72 -15.45
OAB 8AC V . -7.72 -9.71 -11.42
OAC 8AC V . -6.13 -11.25 -11.83
CAD 8AC V . -1.07 -5.21 -15.37
CAE 8AC V . -2.55 -5.69 -15.33
CAF 8AC V . -2.59 -7.19 -15.65
CAG 8AC V . -3.95 -7.89 -15.44
CAH 8AC V . -4.50 -7.78 -14.01
CAI 8AC V . -4.83 -9.16 -13.44
CAJ 8AC V . -6.34 -9.39 -13.34
CAK 8AC V . -6.75 -10.18 -12.09
PB ADP W . -8.80 -10.86 7.37
O1B ADP W . -8.91 -11.65 6.04
O2B ADP W . -9.64 -11.45 8.51
O3B ADP W . -7.41 -10.61 7.88
PA ADP W . -9.92 -8.39 8.36
O1A ADP W . -9.38 -8.89 9.71
O2A ADP W . -11.41 -7.96 8.27
O3A ADP W . -9.52 -9.42 7.14
O5' ADP W . -8.92 -7.19 7.96
C5' ADP W . -9.04 -6.48 6.71
C4' ADP W . -8.94 -4.97 6.96
O4' ADP W . -9.75 -4.34 5.97
C3' ADP W . -9.50 -4.55 8.34
O3' ADP W . -8.81 -3.42 8.91
C2' ADP W . -10.94 -4.21 8.04
O2' ADP W . -11.47 -3.21 8.94
C1' ADP W . -10.87 -3.72 6.60
N9 ADP W . -12.13 -3.98 5.85
C8 ADP W . -12.63 -5.16 5.43
N7 ADP W . -13.80 -4.96 4.76
C5 ADP W . -14.04 -3.61 4.76
C6 ADP W . -15.08 -2.67 4.25
N6 ADP W . -16.16 -3.15 3.56
N1 ADP W . -14.92 -1.33 4.48
C2 ADP W . -13.86 -0.82 5.14
N3 ADP W . -12.88 -1.61 5.64
C4 ADP W . -12.93 -2.98 5.48
P PO4 X . 39.60 11.22 -50.89
O1 PO4 X . 38.42 10.48 -51.52
O2 PO4 X . 39.56 12.67 -51.50
O3 PO4 X . 39.42 11.27 -49.38
O4 PO4 X . 40.92 10.48 -51.21
MG MG Y . 38.95 13.92 -53.01
P PO4 Z . 37.24 14.67 -50.35
O1 PO4 Z . 35.95 15.51 -50.43
O2 PO4 Z . 38.17 14.95 -51.51
O3 PO4 Z . 37.88 15.07 -49.05
O4 PO4 Z . 37.00 13.18 -50.38
NAA 8AC AA . 23.44 14.67 -28.26
OAB 8AC AA . 31.14 19.48 -32.77
OAC 8AC AA . 32.78 18.53 -31.60
CAD 8AC AA . 24.47 15.00 -29.26
CAE 8AC AA . 25.83 15.11 -28.58
CAF 8AC AA . 26.48 16.48 -28.88
CAG 8AC AA . 28.02 16.48 -28.87
CAH 8AC AA . 28.55 17.75 -29.60
CAI 8AC AA . 29.97 17.60 -30.22
CAJ 8AC AA . 30.70 18.97 -30.45
CAK 8AC AA . 31.61 18.99 -31.72
PB ADP BA . 37.31 14.67 -50.39
O1B ADP BA . 37.74 15.23 -49.06
O2B ADP BA . 38.27 14.96 -51.47
O3B ADP BA . 36.87 13.23 -50.41
PA ADP BA . 35.27 15.82 -52.18
O1A ADP BA . 35.76 14.88 -53.30
O2A ADP BA . 35.10 17.32 -52.49
O3A ADP BA . 36.06 15.66 -50.73
O5' ADP BA . 33.86 15.19 -51.71
C5' ADP BA . 32.72 16.06 -51.79
C4' ADP BA . 31.58 15.30 -52.45
O4' ADP BA . 30.41 16.02 -52.13
C3' ADP BA . 31.71 15.41 -53.95
O3' ADP BA . 30.84 14.47 -54.61
C2' ADP BA . 31.26 16.85 -54.20
O2' ADP BA . 30.59 16.95 -55.47
C1' ADP BA . 30.33 17.16 -53.02
N9 ADP BA . 30.72 18.42 -52.33
C8 ADP BA . 31.90 18.69 -51.70
N7 ADP BA . 31.88 19.96 -51.17
C5 ADP BA . 30.69 20.51 -51.47
C6 ADP BA . 30.00 21.80 -51.23
N6 ADP BA . 30.63 22.78 -50.56
N1 ADP BA . 28.73 21.96 -51.71
C2 ADP BA . 28.08 20.99 -52.40
N3 ADP BA . 28.65 19.78 -52.65
C4 ADP BA . 29.92 19.48 -52.23
P PO4 CA . -23.88 2.98 32.01
O1 PO4 CA . -23.00 1.76 32.36
O2 PO4 CA . -24.68 2.45 30.81
O3 PO4 CA . -24.78 3.47 33.17
O4 PO4 CA . -23.08 4.26 31.73
MG MG DA . -23.93 1.17 29.41
PB ADP EA . -26.16 -0.23 31.22
O1B ADP EA . -27.60 0.21 31.70
O2B ADP EA . -25.70 0.25 29.82
O3B ADP EA . -25.00 -0.09 32.25
PA ADP EA . -25.10 -2.67 30.47
O1A ADP EA . -23.85 -1.80 30.28
O2A ADP EA . -25.60 -3.64 29.35
O3A ADP EA . -26.36 -1.79 30.95
O5' ADP EA . -24.78 -3.42 31.88
C5' ADP EA . -25.45 -4.63 32.31
C4' ADP EA . -24.47 -5.82 32.44
O4' ADP EA . -25.23 -7.03 32.47
C3' ADP EA . -23.48 -5.95 31.27
O3' ADP EA . -22.18 -6.32 31.75
C2' ADP EA . -24.07 -7.00 30.35
O2' ADP EA . -23.08 -7.87 29.76
C1' ADP EA . -25.03 -7.78 31.26
N9 ADP EA . -26.30 -8.00 30.53
C8 ADP EA . -27.15 -7.02 30.12
N7 ADP EA . -28.20 -7.56 29.46
C5 ADP EA . -28.03 -8.89 29.43
C6 ADP EA . -28.79 -10.04 28.90
N6 ADP EA . -29.95 -9.77 28.26
N1 ADP EA . -28.28 -11.31 29.09
C2 ADP EA . -27.09 -11.53 29.76
N3 ADP EA . -26.35 -10.51 30.28
C4 ADP EA . -26.77 -9.20 30.15
NAA 8AC FA . -39.75 -9.76 50.07
OAB 8AC FA . -41.18 -5.71 41.22
OAC 8AC FA . -41.84 -4.04 42.60
CAD 8AC FA . -40.08 -8.36 49.69
CAE 8AC FA . -40.82 -8.35 48.35
CAF 8AC FA . -42.11 -7.49 48.33
CAG 8AC FA . -42.06 -6.29 47.32
CAH 8AC FA . -41.59 -6.66 45.89
CAI 8AC FA . -42.06 -5.67 44.82
CAJ 8AC FA . -42.03 -6.28 43.40
CAK 8AC FA . -41.65 -5.26 42.32
P PO4 GA . -39.34 -5.95 52.23
O1 PO4 GA . -38.42 -7.17 52.13
O2 PO4 GA . -39.02 -5.16 53.50
O3 PO4 GA . -39.10 -5.09 51.00
O4 PO4 GA . -40.81 -6.35 52.35
MG MG HA . -37.88 -5.35 55.13
N NO3 IA . -46.83 -18.17 55.72
O1 NO3 IA . -47.66 -18.25 54.54
O2 NO3 IA . -45.95 -19.18 56.11
O3 NO3 IA . -46.80 -17.06 56.56
CL CL JA . -34.12 -2.74 70.03
NAA 8AC KA . -21.87 3.59 33.90
OAB 8AC KA . -25.82 8.12 41.63
OAC 8AC KA . -27.64 8.02 40.29
CAD 8AC KA . -20.80 4.06 34.85
CAE 8AC KA . -21.35 5.13 35.83
CAF 8AC KA . -22.63 5.90 35.31
CAG 8AC KA . -23.84 5.90 36.32
CAH 8AC KA . -23.92 7.05 37.38
CAI 8AC KA . -25.15 6.88 38.38
CAJ 8AC KA . -25.49 8.18 39.20
CAK 8AC KA . -26.39 8.07 40.48
PB ADP LA . -35.88 -3.87 53.32
O1B ADP LA . -35.98 -2.53 52.58
O2B ADP LA . -36.62 -3.86 54.66
O3B ADP LA . -36.06 -5.16 52.52
PA ADP LA . -34.06 -4.94 55.09
O1A ADP LA . -35.26 -5.87 55.40
O2A ADP LA . -33.45 -4.06 56.20
O3A ADP LA . -34.36 -3.93 53.82
O5' ADP LA . -32.91 -5.92 54.45
C5' ADP LA . -31.62 -5.44 54.00
C4' ADP LA . -30.46 -6.35 54.45
O4' ADP LA . -29.23 -5.58 54.47
C3' ADP LA . -30.64 -6.92 55.86
O3' ADP LA . -30.14 -8.26 55.98
C2' ADP LA . -29.87 -5.94 56.74
O2' ADP LA . -29.37 -6.55 57.94
C1' ADP LA . -28.77 -5.43 55.82
N9 ADP LA . -28.47 -4.01 56.17
C8 ADP LA . -29.23 -2.94 55.84
N7 ADP LA . -28.68 -1.80 56.32
C5 ADP LA . -27.55 -2.15 56.98
C6 ADP LA . -26.49 -1.43 57.73
N6 ADP LA . -26.57 -0.08 57.85
N1 ADP LA . -25.47 -2.15 58.27
C2 ADP LA . -25.40 -3.50 58.15
N3 ADP LA . -26.33 -4.22 57.47
C4 ADP LA . -27.41 -3.61 56.88
#